data_8I0Z
#
_entry.id   8I0Z
#
loop_
_entity.id
_entity.type
_entity.pdbx_description
1 polymer Beta-arrestin-2
2 polymer 'Fab30 Heavy Chain'
3 polymer 'Fab30 Light Chain'
4 polymer 'C5a anaphylatoxin chemotactic receptor 1'
#
loop_
_entity_poly.entity_id
_entity_poly.type
_entity_poly.pdbx_seq_one_letter_code
_entity_poly.pdbx_strand_id
1 'polypeptide(L)'
;MGEKPGTRVFKKSSPNGKLTVYLGKRDFVDHLDKVDPVDGVVLVDPDYLKDRKVFVTLTVAFRYGREDCDVLGLSFRKDL
FIANYQAFPPTPNPPRPPTRLQERLLRKLGQHAHPFFFTIPQNLPSSVTLQPGPEDTGKALGVDFEIRAFVAKSLEEKSH
KRNSVRLVIRKVQFAPEKPGPQPSAETTRHFLMSDRSLHLEASLDKELYYHGEPLNVNVHVTNNSTKTVKKIKVSVRQYA
DIVLFSTAQYKVPVAQVEQDDQVSPSSTFSKVYTITPFLANNREKRGLALDGKLKHEDTNLASSTIVKEGANKEVLGILV
SYRVKVKLVVSRGGDVSVELPFVLMHPKPHDHIALPRPQSAATHPPTLLPSAVPETDAPVDTNLIEFETNYATDDDIVFE
DFARLRLKGLKDEDYDDQFC
;
A,B,C
2 'polypeptide(L)'
;EISEVQLVESGGGLVQPGGSLRLSCAASGFNVYSSSIHWVRQAPGKGLEWVASISSYYGYTYYADSVKGRFTISADTSKN
TAYLQMNSLRAEDTAVYYCARSRQFWYSGLDYWGQGTLVTVSSASTKGPSVFPLAPSSKSTSGGTAALGCLVKDYFPEPV
TVSWNSGALTSGVHTFPAVLQSSGLYSLSSVVTVPSSSLGTQTYICNVNHKPSNTKVDKKVEPKSCDKTHHHHHHHH
;
D,H,M
3 'polypeptide(L)'
;SDIQMTQSPSSLSASVGDRVTITCRASQSVSSAVAWYQQKPGKAPKLLIYSASSLYSGVPSRFSGSRSGTDFTLTISSLQ
PEDFATYYCQQYKYVPVTFGQGTKVEIKRTVAAPSVFIFPPSDSQLKSGTASVVCLLNNFYPREAKVQWKVDNALQSGNS
QESVTEQDSKDSTYSLSSTLTLSKADYEKHKVYACEVTHQGLSSPVTKSFNRGEC
;
E,L,N
4 'polypeptide(L)' E(SEP)K(SEP)F(TPO)R(SEP)(TPO)VD(TPO)MAQKTQAV G,U,V
#
# COMPACT_ATOMS: atom_id res chain seq x y z
N THR A 7 -23.99 35.81 -25.07
CA THR A 7 -22.81 35.08 -25.59
C THR A 7 -21.53 35.52 -24.88
N ARG A 8 -21.39 35.12 -23.62
CA ARG A 8 -20.19 35.41 -22.85
C ARG A 8 -19.03 34.52 -23.29
N VAL A 9 -17.83 34.88 -22.86
CA VAL A 9 -16.63 34.08 -23.07
C VAL A 9 -15.77 34.15 -21.82
N PHE A 10 -15.10 33.05 -21.52
CA PHE A 10 -14.25 32.95 -20.34
C PHE A 10 -12.83 33.40 -20.65
N LYS A 11 -12.15 33.89 -19.61
CA LYS A 11 -10.77 34.36 -19.76
C LYS A 11 -9.99 34.08 -18.47
N LYS A 12 -8.69 33.83 -18.65
CA LYS A 12 -7.77 33.48 -17.58
C LYS A 12 -6.40 34.00 -17.97
N SER A 13 -5.60 34.39 -16.97
CA SER A 13 -4.39 35.15 -17.25
C SER A 13 -3.27 34.78 -16.29
N SER A 14 -2.05 35.05 -16.72
CA SER A 14 -0.86 34.86 -15.90
C SER A 14 -0.82 35.87 -14.75
N PRO A 15 -0.07 35.58 -13.68
CA PRO A 15 0.10 36.59 -12.63
C PRO A 15 0.76 37.86 -13.10
N ASN A 16 1.49 37.83 -14.22
CA ASN A 16 2.02 39.06 -14.81
C ASN A 16 1.03 39.75 -15.74
N GLY A 17 -0.07 39.09 -16.10
CA GLY A 17 -1.10 39.71 -16.92
C GLY A 17 -0.78 39.72 -18.40
N LYS A 18 0.51 39.73 -18.74
CA LYS A 18 0.92 39.85 -20.13
C LYS A 18 0.45 38.66 -20.96
N LEU A 19 0.27 37.51 -20.32
CA LEU A 19 -0.17 36.30 -20.99
C LEU A 19 -1.59 35.96 -20.55
N THR A 20 -2.48 35.76 -21.52
CA THR A 20 -3.89 35.55 -21.23
C THR A 20 -4.49 34.66 -22.31
N VAL A 21 -5.55 33.94 -21.93
CA VAL A 21 -6.22 33.00 -22.82
C VAL A 21 -7.72 33.24 -22.75
N TYR A 22 -8.42 32.83 -23.80
CA TYR A 22 -9.86 33.03 -23.92
C TYR A 22 -10.50 31.76 -24.45
N LEU A 23 -11.69 31.43 -23.91
CA LEU A 23 -12.34 30.17 -24.24
C LEU A 23 -13.84 30.32 -24.04
N GLY A 24 -14.61 29.64 -24.89
CA GLY A 24 -16.06 29.70 -24.87
C GLY A 24 -16.77 28.56 -24.20
N LYS A 25 -16.06 27.59 -23.63
CA LYS A 25 -16.70 26.42 -23.04
C LYS A 25 -15.89 25.94 -21.85
N ARG A 26 -16.54 25.16 -20.99
CA ARG A 26 -15.86 24.42 -19.95
C ARG A 26 -16.12 22.92 -20.02
N ASP A 27 -17.26 22.50 -20.55
CA ASP A 27 -17.67 21.11 -20.57
C ASP A 27 -18.04 20.70 -21.99
N PHE A 28 -17.75 19.45 -22.34
CA PHE A 28 -17.84 18.98 -23.71
C PHE A 28 -18.54 17.62 -23.71
N VAL A 29 -19.41 17.41 -24.70
CA VAL A 29 -20.40 16.35 -24.68
C VAL A 29 -19.93 15.20 -25.56
N ASP A 30 -19.75 14.02 -24.96
CA ASP A 30 -19.36 12.82 -25.71
C ASP A 30 -20.58 12.24 -26.40
N HIS A 31 -20.46 11.94 -27.69
CA HIS A 31 -21.52 11.29 -28.45
C HIS A 31 -21.22 9.82 -28.75
N LEU A 32 -20.08 9.30 -28.28
CA LEU A 32 -19.62 7.96 -28.60
C LEU A 32 -19.21 7.83 -30.06
N ASP A 33 -19.31 8.91 -30.82
CA ASP A 33 -18.69 9.00 -32.14
C ASP A 33 -17.95 10.31 -32.36
N LYS A 34 -18.22 11.34 -31.57
CA LYS A 34 -17.47 12.59 -31.66
C LYS A 34 -17.59 13.33 -30.33
N VAL A 35 -16.81 14.40 -30.22
CA VAL A 35 -16.99 15.43 -29.20
C VAL A 35 -16.46 16.73 -29.79
N ASP A 36 -17.05 17.85 -29.37
CA ASP A 36 -16.73 19.11 -29.98
C ASP A 36 -15.26 19.48 -29.71
N PRO A 37 -14.63 20.19 -30.64
CA PRO A 37 -13.18 20.44 -30.51
C PRO A 37 -12.84 21.50 -29.49
N VAL A 38 -11.60 21.44 -29.01
CA VAL A 38 -11.03 22.56 -28.26
C VAL A 38 -10.57 23.61 -29.27
N ASP A 39 -11.02 24.85 -29.07
CA ASP A 39 -10.88 25.89 -30.10
C ASP A 39 -10.49 27.22 -29.48
N GLY A 40 -9.53 27.23 -28.56
CA GLY A 40 -9.19 28.43 -27.82
C GLY A 40 -8.27 29.38 -28.56
N VAL A 41 -8.06 30.54 -27.93
CA VAL A 41 -7.18 31.59 -28.44
C VAL A 41 -6.33 32.10 -27.29
N VAL A 42 -5.08 32.44 -27.59
CA VAL A 42 -4.13 32.94 -26.59
C VAL A 42 -3.65 34.32 -26.99
N LEU A 43 -3.55 35.21 -26.02
CA LEU A 43 -3.17 36.61 -26.22
C LEU A 43 -1.84 36.90 -25.53
N VAL A 44 -0.85 37.35 -26.29
CA VAL A 44 0.33 38.00 -25.72
C VAL A 44 1.05 38.79 -26.80
N ASP A 45 1.43 40.02 -26.49
CA ASP A 45 2.36 40.75 -27.33
C ASP A 45 3.78 40.32 -26.95
N PRO A 46 4.57 39.77 -27.87
CA PRO A 46 5.83 39.13 -27.48
C PRO A 46 6.93 40.10 -27.10
N ASP A 47 6.68 41.41 -27.08
CA ASP A 47 7.72 42.34 -26.67
C ASP A 47 8.17 42.09 -25.23
N TYR A 48 7.34 41.41 -24.43
CA TYR A 48 7.76 40.95 -23.11
C TYR A 48 8.73 39.78 -23.19
N LEU A 49 8.30 38.67 -23.78
CA LEU A 49 9.14 37.48 -23.83
C LEU A 49 10.31 37.68 -24.79
N LYS A 50 10.02 38.32 -25.92
CA LYS A 50 11.08 38.72 -26.87
C LYS A 50 11.86 37.56 -27.52
N ASP A 51 12.09 36.45 -26.83
CA ASP A 51 12.95 35.43 -27.42
C ASP A 51 12.35 34.03 -27.44
N ARG A 52 11.69 33.62 -26.36
CA ARG A 52 11.35 32.21 -26.21
C ARG A 52 10.12 31.85 -27.03
N LYS A 53 9.92 30.55 -27.21
CA LYS A 53 8.88 30.03 -28.08
C LYS A 53 7.66 29.64 -27.25
N VAL A 54 6.48 29.84 -27.82
CA VAL A 54 5.22 29.87 -27.10
C VAL A 54 4.46 28.59 -27.41
N PHE A 55 3.90 27.96 -26.38
CA PHE A 55 3.24 26.68 -26.56
C PHE A 55 2.02 26.55 -25.67
N VAL A 56 1.12 25.65 -26.08
CA VAL A 56 -0.10 25.30 -25.36
C VAL A 56 -0.21 23.78 -25.39
N THR A 57 -0.82 23.21 -24.35
CA THR A 57 -0.73 21.77 -24.11
C THR A 57 -2.03 21.21 -23.54
N LEU A 58 -2.21 19.90 -23.73
CA LEU A 58 -3.28 19.12 -23.12
C LEU A 58 -2.71 18.09 -22.16
N THR A 59 -3.54 17.71 -21.19
CA THR A 59 -3.31 16.46 -20.46
C THR A 59 -4.61 16.00 -19.82
N VAL A 60 -4.75 14.69 -19.71
CA VAL A 60 -5.69 14.06 -18.79
C VAL A 60 -4.86 13.26 -17.78
N ALA A 61 -5.01 13.59 -16.50
CA ALA A 61 -4.11 13.07 -15.48
C ALA A 61 -4.90 12.41 -14.37
N PHE A 62 -4.41 11.26 -13.92
CA PHE A 62 -4.87 10.71 -12.64
C PHE A 62 -4.10 11.39 -11.53
N ARG A 63 -4.83 11.80 -10.48
CA ARG A 63 -4.27 12.71 -9.50
C ARG A 63 -4.76 12.35 -8.11
N TYR A 64 -3.96 12.75 -7.12
CA TYR A 64 -4.30 12.55 -5.71
C TYR A 64 -3.62 13.66 -4.92
N GLY A 65 -4.29 14.08 -3.85
CA GLY A 65 -3.75 15.12 -3.00
C GLY A 65 -4.03 16.51 -3.53
N ARG A 66 -4.32 17.44 -2.61
CA ARG A 66 -4.67 18.79 -3.00
C ARG A 66 -3.45 19.54 -3.54
N GLU A 67 -3.72 20.58 -4.32
CA GLU A 67 -2.67 21.44 -4.86
C GLU A 67 -2.16 22.46 -3.85
N ASP A 68 -2.87 22.67 -2.74
CA ASP A 68 -2.57 23.75 -1.81
C ASP A 68 -1.73 23.24 -0.65
N CYS A 69 -0.41 23.28 -0.83
CA CYS A 69 0.54 23.29 0.30
C CYS A 69 0.25 22.18 1.32
N ASP A 70 0.03 20.96 0.82
CA ASP A 70 -0.19 19.85 1.73
C ASP A 70 1.12 19.45 2.39
N VAL A 71 1.02 18.58 3.39
CA VAL A 71 2.17 18.18 4.19
C VAL A 71 2.31 16.66 4.27
N LEU A 72 1.88 15.96 3.22
CA LEU A 72 1.99 14.51 3.21
C LEU A 72 2.24 14.03 1.79
N GLY A 73 2.84 12.85 1.66
CA GLY A 73 3.13 12.30 0.35
C GLY A 73 1.89 12.26 -0.52
N LEU A 74 2.06 12.65 -1.78
CA LEU A 74 0.92 12.98 -2.62
C LEU A 74 1.34 13.01 -4.08
N SER A 75 0.37 13.31 -4.94
CA SER A 75 0.61 13.59 -6.36
C SER A 75 1.18 12.36 -7.10
N PHE A 76 0.35 11.32 -7.14
CA PHE A 76 0.69 10.07 -7.84
C PHE A 76 0.30 10.25 -9.31
N ARG A 77 1.11 11.04 -10.01
CA ARG A 77 0.69 11.72 -11.22
C ARG A 77 0.87 10.89 -12.49
N LYS A 78 0.27 9.71 -12.53
CA LYS A 78 0.19 8.91 -13.76
C LYS A 78 -0.72 9.59 -14.77
N ASP A 79 -0.16 9.98 -15.92
CA ASP A 79 -0.96 10.59 -16.97
C ASP A 79 -1.69 9.52 -17.78
N LEU A 80 -2.83 9.92 -18.35
CA LEU A 80 -3.55 9.06 -19.28
C LEU A 80 -3.26 9.41 -20.73
N PHE A 81 -3.11 10.69 -21.05
CA PHE A 81 -2.94 11.13 -22.42
C PHE A 81 -2.58 12.61 -22.44
N ILE A 82 -1.69 12.99 -23.36
CA ILE A 82 -1.12 14.33 -23.40
C ILE A 82 -0.93 14.76 -24.84
N ALA A 83 -0.79 16.07 -25.03
CA ALA A 83 -0.55 16.64 -26.35
C ALA A 83 0.06 18.03 -26.18
N ASN A 84 0.70 18.51 -27.24
CA ASN A 84 1.33 19.82 -27.25
C ASN A 84 1.13 20.48 -28.61
N TYR A 85 1.08 21.81 -28.61
CA TYR A 85 0.92 22.57 -29.84
C TYR A 85 1.65 23.90 -29.72
N GLN A 86 2.16 24.39 -30.84
CA GLN A 86 2.95 25.61 -30.88
C GLN A 86 2.04 26.80 -31.13
N ALA A 87 2.01 27.74 -30.18
CA ALA A 87 1.25 28.97 -30.38
C ALA A 87 2.03 29.97 -31.23
N PHE A 88 3.32 30.17 -30.92
CA PHE A 88 4.18 31.06 -31.67
C PHE A 88 5.57 30.48 -31.63
N PRO A 89 6.35 30.56 -32.72
CA PRO A 89 6.05 31.14 -34.04
C PRO A 89 4.88 30.46 -34.76
N PRO A 90 4.25 31.16 -35.69
CA PRO A 90 3.07 30.60 -36.38
C PRO A 90 3.43 29.31 -37.11
N THR A 91 2.52 28.33 -37.04
CA THR A 91 2.78 27.01 -37.68
C THR A 91 1.73 26.76 -38.76
N ARG A 96 -8.68 22.11 -39.37
CA ARG A 96 -7.54 22.92 -38.97
C ARG A 96 -7.85 24.44 -38.87
N PRO A 97 -8.55 25.01 -39.85
CA PRO A 97 -8.69 26.47 -39.86
C PRO A 97 -9.57 26.95 -38.72
N PRO A 98 -9.40 28.20 -38.28
CA PRO A 98 -10.11 28.68 -37.09
C PRO A 98 -11.62 28.61 -37.26
N THR A 99 -12.30 28.42 -36.12
CA THR A 99 -13.76 28.39 -36.08
C THR A 99 -14.32 29.81 -36.19
N ARG A 100 -15.64 29.88 -36.42
CA ARG A 100 -16.34 31.15 -36.39
C ARG A 100 -15.96 31.98 -35.16
N LEU A 101 -16.15 31.40 -33.98
CA LEU A 101 -15.91 32.16 -32.75
C LEU A 101 -14.46 32.57 -32.65
N GLN A 102 -13.53 31.72 -33.12
CA GLN A 102 -12.13 32.09 -33.06
C GLN A 102 -11.84 33.30 -33.93
N GLU A 103 -12.46 33.38 -35.12
CA GLU A 103 -12.20 34.52 -35.99
C GLU A 103 -12.85 35.80 -35.45
N ARG A 104 -14.09 35.69 -34.98
CA ARG A 104 -14.72 36.84 -34.32
C ARG A 104 -13.88 37.31 -33.14
N LEU A 105 -13.38 36.37 -32.35
CA LEU A 105 -12.60 36.69 -31.17
C LEU A 105 -11.26 37.31 -31.54
N LEU A 106 -10.66 36.85 -32.64
CA LEU A 106 -9.47 37.52 -33.17
C LEU A 106 -9.77 38.96 -33.51
N ARG A 107 -10.82 39.18 -34.30
CA ARG A 107 -11.18 40.54 -34.68
C ARG A 107 -11.43 41.41 -33.45
N LYS A 108 -11.99 40.82 -32.39
CA LYS A 108 -12.13 41.53 -31.12
C LYS A 108 -10.76 41.86 -30.52
N LEU A 109 -9.90 40.86 -30.40
CA LEU A 109 -8.70 40.97 -29.57
C LEU A 109 -7.59 41.74 -30.29
N GLY A 110 -7.36 41.44 -31.57
CA GLY A 110 -6.29 42.05 -32.32
C GLY A 110 -5.17 41.07 -32.64
N GLN A 111 -4.18 41.60 -33.37
CA GLN A 111 -3.15 40.79 -34.00
C GLN A 111 -2.28 40.04 -33.00
N HIS A 112 -2.20 40.49 -31.75
CA HIS A 112 -1.38 39.80 -30.76
C HIS A 112 -2.06 38.58 -30.14
N ALA A 113 -3.27 38.26 -30.55
CA ALA A 113 -3.96 37.05 -30.10
C ALA A 113 -3.93 36.03 -31.23
N HIS A 114 -3.68 34.76 -30.87
CA HIS A 114 -3.42 33.74 -31.87
C HIS A 114 -4.17 32.46 -31.55
N PRO A 115 -4.72 31.78 -32.56
CA PRO A 115 -5.61 30.65 -32.30
C PRO A 115 -4.87 29.33 -32.11
N PHE A 116 -5.55 28.38 -31.47
CA PHE A 116 -5.05 27.03 -31.29
C PHE A 116 -6.22 26.05 -31.22
N PHE A 117 -5.91 24.77 -31.38
CA PHE A 117 -6.93 23.79 -31.74
C PHE A 117 -6.49 22.39 -31.31
N PHE A 118 -7.48 21.59 -30.88
CA PHE A 118 -7.29 20.16 -30.62
C PHE A 118 -8.58 19.41 -30.90
N THR A 119 -8.42 18.10 -31.13
CA THR A 119 -9.53 17.15 -31.20
C THR A 119 -9.31 16.10 -30.13
N ILE A 120 -10.34 15.85 -29.33
CA ILE A 120 -10.27 14.83 -28.28
C ILE A 120 -10.50 13.46 -28.90
N PRO A 121 -9.63 12.48 -28.64
CA PRO A 121 -9.88 11.13 -29.15
C PRO A 121 -11.09 10.49 -28.49
N GLN A 122 -11.70 9.54 -29.20
CA GLN A 122 -12.83 8.78 -28.68
C GLN A 122 -12.40 7.60 -27.83
N ASN A 123 -11.51 7.81 -26.84
CA ASN A 123 -10.88 6.67 -26.20
C ASN A 123 -10.54 6.88 -24.72
N LEU A 124 -11.25 7.74 -24.00
CA LEU A 124 -10.78 8.11 -22.67
C LEU A 124 -11.96 8.39 -21.76
N PRO A 125 -11.75 8.35 -20.43
CA PRO A 125 -12.86 8.41 -19.48
C PRO A 125 -13.42 9.80 -19.30
N SER A 126 -14.49 9.86 -18.49
CA SER A 126 -15.08 11.11 -18.03
C SER A 126 -14.43 11.56 -16.73
N SER A 127 -14.75 12.80 -16.32
CA SER A 127 -14.26 13.34 -15.07
C SER A 127 -15.05 12.76 -13.89
N VAL A 128 -14.35 12.17 -12.93
CA VAL A 128 -14.98 11.56 -11.76
C VAL A 128 -14.06 11.68 -10.56
N THR A 129 -14.62 11.49 -9.37
CA THR A 129 -13.88 11.64 -8.13
C THR A 129 -14.56 10.81 -7.05
N LEU A 130 -13.79 10.49 -6.01
CA LEU A 130 -14.26 9.67 -4.90
C LEU A 130 -14.37 10.50 -3.62
N GLN A 131 -15.26 10.08 -2.73
CA GLN A 131 -15.46 10.75 -1.45
C GLN A 131 -14.32 10.44 -0.49
N PRO A 132 -13.63 11.44 0.05
CA PRO A 132 -12.59 11.15 1.07
C PRO A 132 -13.19 10.67 2.37
N GLY A 133 -12.41 9.87 3.09
CA GLY A 133 -12.74 9.50 4.45
C GLY A 133 -12.35 10.58 5.44
N PRO A 134 -12.88 10.50 6.66
CA PRO A 134 -12.53 11.52 7.66
C PRO A 134 -11.06 11.53 8.01
N GLU A 135 -10.39 10.39 7.94
CA GLU A 135 -8.95 10.33 8.20
C GLU A 135 -8.12 10.64 6.98
N ASP A 136 -8.70 10.64 5.79
CA ASP A 136 -8.01 11.12 4.61
C ASP A 136 -7.99 12.65 4.61
N THR A 137 -7.12 13.21 3.78
CA THR A 137 -6.97 14.66 3.72
C THR A 137 -6.72 15.09 2.29
N GLY A 138 -7.00 16.37 2.03
CA GLY A 138 -6.82 16.90 0.70
C GLY A 138 -7.80 16.27 -0.28
N LYS A 139 -7.53 16.51 -1.56
CA LYS A 139 -8.39 15.98 -2.62
C LYS A 139 -8.12 14.50 -2.80
N ALA A 140 -9.17 13.69 -2.65
CA ALA A 140 -9.03 12.27 -2.86
C ALA A 140 -8.78 11.99 -4.35
N LEU A 141 -8.41 10.75 -4.63
CA LEU A 141 -7.99 10.38 -5.98
C LEU A 141 -9.09 10.63 -7.00
N GLY A 142 -8.68 10.95 -8.22
CA GLY A 142 -9.61 11.24 -9.31
C GLY A 142 -8.87 11.44 -10.61
N VAL A 143 -9.64 11.68 -11.66
CA VAL A 143 -9.12 11.87 -13.02
C VAL A 143 -9.63 13.20 -13.54
N ASP A 144 -8.73 14.00 -14.13
CA ASP A 144 -9.02 15.37 -14.51
C ASP A 144 -8.57 15.66 -15.94
N PHE A 145 -9.24 16.62 -16.56
CA PHE A 145 -8.81 17.22 -17.81
C PHE A 145 -8.21 18.58 -17.47
N GLU A 146 -7.09 18.93 -18.12
CA GLU A 146 -6.38 20.15 -17.77
C GLU A 146 -5.73 20.78 -18.99
N ILE A 147 -5.60 22.10 -18.95
CA ILE A 147 -4.99 22.91 -20.00
C ILE A 147 -3.91 23.78 -19.37
N ARG A 148 -2.76 23.86 -20.03
CA ARG A 148 -1.70 24.75 -19.59
C ARG A 148 -0.92 25.25 -20.79
N ALA A 149 -0.65 26.55 -20.80
CA ALA A 149 0.12 27.19 -21.84
C ALA A 149 1.29 27.93 -21.21
N PHE A 150 2.41 27.99 -21.91
CA PHE A 150 3.60 28.62 -21.38
C PHE A 150 4.58 28.86 -22.51
N VAL A 151 5.62 29.64 -22.20
CA VAL A 151 6.60 30.10 -23.17
C VAL A 151 7.98 29.67 -22.68
N ALA A 152 8.74 29.01 -23.55
CA ALA A 152 10.04 28.48 -23.16
C ALA A 152 10.86 28.20 -24.41
N LYS A 153 12.16 27.95 -24.21
CA LYS A 153 13.05 27.61 -25.31
C LYS A 153 12.78 26.22 -25.88
N SER A 154 12.05 25.37 -25.15
CA SER A 154 11.73 24.02 -25.60
C SER A 154 10.58 23.50 -24.74
N LEU A 155 10.02 22.37 -25.16
CA LEU A 155 9.01 21.69 -24.37
C LEU A 155 9.57 21.12 -23.07
N GLU A 156 10.88 20.94 -22.99
CA GLU A 156 11.52 20.37 -21.81
C GLU A 156 11.92 21.42 -20.78
N GLU A 157 12.22 22.63 -21.21
CA GLU A 157 12.82 23.62 -20.34
C GLU A 157 11.87 24.01 -19.20
N LYS A 158 12.43 24.44 -18.08
CA LYS A 158 11.65 24.73 -16.89
C LYS A 158 10.78 25.97 -17.08
N SER A 159 9.63 25.97 -16.41
CA SER A 159 8.64 27.04 -16.54
C SER A 159 8.83 28.10 -15.46
N HIS A 160 8.02 29.16 -15.57
CA HIS A 160 7.90 30.18 -14.53
C HIS A 160 6.46 30.62 -14.43
N LYS A 161 6.11 31.19 -13.27
CA LYS A 161 4.75 31.66 -13.05
C LYS A 161 4.35 32.72 -14.07
N ARG A 162 5.23 33.71 -14.29
CA ARG A 162 4.90 34.80 -15.20
C ARG A 162 4.70 34.30 -16.63
N ASN A 163 5.31 33.17 -16.98
CA ASN A 163 5.33 32.68 -18.35
C ASN A 163 4.23 31.66 -18.63
N SER A 164 3.28 31.44 -17.72
CA SER A 164 2.37 30.31 -17.85
C SER A 164 1.00 30.63 -17.27
N VAL A 165 0.03 29.84 -17.69
CA VAL A 165 -1.36 29.93 -17.23
C VAL A 165 -1.96 28.53 -17.31
N ARG A 166 -2.97 28.28 -16.49
CA ARG A 166 -3.46 26.92 -16.27
C ARG A 166 -4.97 26.95 -16.04
N LEU A 167 -5.66 25.91 -16.52
CA LEU A 167 -7.12 25.90 -16.58
C LEU A 167 -7.63 24.47 -16.55
N VAL A 168 -8.92 24.31 -16.24
CA VAL A 168 -9.55 23.01 -16.05
C VAL A 168 -10.83 22.93 -16.87
N ILE A 169 -11.18 21.72 -17.31
CA ILE A 169 -12.35 21.46 -18.14
C ILE A 169 -12.87 20.05 -17.86
N ARG A 170 -13.98 19.69 -18.51
CA ARG A 170 -14.64 18.43 -18.24
C ARG A 170 -15.16 17.77 -19.52
N LYS A 171 -15.20 16.44 -19.49
CA LYS A 171 -15.87 15.61 -20.49
C LYS A 171 -17.10 14.99 -19.83
N VAL A 172 -18.22 14.96 -20.57
CA VAL A 172 -19.51 14.61 -19.96
C VAL A 172 -20.36 13.82 -20.96
N GLN A 173 -21.31 13.06 -20.42
CA GLN A 173 -22.19 12.19 -21.18
C GLN A 173 -23.64 12.47 -20.80
N PHE A 174 -24.57 12.10 -21.69
CA PHE A 174 -25.99 12.32 -21.44
C PHE A 174 -26.81 11.13 -21.95
N ALA A 175 -28.09 11.14 -21.59
CA ALA A 175 -29.02 10.05 -21.84
C ALA A 175 -29.18 9.78 -23.33
N PRO A 176 -29.05 8.54 -23.79
CA PRO A 176 -29.31 8.23 -25.20
C PRO A 176 -30.79 8.34 -25.53
N GLU A 177 -31.07 8.39 -26.84
CA GLU A 177 -32.45 8.54 -27.30
C GLU A 177 -33.24 7.24 -27.20
N LYS A 178 -32.59 6.11 -27.52
CA LYS A 178 -33.30 4.87 -27.79
C LYS A 178 -33.53 4.07 -26.50
N PRO A 179 -34.76 3.70 -26.16
CA PRO A 179 -34.97 2.82 -25.01
C PRO A 179 -34.69 1.36 -25.35
N GLY A 180 -34.64 0.54 -24.29
CA GLY A 180 -34.34 -0.87 -24.43
C GLY A 180 -35.42 -1.79 -23.89
N PRO A 181 -35.08 -3.07 -23.71
CA PRO A 181 -36.06 -4.03 -23.20
C PRO A 181 -36.31 -3.86 -21.71
N GLN A 182 -37.43 -4.42 -21.27
CA GLN A 182 -37.87 -4.26 -19.88
C GLN A 182 -36.96 -5.03 -18.93
N PRO A 183 -36.57 -4.45 -17.79
CA PRO A 183 -35.77 -5.19 -16.81
C PRO A 183 -36.58 -6.12 -15.91
N SER A 184 -36.29 -7.41 -15.95
CA SER A 184 -36.92 -8.37 -15.05
C SER A 184 -36.02 -9.61 -14.94
N ALA A 185 -36.22 -10.37 -13.88
CA ALA A 185 -35.40 -11.55 -13.62
C ALA A 185 -36.13 -12.50 -12.69
N GLU A 186 -35.82 -13.80 -12.82
CA GLU A 186 -36.40 -14.81 -11.95
C GLU A 186 -35.52 -16.06 -11.95
N THR A 187 -35.77 -16.93 -10.97
CA THR A 187 -34.99 -18.15 -10.77
C THR A 187 -35.79 -19.07 -9.86
N THR A 188 -35.38 -20.33 -9.78
CA THR A 188 -36.06 -21.32 -8.93
C THR A 188 -35.06 -22.00 -7.99
N ARG A 189 -35.36 -21.93 -6.69
CA ARG A 189 -34.74 -22.78 -5.68
C ARG A 189 -35.61 -24.00 -5.41
N HIS A 190 -34.97 -25.06 -4.91
CA HIS A 190 -35.69 -26.20 -4.37
C HIS A 190 -34.79 -26.94 -3.38
N PHE A 191 -35.41 -27.78 -2.57
CA PHE A 191 -34.75 -28.42 -1.44
C PHE A 191 -34.78 -29.95 -1.60
N LEU A 192 -33.79 -30.60 -0.98
CA LEU A 192 -33.44 -31.98 -1.33
C LEU A 192 -34.54 -32.98 -1.03
N MET A 193 -35.50 -32.65 -0.17
CA MET A 193 -36.48 -33.65 0.23
C MET A 193 -37.32 -34.14 -0.94
N SER A 194 -37.66 -33.27 -1.88
CA SER A 194 -38.58 -33.62 -2.97
C SER A 194 -38.43 -32.55 -4.07
N ASP A 195 -39.31 -32.63 -5.07
CA ASP A 195 -39.35 -31.65 -6.14
C ASP A 195 -39.89 -30.30 -5.67
N ARG A 196 -40.39 -30.21 -4.45
CA ARG A 196 -40.98 -28.98 -3.94
C ARG A 196 -39.99 -27.81 -4.10
N SER A 197 -40.50 -26.68 -4.59
CA SER A 197 -39.65 -25.66 -5.18
C SER A 197 -40.03 -24.28 -4.67
N LEU A 198 -39.20 -23.29 -5.03
CA LEU A 198 -39.32 -21.92 -4.55
C LEU A 198 -38.88 -20.97 -5.67
N HIS A 199 -39.85 -20.43 -6.40
CA HIS A 199 -39.55 -19.49 -7.47
C HIS A 199 -39.56 -18.04 -6.95
N LEU A 200 -38.63 -17.24 -7.47
CA LEU A 200 -38.47 -15.86 -7.07
C LEU A 200 -38.27 -14.98 -8.31
N GLU A 201 -38.86 -13.79 -8.29
CA GLU A 201 -39.05 -12.99 -9.49
C GLU A 201 -39.19 -11.51 -9.12
N ALA A 202 -38.81 -10.63 -10.06
CA ALA A 202 -38.93 -9.20 -9.85
C ALA A 202 -38.81 -8.45 -11.17
N SER A 203 -39.17 -7.17 -11.14
CA SER A 203 -39.03 -6.31 -12.31
C SER A 203 -39.05 -4.85 -11.86
N LEU A 204 -38.65 -3.96 -12.77
CA LEU A 204 -38.51 -2.53 -12.50
C LEU A 204 -39.32 -1.74 -13.52
N ASP A 205 -39.36 -0.41 -13.30
CA ASP A 205 -40.12 0.46 -14.20
C ASP A 205 -39.46 0.55 -15.58
N LYS A 206 -38.19 0.97 -15.63
CA LYS A 206 -37.49 1.14 -16.89
C LYS A 206 -36.04 0.74 -16.70
N GLU A 207 -35.38 0.50 -17.84
CA GLU A 207 -33.93 0.30 -17.83
C GLU A 207 -33.15 1.57 -17.54
N LEU A 208 -33.80 2.73 -17.51
CA LEU A 208 -33.13 4.01 -17.32
C LEU A 208 -33.88 4.87 -16.33
N TYR A 209 -33.13 5.72 -15.62
CA TYR A 209 -33.68 6.69 -14.70
C TYR A 209 -32.83 7.96 -14.73
N TYR A 210 -33.36 9.03 -14.15
CA TYR A 210 -32.60 10.23 -13.84
C TYR A 210 -32.32 10.30 -12.35
N HIS A 211 -31.35 11.14 -12.00
CA HIS A 211 -30.99 11.30 -10.61
C HIS A 211 -32.17 11.83 -9.81
N GLY A 212 -32.37 11.28 -8.61
CA GLY A 212 -33.45 11.68 -7.75
C GLY A 212 -34.79 11.08 -8.07
N GLU A 213 -34.88 10.24 -9.10
CA GLU A 213 -36.14 9.61 -9.43
C GLU A 213 -36.42 8.45 -8.47
N PRO A 214 -37.69 8.13 -8.23
CA PRO A 214 -38.01 6.93 -7.46
C PRO A 214 -38.03 5.68 -8.33
N LEU A 215 -37.46 4.61 -7.82
CA LEU A 215 -37.46 3.32 -8.49
C LEU A 215 -38.46 2.39 -7.82
N ASN A 216 -39.38 1.83 -8.61
CA ASN A 216 -40.30 0.82 -8.11
C ASN A 216 -39.78 -0.57 -8.47
N VAL A 217 -39.78 -1.46 -7.49
CA VAL A 217 -39.43 -2.86 -7.70
C VAL A 217 -40.68 -3.69 -7.48
N ASN A 218 -41.13 -4.35 -8.54
CA ASN A 218 -42.16 -5.36 -8.43
C ASN A 218 -41.52 -6.70 -8.11
N VAL A 219 -42.13 -7.46 -7.21
CA VAL A 219 -41.58 -8.73 -6.75
C VAL A 219 -42.68 -9.78 -6.76
N HIS A 220 -42.29 -11.02 -7.04
CA HIS A 220 -43.16 -12.18 -6.95
C HIS A 220 -42.41 -13.36 -6.34
N VAL A 221 -43.15 -14.22 -5.65
CA VAL A 221 -42.61 -15.47 -5.11
C VAL A 221 -43.64 -16.56 -5.29
N THR A 222 -43.19 -17.73 -5.75
CA THR A 222 -43.98 -18.96 -5.71
C THR A 222 -43.29 -19.91 -4.74
N ASN A 223 -43.95 -20.20 -3.62
CA ASN A 223 -43.39 -21.05 -2.57
C ASN A 223 -44.20 -22.34 -2.48
N ASN A 224 -43.84 -23.31 -3.31
CA ASN A 224 -44.30 -24.69 -3.15
C ASN A 224 -43.26 -25.56 -2.48
N SER A 225 -42.45 -24.96 -1.61
CA SER A 225 -41.33 -25.62 -0.96
C SER A 225 -41.74 -26.15 0.41
N THR A 226 -40.75 -26.60 1.18
CA THR A 226 -40.97 -27.12 2.52
C THR A 226 -40.85 -26.05 3.60
N LYS A 227 -40.63 -24.79 3.24
CA LYS A 227 -40.24 -23.76 4.20
C LYS A 227 -41.17 -22.55 4.07
N THR A 228 -41.14 -21.72 5.10
CA THR A 228 -41.84 -20.44 5.12
C THR A 228 -40.84 -19.32 4.86
N VAL A 229 -41.12 -18.48 3.86
CA VAL A 229 -40.32 -17.28 3.65
C VAL A 229 -40.59 -16.33 4.81
N LYS A 230 -39.52 -15.88 5.47
CA LYS A 230 -39.63 -15.19 6.74
C LYS A 230 -39.36 -13.69 6.65
N LYS A 231 -38.50 -13.25 5.72
CA LYS A 231 -38.11 -11.85 5.62
C LYS A 231 -37.75 -11.54 4.18
N ILE A 232 -37.78 -10.25 3.85
CA ILE A 232 -37.39 -9.76 2.52
C ILE A 232 -36.43 -8.59 2.68
N LYS A 233 -35.47 -8.52 1.77
CA LYS A 233 -34.55 -7.39 1.68
C LYS A 233 -34.23 -7.09 0.22
N VAL A 234 -34.00 -5.82 -0.06
CA VAL A 234 -33.70 -5.34 -1.39
C VAL A 234 -32.64 -4.25 -1.29
N SER A 235 -31.77 -4.16 -2.30
CA SER A 235 -30.68 -3.20 -2.28
C SER A 235 -30.37 -2.73 -3.70
N VAL A 236 -29.76 -1.56 -3.78
CA VAL A 236 -29.13 -1.06 -5.00
C VAL A 236 -27.68 -0.74 -4.66
N ARG A 237 -26.76 -1.13 -5.54
CA ARG A 237 -25.34 -1.15 -5.22
C ARG A 237 -24.53 -0.46 -6.30
N GLN A 238 -23.56 0.35 -5.88
CA GLN A 238 -22.60 0.95 -6.79
C GLN A 238 -21.41 0.01 -6.99
N TYR A 239 -20.98 -0.11 -8.24
CA TYR A 239 -19.79 -0.89 -8.59
C TYR A 239 -18.83 -0.01 -9.37
N ALA A 240 -17.54 -0.11 -9.07
CA ALA A 240 -16.52 0.70 -9.72
C ALA A 240 -15.36 -0.19 -10.17
N ASP A 241 -14.77 0.17 -11.31
CA ASP A 241 -13.61 -0.53 -11.86
C ASP A 241 -12.43 0.41 -11.94
N ILE A 242 -11.26 -0.07 -11.54
CA ILE A 242 -10.02 0.68 -11.62
C ILE A 242 -9.02 -0.14 -12.42
N VAL A 243 -8.47 0.48 -13.47
CA VAL A 243 -7.70 -0.25 -14.47
C VAL A 243 -6.34 0.39 -14.72
N LEU A 244 -5.78 1.07 -13.72
CA LEU A 244 -4.56 1.83 -13.96
C LEU A 244 -3.40 0.96 -14.40
N PHE A 245 -3.03 -0.05 -13.62
CA PHE A 245 -2.06 -1.05 -14.07
C PHE A 245 -2.62 -2.44 -13.86
N SER A 246 -3.32 -2.64 -12.75
CA SER A 246 -4.03 -3.89 -12.51
C SER A 246 -5.52 -3.71 -12.76
N THR A 247 -6.20 -4.79 -13.12
CA THR A 247 -7.65 -4.79 -13.04
C THR A 247 -8.06 -4.94 -11.58
N ALA A 248 -8.95 -4.07 -11.12
CA ALA A 248 -9.35 -4.04 -9.72
C ALA A 248 -10.77 -3.50 -9.63
N GLN A 249 -11.42 -3.78 -8.51
CA GLN A 249 -12.84 -3.51 -8.37
C GLN A 249 -13.14 -3.03 -6.95
N TYR A 250 -14.22 -2.26 -6.84
CA TYR A 250 -14.73 -1.77 -5.58
C TYR A 250 -16.25 -1.75 -5.66
N LYS A 251 -16.90 -1.79 -4.50
CA LYS A 251 -18.36 -1.84 -4.47
C LYS A 251 -18.88 -1.26 -3.16
N VAL A 252 -20.09 -0.73 -3.22
CA VAL A 252 -20.74 -0.12 -2.06
C VAL A 252 -22.25 -0.29 -2.20
N PRO A 253 -22.97 -0.69 -1.14
CA PRO A 253 -24.42 -0.54 -1.14
C PRO A 253 -24.78 0.92 -0.92
N VAL A 254 -25.60 1.47 -1.81
CA VAL A 254 -25.86 2.91 -1.81
C VAL A 254 -27.29 3.26 -1.40
N ALA A 255 -28.24 2.34 -1.50
CA ALA A 255 -29.55 2.52 -0.87
C ALA A 255 -30.14 1.13 -0.65
N GLN A 256 -30.83 0.97 0.48
CA GLN A 256 -31.21 -0.36 0.93
C GLN A 256 -32.52 -0.27 1.71
N VAL A 257 -33.31 -1.33 1.63
CA VAL A 257 -34.58 -1.41 2.34
C VAL A 257 -34.79 -2.84 2.84
N GLU A 258 -35.26 -2.97 4.06
CA GLU A 258 -35.71 -4.23 4.62
C GLU A 258 -37.24 -4.27 4.59
N GLN A 259 -37.80 -5.46 4.35
CA GLN A 259 -39.23 -5.61 4.15
C GLN A 259 -39.70 -6.83 4.92
N ASP A 260 -40.89 -6.74 5.52
CA ASP A 260 -41.35 -7.68 6.54
C ASP A 260 -42.29 -8.75 6.00
N ASP A 261 -42.46 -8.86 4.68
CA ASP A 261 -43.43 -9.79 4.13
C ASP A 261 -42.99 -11.23 4.33
N GLN A 262 -43.94 -12.16 4.17
CA GLN A 262 -43.70 -13.58 4.39
C GLN A 262 -44.48 -14.40 3.38
N VAL A 263 -44.04 -15.63 3.17
CA VAL A 263 -44.68 -16.56 2.23
C VAL A 263 -44.59 -17.96 2.83
N SER A 264 -45.73 -18.52 3.23
CA SER A 264 -45.78 -19.88 3.73
C SER A 264 -45.53 -20.87 2.59
N PRO A 265 -45.10 -22.10 2.91
CA PRO A 265 -45.03 -23.13 1.88
C PRO A 265 -46.41 -23.43 1.32
N SER A 266 -46.44 -23.84 0.04
CA SER A 266 -47.69 -24.01 -0.68
C SER A 266 -48.48 -22.70 -0.73
N SER A 267 -47.77 -21.61 -0.96
CA SER A 267 -48.39 -20.29 -1.05
C SER A 267 -47.59 -19.44 -2.04
N THR A 268 -48.22 -18.36 -2.49
CA THR A 268 -47.65 -17.48 -3.50
C THR A 268 -47.91 -16.03 -3.09
N PHE A 269 -46.99 -15.14 -3.48
CA PHE A 269 -47.00 -13.77 -3.03
C PHE A 269 -46.40 -12.85 -4.10
N SER A 270 -46.92 -11.63 -4.16
CA SER A 270 -46.35 -10.59 -4.99
C SER A 270 -46.70 -9.23 -4.40
N LYS A 271 -45.83 -8.26 -4.62
CA LYS A 271 -46.02 -6.91 -4.10
C LYS A 271 -45.04 -6.00 -4.82
N VAL A 272 -45.17 -4.69 -4.56
CA VAL A 272 -44.29 -3.68 -5.15
C VAL A 272 -43.73 -2.82 -4.04
N TYR A 273 -42.49 -2.36 -4.23
CA TYR A 273 -41.81 -1.48 -3.30
C TYR A 273 -41.13 -0.36 -4.07
N THR A 274 -40.74 0.68 -3.34
CA THR A 274 -40.11 1.85 -3.95
C THR A 274 -38.84 2.22 -3.19
N ILE A 275 -37.87 2.78 -3.91
CA ILE A 275 -36.57 3.12 -3.33
C ILE A 275 -36.02 4.34 -4.05
N THR A 276 -35.18 5.10 -3.34
CA THR A 276 -34.69 6.39 -3.83
C THR A 276 -33.23 6.60 -3.44
N PRO A 277 -32.30 6.51 -4.38
CA PRO A 277 -30.90 6.85 -4.07
C PRO A 277 -30.76 8.35 -3.80
N PHE A 278 -30.00 8.69 -2.76
CA PHE A 278 -29.72 10.09 -2.46
C PHE A 278 -28.44 10.19 -1.63
N LEU A 279 -27.87 11.39 -1.61
CA LEU A 279 -26.52 11.59 -1.08
C LEU A 279 -26.50 11.86 0.42
N ALA A 280 -27.46 12.65 0.92
CA ALA A 280 -27.29 13.32 2.20
C ALA A 280 -26.91 12.35 3.32
N ASN A 281 -27.48 11.16 3.32
CA ASN A 281 -27.27 10.24 4.44
C ASN A 281 -25.96 9.47 4.34
N ASN A 282 -25.15 9.69 3.30
CA ASN A 282 -23.99 8.86 3.03
C ASN A 282 -22.73 9.71 2.86
N ARG A 283 -22.62 10.82 3.60
CA ARG A 283 -21.42 11.65 3.50
C ARG A 283 -20.14 10.88 3.81
N GLU A 284 -20.21 9.90 4.71
CA GLU A 284 -19.04 9.33 5.36
C GLU A 284 -18.50 8.07 4.68
N LYS A 285 -19.18 7.55 3.66
CA LYS A 285 -18.81 6.26 3.10
C LYS A 285 -17.60 6.44 2.20
N ARG A 286 -16.41 6.29 2.78
CA ARG A 286 -15.18 6.54 2.05
C ARG A 286 -15.11 5.63 0.83
N GLY A 287 -14.80 6.23 -0.31
CA GLY A 287 -14.79 5.51 -1.57
C GLY A 287 -16.08 5.58 -2.35
N LEU A 288 -17.03 6.41 -1.96
CA LEU A 288 -18.23 6.64 -2.76
C LEU A 288 -17.89 7.53 -3.95
N ALA A 289 -18.50 7.25 -5.10
CA ALA A 289 -18.10 7.83 -6.37
C ALA A 289 -19.01 8.97 -6.80
N LEU A 290 -18.40 10.05 -7.30
CA LEU A 290 -19.09 11.25 -7.72
C LEU A 290 -18.66 11.64 -9.12
N ASP A 291 -19.56 12.29 -9.86
CA ASP A 291 -19.16 12.97 -11.08
C ASP A 291 -18.30 14.18 -10.74
N GLY A 292 -17.34 14.47 -11.61
CA GLY A 292 -16.26 15.37 -11.25
C GLY A 292 -16.75 16.80 -11.03
N LYS A 293 -16.38 17.36 -9.87
CA LYS A 293 -16.56 18.78 -9.64
C LYS A 293 -15.43 19.56 -10.30
N LEU A 294 -15.63 20.88 -10.43
CA LEU A 294 -14.55 21.70 -10.94
C LEU A 294 -13.41 21.80 -9.94
N LYS A 295 -13.70 22.33 -8.75
CA LYS A 295 -12.59 22.57 -7.78
C LYS A 295 -12.87 21.92 -6.42
N HIS A 296 -14.03 22.20 -5.82
CA HIS A 296 -14.34 21.66 -4.50
C HIS A 296 -15.84 21.49 -4.24
N GLU A 297 -16.68 21.68 -5.26
CA GLU A 297 -18.10 21.86 -5.02
C GLU A 297 -18.81 20.55 -4.64
N ASP A 298 -20.01 20.70 -4.10
CA ASP A 298 -20.91 19.57 -3.91
C ASP A 298 -21.53 19.16 -5.25
N THR A 299 -21.94 17.89 -5.33
CA THR A 299 -22.47 17.36 -6.59
C THR A 299 -23.22 16.07 -6.31
N ASN A 300 -23.86 15.55 -7.35
CA ASN A 300 -24.68 14.35 -7.28
C ASN A 300 -23.83 13.09 -7.41
N LEU A 301 -24.44 11.96 -7.04
CA LEU A 301 -23.77 10.67 -7.20
C LEU A 301 -23.45 10.44 -8.68
N ALA A 302 -22.38 9.68 -8.91
CA ALA A 302 -21.83 9.54 -10.24
C ALA A 302 -22.82 8.88 -11.20
N SER A 303 -22.84 9.38 -12.43
CA SER A 303 -23.68 8.78 -13.47
C SER A 303 -23.08 7.47 -13.96
N SER A 304 -23.94 6.61 -14.50
CA SER A 304 -23.50 5.36 -15.09
C SER A 304 -22.86 5.61 -16.45
N THR A 305 -21.54 5.74 -16.48
CA THR A 305 -20.84 6.03 -17.72
C THR A 305 -21.12 4.96 -18.77
N ILE A 306 -21.33 5.40 -20.01
CA ILE A 306 -21.74 4.52 -21.10
C ILE A 306 -20.56 4.28 -22.03
N VAL A 307 -20.31 3.01 -22.32
CA VAL A 307 -19.19 2.63 -23.20
C VAL A 307 -19.65 2.66 -24.66
N LYS A 308 -18.67 2.77 -25.56
CA LYS A 308 -18.93 2.68 -26.98
C LYS A 308 -19.44 1.29 -27.34
N GLU A 309 -19.90 1.17 -28.59
CA GLU A 309 -20.36 -0.12 -29.09
C GLU A 309 -19.20 -1.06 -29.44
N GLY A 310 -18.01 -0.51 -29.68
CA GLY A 310 -16.86 -1.35 -29.98
C GLY A 310 -16.19 -1.89 -28.74
N ALA A 311 -15.42 -2.96 -28.93
CA ALA A 311 -14.72 -3.58 -27.78
C ALA A 311 -13.65 -2.62 -27.25
N ASN A 312 -12.76 -2.15 -28.13
CA ASN A 312 -11.70 -1.21 -27.71
C ASN A 312 -10.80 -1.84 -26.64
N LYS A 313 -9.88 -1.04 -26.06
CA LYS A 313 -8.99 -1.54 -24.98
C LYS A 313 -9.82 -1.61 -23.70
N GLU A 314 -10.41 -0.49 -23.28
CA GLU A 314 -11.36 -0.47 -22.17
C GLU A 314 -10.68 -0.44 -20.80
N VAL A 315 -9.36 -0.62 -20.73
CA VAL A 315 -8.66 -0.41 -19.48
C VAL A 315 -8.04 0.99 -19.42
N LEU A 316 -8.88 1.99 -19.15
CA LEU A 316 -8.45 3.37 -19.00
C LEU A 316 -9.07 3.95 -17.73
N GLY A 317 -8.24 4.38 -16.78
CA GLY A 317 -8.72 5.13 -15.64
C GLY A 317 -9.81 4.47 -14.83
N ILE A 318 -11.00 5.06 -14.83
CA ILE A 318 -12.07 4.70 -13.91
C ILE A 318 -13.32 4.35 -14.70
N LEU A 319 -14.16 3.50 -14.12
CA LEU A 319 -15.43 3.11 -14.72
C LEU A 319 -16.39 2.68 -13.60
N VAL A 320 -17.68 2.70 -13.91
CA VAL A 320 -18.70 2.58 -12.87
C VAL A 320 -20.01 2.08 -13.48
N SER A 321 -20.82 1.43 -12.64
CA SER A 321 -22.17 1.01 -13.02
C SER A 321 -22.92 0.59 -11.77
N TYR A 322 -24.21 0.30 -11.93
CA TYR A 322 -25.11 -0.02 -10.81
C TYR A 322 -25.94 -1.26 -11.10
N ARG A 323 -26.36 -1.93 -10.02
CA ARG A 323 -27.32 -3.02 -10.07
C ARG A 323 -28.24 -3.00 -8.87
N VAL A 324 -29.41 -3.60 -9.03
CA VAL A 324 -30.29 -3.91 -7.91
C VAL A 324 -30.05 -5.35 -7.44
N LYS A 325 -30.31 -5.61 -6.17
CA LYS A 325 -30.29 -6.96 -5.63
C LYS A 325 -31.53 -7.19 -4.78
N VAL A 326 -32.07 -8.41 -4.86
CA VAL A 326 -33.27 -8.81 -4.14
C VAL A 326 -32.96 -10.11 -3.42
N LYS A 327 -33.38 -10.20 -2.16
CA LYS A 327 -33.06 -11.36 -1.33
C LYS A 327 -34.30 -11.86 -0.59
N LEU A 328 -34.48 -13.18 -0.61
CA LEU A 328 -35.44 -13.87 0.25
C LEU A 328 -34.71 -14.44 1.46
N VAL A 329 -35.27 -14.21 2.64
CA VAL A 329 -34.78 -14.79 3.88
C VAL A 329 -35.87 -15.71 4.42
N VAL A 330 -35.52 -16.97 4.69
CA VAL A 330 -36.47 -18.05 4.80
C VAL A 330 -36.27 -18.80 6.12
N SER A 331 -37.37 -19.23 6.72
CA SER A 331 -37.30 -20.01 7.95
C SER A 331 -36.66 -21.37 7.70
N ARG A 332 -36.01 -21.89 8.74
CA ARG A 332 -35.24 -23.13 8.64
C ARG A 332 -34.36 -23.15 7.39
N GLY A 333 -33.64 -22.05 7.17
CA GLY A 333 -32.54 -22.00 6.24
C GLY A 333 -32.94 -21.72 4.80
N GLY A 334 -31.91 -21.50 3.99
CA GLY A 334 -32.04 -21.43 2.55
C GLY A 334 -32.32 -20.05 1.97
N ASP A 335 -31.63 -19.02 2.46
CA ASP A 335 -31.78 -17.70 1.88
C ASP A 335 -31.22 -17.67 0.46
N VAL A 336 -31.81 -16.82 -0.38
CA VAL A 336 -31.50 -16.78 -1.80
C VAL A 336 -31.74 -15.37 -2.32
N SER A 337 -31.04 -15.01 -3.39
CA SER A 337 -31.04 -13.64 -3.90
C SER A 337 -30.99 -13.62 -5.42
N VAL A 338 -31.29 -12.45 -6.00
CA VAL A 338 -31.25 -12.24 -7.43
C VAL A 338 -30.99 -10.76 -7.69
N GLU A 339 -30.52 -10.45 -8.91
CA GLU A 339 -29.98 -9.13 -9.21
C GLU A 339 -30.33 -8.72 -10.64
N LEU A 340 -30.14 -7.41 -10.92
CA LEU A 340 -30.36 -6.86 -12.26
C LEU A 340 -29.64 -5.53 -12.44
N PRO A 341 -29.06 -5.26 -13.61
CA PRO A 341 -28.41 -3.96 -13.87
C PRO A 341 -29.32 -2.93 -14.53
N PHE A 342 -28.97 -1.66 -14.32
CA PHE A 342 -29.72 -0.55 -14.89
C PHE A 342 -28.82 0.68 -14.97
N VAL A 343 -29.18 1.61 -15.84
CA VAL A 343 -28.39 2.82 -16.07
C VAL A 343 -29.03 4.00 -15.35
N LEU A 344 -28.22 5.03 -15.11
CA LEU A 344 -28.67 6.23 -14.39
C LEU A 344 -27.82 7.41 -14.84
N MET A 345 -28.44 8.38 -15.52
CA MET A 345 -27.70 9.56 -15.97
C MET A 345 -28.68 10.70 -16.25
N HIS A 346 -28.13 11.90 -16.37
CA HIS A 346 -28.93 13.09 -16.60
C HIS A 346 -29.54 13.08 -18.00
N PRO A 347 -30.74 13.64 -18.17
CA PRO A 347 -31.28 13.82 -19.51
C PRO A 347 -30.51 14.87 -20.29
N LYS A 348 -30.58 14.76 -21.61
CA LYS A 348 -29.87 15.70 -22.48
C LYS A 348 -30.34 17.12 -22.23
N PRO A 349 -29.44 18.10 -22.08
CA PRO A 349 -29.88 19.48 -21.88
C PRO A 349 -30.55 20.03 -23.14
N HIS A 350 -31.42 21.03 -22.93
CA HIS A 350 -31.93 21.83 -24.03
C HIS A 350 -30.80 22.65 -24.63
N ARG B 8 -15.78 -41.85 -11.40
CA ARG B 8 -15.05 -42.12 -12.67
C ARG B 8 -14.77 -40.85 -13.46
N VAL B 9 -15.82 -40.11 -13.81
CA VAL B 9 -15.67 -38.89 -14.60
C VAL B 9 -16.46 -37.77 -13.95
N PHE B 10 -15.94 -36.55 -14.10
CA PHE B 10 -16.58 -35.35 -13.57
C PHE B 10 -17.43 -34.67 -14.64
N LYS B 11 -18.41 -33.88 -14.19
CA LYS B 11 -19.24 -33.09 -15.09
C LYS B 11 -19.74 -31.84 -14.37
N LYS B 12 -19.87 -30.77 -15.15
CA LYS B 12 -20.23 -29.44 -14.66
C LYS B 12 -21.09 -28.77 -15.71
N SER B 13 -22.10 -28.03 -15.27
CA SER B 13 -23.17 -27.58 -16.16
C SER B 13 -23.50 -26.11 -15.93
N SER B 14 -24.06 -25.49 -16.97
CA SER B 14 -24.54 -24.11 -16.88
C SER B 14 -25.79 -24.03 -16.01
N PRO B 15 -26.08 -22.86 -15.44
CA PRO B 15 -27.34 -22.70 -14.69
C PRO B 15 -28.59 -22.85 -15.56
N ASN B 16 -28.48 -22.73 -16.88
CA ASN B 16 -29.61 -23.01 -17.76
C ASN B 16 -29.66 -24.46 -18.21
N GLY B 17 -28.69 -25.28 -17.81
CA GLY B 17 -28.68 -26.70 -18.11
C GLY B 17 -28.40 -27.07 -19.53
N LYS B 18 -28.40 -26.11 -20.46
CA LYS B 18 -28.21 -26.44 -21.88
C LYS B 18 -26.76 -26.71 -22.21
N LEU B 19 -25.83 -26.10 -21.48
CA LEU B 19 -24.40 -26.20 -21.73
C LEU B 19 -23.73 -26.95 -20.59
N THR B 20 -22.90 -27.95 -20.93
CA THR B 20 -22.28 -28.80 -19.92
C THR B 20 -20.95 -29.30 -20.46
N VAL B 21 -20.04 -29.61 -19.53
CA VAL B 21 -18.70 -30.08 -19.86
C VAL B 21 -18.37 -31.31 -19.02
N TYR B 22 -17.44 -32.11 -19.52
CA TYR B 22 -17.08 -33.39 -18.90
C TYR B 22 -15.56 -33.50 -18.86
N LEU B 23 -15.03 -34.08 -17.79
CA LEU B 23 -13.59 -34.12 -17.59
C LEU B 23 -13.22 -35.27 -16.66
N GLY B 24 -12.04 -35.85 -16.89
CA GLY B 24 -11.54 -36.98 -16.14
C GLY B 24 -10.46 -36.70 -15.11
N LYS B 25 -10.12 -35.44 -14.86
CA LYS B 25 -9.05 -35.11 -13.93
C LYS B 25 -9.35 -33.79 -13.25
N ARG B 26 -8.65 -33.55 -12.14
CA ARG B 26 -8.67 -32.24 -11.50
C ARG B 26 -7.25 -31.75 -11.25
N ASP B 27 -6.32 -32.67 -11.01
CA ASP B 27 -4.94 -32.33 -10.68
C ASP B 27 -4.00 -33.01 -11.65
N PHE B 28 -2.88 -32.33 -11.95
CA PHE B 28 -1.96 -32.72 -13.00
C PHE B 28 -0.54 -32.61 -12.48
N VAL B 29 0.30 -33.59 -12.82
CA VAL B 29 1.58 -33.80 -12.16
C VAL B 29 2.70 -33.27 -13.04
N ASP B 30 3.50 -32.35 -12.49
CA ASP B 30 4.65 -31.81 -13.22
C ASP B 30 5.81 -32.80 -13.19
N HIS B 31 6.47 -32.98 -14.34
CA HIS B 31 7.68 -33.78 -14.43
C HIS B 31 8.92 -32.95 -14.73
N LEU B 32 8.78 -31.62 -14.78
CA LEU B 32 9.89 -30.73 -15.15
C LEU B 32 10.29 -30.90 -16.62
N ASP B 33 9.60 -31.77 -17.34
CA ASP B 33 9.70 -31.82 -18.80
C ASP B 33 8.36 -31.98 -19.48
N LYS B 34 7.31 -32.35 -18.76
CA LYS B 34 5.97 -32.43 -19.34
C LYS B 34 4.94 -32.37 -18.21
N VAL B 35 3.68 -32.23 -18.61
CA VAL B 35 2.53 -32.54 -17.77
C VAL B 35 1.41 -32.98 -18.70
N ASP B 36 0.53 -33.84 -18.20
CA ASP B 36 -0.47 -34.45 -19.04
C ASP B 36 -1.40 -33.38 -19.62
N PRO B 37 -1.91 -33.59 -20.82
CA PRO B 37 -2.72 -32.56 -21.49
C PRO B 37 -4.09 -32.38 -20.86
N VAL B 38 -4.66 -31.20 -21.08
CA VAL B 38 -6.09 -30.99 -20.85
C VAL B 38 -6.84 -31.53 -22.06
N ASP B 39 -7.81 -32.40 -21.81
CA ASP B 39 -8.44 -33.18 -22.88
C ASP B 39 -9.96 -33.25 -22.69
N GLY B 40 -10.59 -32.12 -22.37
CA GLY B 40 -12.00 -32.12 -22.05
C GLY B 40 -12.91 -32.15 -23.28
N VAL B 41 -14.21 -32.30 -22.99
CA VAL B 41 -15.25 -32.36 -24.01
C VAL B 41 -16.43 -31.54 -23.53
N VAL B 42 -17.09 -30.83 -24.46
CA VAL B 42 -18.20 -29.94 -24.15
C VAL B 42 -19.45 -30.42 -24.90
N LEU B 43 -20.58 -30.39 -24.22
CA LEU B 43 -21.87 -30.83 -24.77
C LEU B 43 -22.84 -29.65 -24.86
N VAL B 44 -23.34 -29.40 -26.07
CA VAL B 44 -24.50 -28.53 -26.24
C VAL B 44 -25.14 -28.77 -27.61
N ASP B 45 -26.46 -28.89 -27.63
CA ASP B 45 -27.20 -28.89 -28.90
C ASP B 45 -27.43 -27.44 -29.30
N PRO B 46 -27.01 -27.01 -30.50
CA PRO B 46 -26.99 -25.57 -30.81
C PRO B 46 -28.35 -24.97 -31.11
N ASP B 47 -29.44 -25.73 -31.04
CA ASP B 47 -30.74 -25.16 -31.35
C ASP B 47 -31.07 -23.99 -30.43
N TYR B 48 -30.52 -23.99 -29.21
CA TYR B 48 -30.69 -22.86 -28.29
C TYR B 48 -29.85 -21.66 -28.71
N LEU B 49 -28.53 -21.83 -28.79
CA LEU B 49 -27.64 -20.72 -29.10
C LEU B 49 -27.85 -20.20 -30.51
N LYS B 50 -28.18 -21.09 -31.45
CA LYS B 50 -28.80 -20.86 -32.76
C LYS B 50 -27.96 -20.06 -33.75
N ASP B 51 -27.02 -19.24 -33.28
CA ASP B 51 -26.10 -18.59 -34.20
C ASP B 51 -24.74 -18.30 -33.58
N ARG B 52 -24.66 -18.31 -32.26
CA ARG B 52 -23.46 -17.92 -31.57
C ARG B 52 -22.36 -18.95 -31.79
N LYS B 53 -21.15 -18.60 -31.39
CA LYS B 53 -19.97 -19.43 -31.59
C LYS B 53 -19.43 -19.89 -30.24
N VAL B 54 -18.96 -21.14 -30.20
CA VAL B 54 -18.75 -21.87 -28.95
C VAL B 54 -17.25 -22.02 -28.71
N PHE B 55 -16.83 -21.63 -27.51
CA PHE B 55 -15.43 -21.39 -27.18
C PHE B 55 -15.14 -21.94 -25.78
N VAL B 56 -13.86 -22.20 -25.52
CA VAL B 56 -13.38 -22.61 -24.20
C VAL B 56 -12.08 -21.85 -23.92
N THR B 57 -11.91 -21.38 -22.68
CA THR B 57 -10.82 -20.48 -22.34
C THR B 57 -10.12 -20.91 -21.06
N LEU B 58 -8.81 -20.66 -21.01
CA LEU B 58 -7.91 -21.10 -19.95
C LEU B 58 -7.13 -19.93 -19.40
N THR B 59 -6.81 -19.98 -18.11
CA THR B 59 -5.88 -19.01 -17.52
C THR B 59 -5.27 -19.56 -16.25
N VAL B 60 -4.10 -19.02 -15.91
CA VAL B 60 -3.58 -19.01 -14.55
C VAL B 60 -3.54 -17.56 -14.11
N ALA B 61 -4.22 -17.24 -13.01
CA ALA B 61 -4.46 -15.86 -12.62
C ALA B 61 -4.14 -15.65 -11.14
N PHE B 62 -3.51 -14.52 -10.84
CA PHE B 62 -3.36 -14.11 -9.45
C PHE B 62 -4.64 -13.43 -8.98
N ARG B 63 -5.08 -13.76 -7.78
CA ARG B 63 -6.40 -13.39 -7.32
C ARG B 63 -6.38 -13.02 -5.86
N TYR B 64 -7.35 -12.20 -5.46
CA TYR B 64 -7.55 -11.79 -4.08
C TYR B 64 -9.01 -11.42 -3.90
N GLY B 65 -9.55 -11.73 -2.73
CA GLY B 65 -10.93 -11.43 -2.44
C GLY B 65 -11.88 -12.52 -2.88
N ARG B 66 -12.89 -12.79 -2.06
CA ARG B 66 -13.82 -13.88 -2.33
C ARG B 66 -14.76 -13.52 -3.47
N GLU B 67 -15.27 -14.55 -4.15
CA GLU B 67 -16.32 -14.37 -5.16
C GLU B 67 -17.68 -14.11 -4.54
N ASP B 68 -17.87 -14.44 -3.26
CA ASP B 68 -19.18 -14.39 -2.62
C ASP B 68 -19.44 -12.99 -2.06
N CYS B 69 -19.65 -12.05 -2.97
CA CYS B 69 -20.26 -10.77 -2.64
C CYS B 69 -19.55 -10.06 -1.49
N ASP B 70 -18.23 -10.15 -1.43
CA ASP B 70 -17.49 -9.38 -0.44
C ASP B 70 -17.67 -7.90 -0.71
N VAL B 71 -17.54 -7.09 0.33
CA VAL B 71 -17.96 -5.69 0.26
C VAL B 71 -16.79 -4.72 0.42
N LEU B 72 -15.62 -5.09 -0.09
CA LEU B 72 -14.44 -4.23 0.00
C LEU B 72 -13.63 -4.36 -1.28
N GLY B 73 -12.76 -3.38 -1.51
CA GLY B 73 -11.93 -3.37 -2.70
C GLY B 73 -11.14 -4.66 -2.84
N LEU B 74 -11.11 -5.24 -4.03
CA LEU B 74 -10.65 -6.61 -4.20
C LEU B 74 -10.33 -6.89 -5.66
N SER B 75 -9.95 -8.14 -5.94
CA SER B 75 -9.73 -8.66 -7.29
C SER B 75 -8.65 -7.87 -8.04
N PHE B 76 -7.42 -8.00 -7.54
CA PHE B 76 -6.25 -7.41 -8.18
C PHE B 76 -5.77 -8.39 -9.25
N ARG B 77 -6.54 -8.42 -10.35
CA ARG B 77 -6.60 -9.58 -11.23
C ARG B 77 -5.51 -9.58 -12.31
N LYS B 78 -4.25 -9.53 -11.88
CA LYS B 78 -3.12 -9.75 -12.78
C LYS B 78 -3.09 -11.20 -13.24
N ASP B 79 -3.25 -11.44 -14.54
CA ASP B 79 -3.11 -12.78 -15.07
C ASP B 79 -1.64 -13.16 -15.24
N LEU B 80 -1.36 -14.44 -15.11
CA LEU B 80 -0.04 -14.95 -15.44
C LEU B 80 0.02 -15.50 -16.86
N PHE B 81 -1.06 -16.12 -17.33
CA PHE B 81 -1.09 -16.69 -18.68
C PHE B 81 -2.52 -17.04 -19.04
N ILE B 82 -2.83 -16.97 -20.34
CA ILE B 82 -4.19 -17.14 -20.83
C ILE B 82 -4.14 -17.84 -22.19
N ALA B 83 -5.26 -18.47 -22.55
CA ALA B 83 -5.36 -19.16 -23.83
C ALA B 83 -6.83 -19.37 -24.16
N ASN B 84 -7.09 -19.73 -25.42
CA ASN B 84 -8.45 -19.91 -25.93
C ASN B 84 -8.48 -20.95 -27.03
N TYR B 85 -9.66 -21.56 -27.22
CA TYR B 85 -9.87 -22.56 -28.26
C TYR B 85 -11.34 -22.57 -28.66
N GLN B 86 -11.60 -22.95 -29.92
CA GLN B 86 -12.95 -22.95 -30.48
C GLN B 86 -13.53 -24.35 -30.51
N ALA B 87 -14.71 -24.52 -29.89
CA ALA B 87 -15.41 -25.79 -29.93
C ALA B 87 -16.30 -25.91 -31.16
N PHE B 88 -17.10 -24.88 -31.44
CA PHE B 88 -17.95 -24.85 -32.62
C PHE B 88 -17.94 -23.45 -33.19
N PRO B 89 -17.89 -23.31 -34.52
CA PRO B 89 -17.78 -24.35 -35.55
C PRO B 89 -16.49 -25.18 -35.45
N PRO B 90 -16.50 -26.41 -35.95
CA PRO B 90 -15.32 -27.26 -35.82
C PRO B 90 -14.13 -26.69 -36.58
N THR B 91 -12.94 -27.02 -36.10
CA THR B 91 -11.69 -26.48 -36.63
C THR B 91 -10.71 -27.62 -36.82
N ARG B 96 -3.32 -33.13 -30.56
CA ARG B 96 -4.41 -32.56 -31.34
C ARG B 96 -5.57 -33.55 -31.53
N PRO B 97 -5.30 -34.76 -32.03
CA PRO B 97 -6.38 -35.71 -32.25
C PRO B 97 -6.94 -36.21 -30.93
N PRO B 98 -8.22 -36.56 -30.88
CA PRO B 98 -8.84 -36.92 -29.61
C PRO B 98 -8.16 -38.11 -28.94
N THR B 99 -8.16 -38.09 -27.61
CA THR B 99 -7.61 -39.19 -26.83
C THR B 99 -8.61 -40.32 -26.67
N ARG B 100 -8.13 -41.44 -26.15
CA ARG B 100 -8.99 -42.58 -25.81
C ARG B 100 -10.24 -42.13 -25.07
N LEU B 101 -10.04 -41.47 -23.93
CA LEU B 101 -11.17 -41.09 -23.09
C LEU B 101 -12.10 -40.16 -23.84
N GLN B 102 -11.55 -39.25 -24.65
CA GLN B 102 -12.39 -38.33 -25.38
C GLN B 102 -13.27 -39.06 -26.38
N GLU B 103 -12.73 -40.09 -27.05
CA GLU B 103 -13.52 -40.82 -28.04
C GLU B 103 -14.57 -41.70 -27.37
N ARG B 104 -14.19 -42.41 -26.30
CA ARG B 104 -15.18 -43.15 -25.52
C ARG B 104 -16.28 -42.23 -25.02
N LEU B 105 -15.89 -41.03 -24.58
CA LEU B 105 -16.85 -40.07 -24.04
C LEU B 105 -17.75 -39.53 -25.14
N LEU B 106 -17.21 -39.35 -26.34
CA LEU B 106 -18.04 -39.02 -27.49
C LEU B 106 -19.09 -40.09 -27.73
N ARG B 107 -18.64 -41.35 -27.81
CA ARG B 107 -19.58 -42.44 -28.04
C ARG B 107 -20.64 -42.48 -26.94
N LYS B 108 -20.25 -42.17 -25.71
CA LYS B 108 -21.22 -42.06 -24.62
C LYS B 108 -22.22 -40.93 -24.89
N LEU B 109 -21.73 -39.74 -25.20
CA LEU B 109 -22.55 -38.53 -25.18
C LEU B 109 -23.34 -38.36 -26.47
N GLY B 110 -22.70 -38.56 -27.62
CA GLY B 110 -23.34 -38.31 -28.89
C GLY B 110 -22.81 -37.10 -29.62
N GLN B 111 -23.42 -36.88 -30.80
CA GLN B 111 -22.88 -35.94 -31.78
C GLN B 111 -22.87 -34.49 -31.29
N HIS B 112 -23.70 -34.14 -30.32
CA HIS B 112 -23.72 -32.77 -29.82
C HIS B 112 -22.60 -32.47 -28.82
N ALA B 113 -21.78 -33.45 -28.49
CA ALA B 113 -20.60 -33.24 -27.65
C ALA B 113 -19.37 -33.14 -28.54
N HIS B 114 -18.48 -32.20 -28.21
CA HIS B 114 -17.36 -31.87 -29.09
C HIS B 114 -16.08 -31.73 -28.27
N PRO B 115 -14.95 -32.25 -28.76
CA PRO B 115 -13.73 -32.28 -27.96
C PRO B 115 -12.90 -31.01 -28.06
N PHE B 116 -12.08 -30.79 -27.03
CA PHE B 116 -11.16 -29.65 -26.99
C PHE B 116 -9.90 -30.04 -26.22
N PHE B 117 -8.88 -29.19 -26.31
CA PHE B 117 -7.52 -29.60 -26.00
C PHE B 117 -6.67 -28.41 -25.61
N PHE B 118 -5.79 -28.62 -24.62
CA PHE B 118 -4.73 -27.68 -24.26
C PHE B 118 -3.49 -28.45 -23.84
N THR B 119 -2.34 -27.76 -23.90
CA THR B 119 -1.09 -28.23 -23.34
C THR B 119 -0.49 -27.12 -22.49
N ILE B 120 -0.16 -27.44 -21.24
CA ILE B 120 0.42 -26.45 -20.34
C ILE B 120 1.87 -26.20 -20.71
N PRO B 121 2.31 -24.93 -20.79
CA PRO B 121 3.74 -24.66 -20.88
C PRO B 121 4.46 -25.14 -19.63
N GLN B 122 5.80 -25.21 -19.72
CA GLN B 122 6.60 -25.58 -18.57
C GLN B 122 6.80 -24.44 -17.59
N ASN B 123 6.59 -23.19 -18.00
CA ASN B 123 6.87 -22.03 -17.17
C ASN B 123 5.55 -21.54 -16.58
N LEU B 124 5.25 -21.97 -15.37
CA LEU B 124 4.05 -21.53 -14.68
C LEU B 124 4.15 -21.96 -13.22
N PRO B 125 3.44 -21.28 -12.31
CA PRO B 125 3.60 -21.56 -10.88
C PRO B 125 2.85 -22.80 -10.47
N SER B 126 3.03 -23.17 -9.20
CA SER B 126 2.15 -24.14 -8.56
C SER B 126 1.00 -23.41 -7.86
N SER B 127 -0.04 -24.16 -7.51
CA SER B 127 -1.15 -23.60 -6.77
C SER B 127 -0.77 -23.38 -5.31
N VAL B 128 -1.06 -22.18 -4.79
CA VAL B 128 -0.66 -21.81 -3.44
C VAL B 128 -1.64 -20.78 -2.89
N THR B 129 -1.62 -20.64 -1.56
CA THR B 129 -2.45 -19.65 -0.88
C THR B 129 -1.79 -19.30 0.45
N LEU B 130 -2.10 -18.11 0.95
CA LEU B 130 -1.55 -17.62 2.21
C LEU B 130 -2.65 -17.58 3.27
N GLN B 131 -2.26 -17.83 4.52
CA GLN B 131 -3.20 -17.85 5.63
C GLN B 131 -3.81 -16.47 5.83
N PRO B 132 -5.13 -16.33 5.84
CA PRO B 132 -5.74 -15.03 6.08
C PRO B 132 -5.49 -14.55 7.50
N GLY B 133 -5.72 -13.27 7.72
CA GLY B 133 -5.66 -12.68 9.03
C GLY B 133 -7.05 -12.45 9.60
N PRO B 134 -7.13 -12.11 10.90
CA PRO B 134 -8.44 -11.79 11.48
C PRO B 134 -9.03 -10.48 10.99
N GLU B 135 -8.21 -9.58 10.44
CA GLU B 135 -8.70 -8.39 9.74
C GLU B 135 -8.43 -8.44 8.25
N ASP B 136 -7.33 -9.09 7.84
CA ASP B 136 -7.09 -9.35 6.42
C ASP B 136 -8.00 -10.47 5.99
N THR B 137 -9.30 -10.21 5.96
CA THR B 137 -10.32 -11.24 5.83
C THR B 137 -10.72 -11.43 4.37
N GLY B 138 -11.64 -12.36 4.16
CA GLY B 138 -12.00 -12.78 2.81
C GLY B 138 -11.00 -13.77 2.27
N LYS B 139 -11.23 -14.16 1.02
CA LYS B 139 -10.37 -15.14 0.35
C LYS B 139 -9.02 -14.48 0.08
N ALA B 140 -8.01 -14.83 0.88
CA ALA B 140 -6.72 -14.15 0.79
C ALA B 140 -6.05 -14.45 -0.53
N LEU B 141 -4.99 -13.70 -0.81
CA LEU B 141 -4.35 -13.72 -2.12
C LEU B 141 -3.75 -15.08 -2.44
N GLY B 142 -3.73 -15.41 -3.73
CA GLY B 142 -3.19 -16.67 -4.20
C GLY B 142 -3.18 -16.72 -5.71
N VAL B 143 -2.69 -17.84 -6.25
CA VAL B 143 -2.61 -18.07 -7.68
C VAL B 143 -3.41 -19.34 -8.00
N ASP B 144 -4.24 -19.26 -9.04
CA ASP B 144 -5.19 -20.31 -9.36
C ASP B 144 -5.10 -20.71 -10.83
N PHE B 145 -5.43 -21.97 -11.07
CA PHE B 145 -5.69 -22.48 -12.41
C PHE B 145 -7.20 -22.52 -12.60
N GLU B 146 -7.68 -22.03 -13.74
CA GLU B 146 -9.11 -21.91 -13.93
C GLU B 146 -9.44 -22.04 -15.43
N ILE B 147 -10.58 -22.65 -15.70
CA ILE B 147 -11.02 -22.99 -17.05
C ILE B 147 -12.50 -22.65 -17.18
N ARG B 148 -12.87 -22.01 -18.29
CA ARG B 148 -14.25 -21.59 -18.49
C ARG B 148 -14.64 -21.70 -19.95
N ALA B 149 -15.78 -22.34 -20.21
CA ALA B 149 -16.38 -22.35 -21.54
C ALA B 149 -17.53 -21.35 -21.61
N PHE B 150 -17.72 -20.77 -22.79
CA PHE B 150 -18.88 -19.94 -23.03
C PHE B 150 -19.12 -19.80 -24.53
N VAL B 151 -20.34 -19.41 -24.86
CA VAL B 151 -20.79 -19.28 -26.25
C VAL B 151 -21.27 -17.85 -26.45
N ALA B 152 -20.83 -17.23 -27.55
CA ALA B 152 -21.21 -15.86 -27.85
C ALA B 152 -20.99 -15.62 -29.34
N LYS B 153 -21.60 -14.53 -29.84
CA LYS B 153 -21.36 -14.14 -31.22
C LYS B 153 -19.91 -13.72 -31.45
N SER B 154 -19.14 -13.50 -30.39
CA SER B 154 -17.73 -13.15 -30.50
C SER B 154 -17.07 -13.33 -29.14
N LEU B 155 -15.74 -13.35 -29.15
CA LEU B 155 -14.97 -13.24 -27.91
C LEU B 155 -15.18 -11.91 -27.20
N GLU B 156 -15.68 -10.89 -27.89
CA GLU B 156 -15.79 -9.58 -27.31
C GLU B 156 -17.15 -9.32 -26.68
N GLU B 157 -18.17 -10.07 -27.10
CA GLU B 157 -19.51 -9.89 -26.54
C GLU B 157 -19.55 -10.32 -25.08
N LYS B 158 -20.32 -9.57 -24.27
CA LYS B 158 -20.51 -9.91 -22.88
C LYS B 158 -21.23 -11.25 -22.73
N SER B 159 -20.60 -12.18 -22.02
CA SER B 159 -21.19 -13.48 -21.77
C SER B 159 -22.30 -13.38 -20.73
N HIS B 160 -23.05 -14.48 -20.59
CA HIS B 160 -24.15 -14.57 -19.64
C HIS B 160 -24.05 -15.86 -18.84
N LYS B 161 -24.72 -15.85 -17.68
CA LYS B 161 -24.77 -17.04 -16.83
C LYS B 161 -25.25 -18.25 -17.62
N ARG B 162 -26.31 -18.08 -18.40
CA ARG B 162 -26.88 -19.19 -19.14
C ARG B 162 -25.92 -19.73 -20.19
N ASN B 163 -24.99 -18.91 -20.66
CA ASN B 163 -24.13 -19.26 -21.79
C ASN B 163 -22.72 -19.67 -21.37
N SER B 164 -22.49 -19.95 -20.10
CA SER B 164 -21.12 -20.21 -19.64
C SER B 164 -21.13 -21.17 -18.46
N VAL B 165 -19.98 -21.80 -18.25
CA VAL B 165 -19.75 -22.72 -17.14
C VAL B 165 -18.27 -22.65 -16.78
N ARG B 166 -17.97 -22.77 -15.49
CA ARG B 166 -16.64 -22.46 -14.96
C ARG B 166 -16.19 -23.53 -14.00
N LEU B 167 -14.88 -23.79 -13.97
CA LEU B 167 -14.32 -24.91 -13.22
C LEU B 167 -12.89 -24.58 -12.81
N VAL B 168 -12.39 -25.31 -11.81
CA VAL B 168 -11.08 -25.03 -11.21
C VAL B 168 -10.27 -26.33 -11.14
N ILE B 169 -8.94 -26.20 -11.29
CA ILE B 169 -8.03 -27.33 -11.37
C ILE B 169 -6.69 -26.93 -10.73
N ARG B 170 -5.76 -27.89 -10.68
CA ARG B 170 -4.50 -27.67 -10.00
C ARG B 170 -3.32 -28.32 -10.71
N LYS B 171 -2.19 -27.60 -10.74
CA LYS B 171 -0.89 -28.19 -10.99
C LYS B 171 -0.27 -28.65 -9.67
N VAL B 172 0.56 -29.69 -9.73
CA VAL B 172 1.12 -30.27 -8.52
C VAL B 172 2.44 -30.95 -8.82
N GLN B 173 3.27 -31.10 -7.79
CA GLN B 173 4.60 -31.68 -7.89
C GLN B 173 4.76 -32.80 -6.86
N PHE B 174 5.71 -33.69 -7.10
CA PHE B 174 5.97 -34.80 -6.19
C PHE B 174 7.46 -35.09 -6.08
N ALA B 175 7.79 -35.92 -5.10
CA ALA B 175 9.17 -36.22 -4.71
C ALA B 175 9.96 -36.83 -5.86
N PRO B 176 11.13 -36.29 -6.22
CA PRO B 176 12.00 -36.97 -7.17
C PRO B 176 12.58 -38.25 -6.59
N GLU B 177 12.98 -39.15 -7.48
CA GLU B 177 13.51 -40.46 -7.04
C GLU B 177 14.93 -40.37 -6.53
N LYS B 178 15.76 -39.48 -7.10
CA LYS B 178 17.20 -39.51 -6.87
C LYS B 178 17.57 -38.74 -5.61
N PRO B 179 18.23 -39.36 -4.64
CA PRO B 179 18.69 -38.61 -3.47
C PRO B 179 19.97 -37.84 -3.75
N GLY B 180 20.22 -36.84 -2.89
CA GLY B 180 21.41 -36.01 -3.00
C GLY B 180 22.41 -36.25 -1.89
N PRO B 181 23.41 -35.38 -1.78
CA PRO B 181 24.43 -35.52 -0.74
C PRO B 181 23.87 -35.19 0.64
N GLN B 182 24.52 -35.74 1.66
CA GLN B 182 24.10 -35.51 3.04
C GLN B 182 24.41 -34.07 3.43
N PRO B 183 23.44 -33.33 3.98
CA PRO B 183 23.67 -31.91 4.29
C PRO B 183 24.26 -31.72 5.68
N SER B 184 25.23 -30.81 5.79
CA SER B 184 25.84 -30.46 7.06
C SER B 184 26.52 -29.10 6.90
N ALA B 185 26.86 -28.49 8.05
CA ALA B 185 27.47 -27.17 8.04
C ALA B 185 28.35 -27.01 9.28
N GLU B 186 29.40 -26.20 9.14
CA GLU B 186 30.36 -25.99 10.21
C GLU B 186 31.00 -24.61 10.06
N THR B 187 31.49 -24.07 11.17
CA THR B 187 32.17 -22.78 11.16
C THR B 187 33.03 -22.68 12.41
N THR B 188 34.04 -21.80 12.36
CA THR B 188 35.05 -21.67 13.41
C THR B 188 35.26 -20.20 13.76
N ARG B 189 34.69 -19.77 14.88
CA ARG B 189 35.02 -18.47 15.46
C ARG B 189 36.37 -18.50 16.18
N HIS B 190 37.13 -17.43 16.03
CA HIS B 190 38.34 -17.19 16.81
C HIS B 190 38.31 -15.77 17.35
N PHE B 191 38.72 -15.59 18.60
CA PHE B 191 38.49 -14.35 19.32
C PHE B 191 39.69 -13.41 19.23
N LEU B 192 39.50 -12.19 19.76
CA LEU B 192 40.43 -11.08 19.54
C LEU B 192 41.72 -11.20 20.34
N MET B 193 41.67 -11.74 21.56
CA MET B 193 42.85 -11.74 22.42
C MET B 193 43.85 -12.82 22.04
N SER B 194 43.39 -13.93 21.47
CA SER B 194 44.26 -15.07 21.21
C SER B 194 43.59 -16.00 20.22
N ASP B 195 44.31 -17.07 19.88
CA ASP B 195 43.82 -18.05 18.91
C ASP B 195 42.69 -18.89 19.50
N ARG B 196 42.38 -18.66 20.78
CA ARG B 196 41.26 -19.34 21.42
C ARG B 196 39.99 -19.16 20.58
N SER B 197 39.26 -20.26 20.40
CA SER B 197 38.34 -20.36 19.28
C SER B 197 37.07 -21.11 19.71
N LEU B 198 36.12 -21.17 18.79
CA LEU B 198 34.80 -21.76 19.05
C LEU B 198 34.30 -22.37 17.74
N HIS B 199 34.34 -23.69 17.65
CA HIS B 199 33.96 -24.41 16.43
C HIS B 199 32.61 -25.11 16.63
N LEU B 200 31.74 -25.01 15.63
CA LEU B 200 30.37 -25.49 15.72
C LEU B 200 29.96 -26.19 14.42
N GLU B 201 29.19 -27.26 14.57
CA GLU B 201 28.86 -28.14 13.45
C GLU B 201 27.49 -28.77 13.69
N ALA B 202 26.80 -29.13 12.59
CA ALA B 202 25.52 -29.81 12.69
C ALA B 202 25.21 -30.53 11.38
N SER B 203 24.26 -31.46 11.45
CA SER B 203 23.83 -32.22 10.28
C SER B 203 22.45 -32.81 10.52
N LEU B 204 21.82 -33.27 9.43
CA LEU B 204 20.45 -33.75 9.43
C LEU B 204 20.37 -35.21 9.01
N ASP B 205 19.14 -35.76 9.08
CA ASP B 205 18.88 -37.12 8.64
C ASP B 205 19.00 -37.25 7.12
N LYS B 206 18.37 -36.34 6.38
CA LYS B 206 18.38 -36.41 4.93
C LYS B 206 18.25 -34.99 4.39
N GLU B 207 18.52 -34.84 3.10
CA GLU B 207 18.19 -33.61 2.40
C GLU B 207 16.69 -33.49 2.11
N LEU B 208 15.92 -34.55 2.31
CA LEU B 208 14.50 -34.57 1.98
C LEU B 208 13.70 -35.12 3.15
N TYR B 209 12.46 -34.65 3.27
CA TYR B 209 11.50 -35.16 4.24
C TYR B 209 10.11 -35.13 3.64
N TYR B 210 9.19 -35.87 4.26
CA TYR B 210 7.77 -35.76 4.00
C TYR B 210 7.10 -34.96 5.10
N HIS B 211 5.88 -34.50 4.81
CA HIS B 211 5.13 -33.73 5.78
C HIS B 211 4.83 -34.57 7.01
N GLY B 212 4.99 -33.96 8.18
CA GLY B 212 4.72 -34.65 9.43
C GLY B 212 5.83 -35.56 9.90
N GLU B 213 6.94 -35.62 9.20
CA GLU B 213 8.07 -36.43 9.65
C GLU B 213 8.83 -35.69 10.75
N PRO B 214 9.49 -36.43 11.64
CA PRO B 214 10.40 -35.78 12.59
C PRO B 214 11.75 -35.52 11.97
N LEU B 215 12.30 -34.34 12.24
CA LEU B 215 13.65 -33.99 11.80
C LEU B 215 14.61 -34.07 12.98
N ASN B 216 15.71 -34.81 12.80
CA ASN B 216 16.78 -34.85 13.78
C ASN B 216 17.93 -33.99 13.29
N VAL B 217 18.40 -33.08 14.15
CA VAL B 217 19.62 -32.33 13.90
C VAL B 217 20.66 -32.81 14.90
N ASN B 218 21.74 -33.39 14.36
CA ASN B 218 22.94 -33.62 15.16
C ASN B 218 23.73 -32.32 15.20
N VAL B 219 24.17 -31.93 16.39
CA VAL B 219 24.87 -30.67 16.60
C VAL B 219 26.06 -30.90 17.50
N HIS B 220 27.17 -30.24 17.19
CA HIS B 220 28.42 -30.35 17.92
C HIS B 220 29.01 -28.97 18.17
N VAL B 221 29.72 -28.82 19.28
CA VAL B 221 30.47 -27.61 19.59
C VAL B 221 31.80 -28.00 20.21
N THR B 222 32.88 -27.37 19.75
CA THR B 222 34.15 -27.35 20.45
C THR B 222 34.39 -25.93 20.92
N ASN B 223 34.50 -25.74 22.23
CA ASN B 223 34.63 -24.42 22.84
C ASN B 223 35.99 -24.32 23.52
N ASN B 224 36.95 -23.75 22.82
CA ASN B 224 38.25 -23.38 23.39
C ASN B 224 38.41 -21.87 23.47
N SER B 225 37.32 -21.18 23.77
CA SER B 225 37.30 -19.73 23.87
C SER B 225 37.54 -19.29 25.31
N THR B 226 37.30 -18.00 25.57
CA THR B 226 37.35 -17.44 26.92
C THR B 226 35.99 -17.43 27.60
N LYS B 227 34.99 -18.08 27.02
CA LYS B 227 33.61 -17.89 27.43
C LYS B 227 32.92 -19.24 27.59
N THR B 228 31.80 -19.22 28.32
CA THR B 228 30.93 -20.37 28.48
C THR B 228 29.68 -20.18 27.62
N VAL B 229 29.35 -21.21 26.84
CA VAL B 229 28.10 -21.20 26.08
C VAL B 229 26.95 -21.45 27.05
N LYS B 230 25.94 -20.56 27.02
CA LYS B 230 24.80 -20.68 27.92
C LYS B 230 23.66 -21.49 27.33
N LYS B 231 23.26 -21.22 26.08
CA LYS B 231 22.07 -21.85 25.51
C LYS B 231 22.33 -22.26 24.06
N ILE B 232 21.50 -23.19 23.59
CA ILE B 232 21.41 -23.57 22.20
C ILE B 232 19.99 -23.28 21.73
N LYS B 233 19.87 -22.70 20.54
CA LYS B 233 18.57 -22.47 19.92
C LYS B 233 18.58 -22.98 18.48
N VAL B 234 17.47 -23.58 18.08
CA VAL B 234 17.32 -24.21 16.77
C VAL B 234 15.97 -23.83 16.21
N SER B 235 15.92 -23.57 14.90
CA SER B 235 14.70 -23.14 14.25
C SER B 235 14.66 -23.64 12.81
N VAL B 236 13.45 -23.83 12.30
CA VAL B 236 13.18 -24.07 10.90
C VAL B 236 12.31 -22.93 10.39
N ARG B 237 12.66 -22.38 9.23
CA ARG B 237 12.10 -21.12 8.76
C ARG B 237 11.56 -21.25 7.35
N GLN B 238 10.36 -20.72 7.13
CA GLN B 238 9.80 -20.63 5.79
C GLN B 238 10.26 -19.35 5.10
N TYR B 239 10.60 -19.48 3.82
CA TYR B 239 10.92 -18.34 2.98
C TYR B 239 10.02 -18.36 1.76
N ALA B 240 9.54 -17.18 1.35
CA ALA B 240 8.67 -17.04 0.20
C ALA B 240 9.15 -15.89 -0.67
N ASP B 241 9.00 -16.04 -1.99
CA ASP B 241 9.41 -15.05 -2.96
C ASP B 241 8.24 -14.68 -3.87
N ILE B 242 8.21 -13.41 -4.29
CA ILE B 242 7.19 -12.90 -5.19
C ILE B 242 7.87 -12.09 -6.28
N VAL B 243 7.46 -12.32 -7.53
CA VAL B 243 8.12 -11.68 -8.68
C VAL B 243 7.09 -11.01 -9.58
N LEU B 244 5.97 -10.56 -9.01
CA LEU B 244 4.87 -10.06 -9.85
C LEU B 244 5.31 -8.89 -10.72
N PHE B 245 5.74 -7.79 -10.11
CA PHE B 245 6.41 -6.73 -10.87
C PHE B 245 7.73 -6.38 -10.21
N SER B 246 7.75 -6.35 -8.88
CA SER B 246 8.99 -6.20 -8.14
C SER B 246 9.50 -7.56 -7.69
N THR B 247 10.78 -7.62 -7.34
CA THR B 247 11.29 -8.73 -6.55
C THR B 247 11.06 -8.42 -5.08
N ALA B 248 10.53 -9.41 -4.36
CA ALA B 248 10.18 -9.21 -2.96
C ALA B 248 10.26 -10.55 -2.24
N GLN B 249 10.30 -10.49 -0.92
CA GLN B 249 10.52 -11.67 -0.11
C GLN B 249 9.79 -11.54 1.22
N TYR B 250 9.45 -12.70 1.79
CA TYR B 250 8.78 -12.81 3.08
C TYR B 250 9.34 -14.02 3.79
N LYS B 251 9.22 -14.05 5.11
CA LYS B 251 9.74 -15.18 5.87
C LYS B 251 9.01 -15.31 7.19
N VAL B 252 9.05 -16.52 7.75
CA VAL B 252 8.43 -16.82 9.03
C VAL B 252 9.19 -17.96 9.68
N PRO B 253 9.53 -17.86 10.97
CA PRO B 253 9.96 -19.06 11.71
C PRO B 253 8.75 -19.92 12.02
N VAL B 254 8.80 -21.19 11.61
CA VAL B 254 7.60 -22.02 11.62
C VAL B 254 7.67 -23.16 12.64
N ALA B 255 8.85 -23.48 13.18
CA ALA B 255 8.96 -24.33 14.37
C ALA B 255 10.31 -24.05 15.02
N GLN B 256 10.34 -24.13 16.34
CA GLN B 256 11.50 -23.65 17.09
C GLN B 256 11.63 -24.44 18.38
N VAL B 257 12.87 -24.60 18.84
CA VAL B 257 13.18 -25.33 20.06
C VAL B 257 14.45 -24.77 20.66
N GLU B 258 14.63 -24.98 21.97
CA GLU B 258 15.72 -24.36 22.70
C GLU B 258 16.10 -25.24 23.89
N GLN B 259 17.34 -25.07 24.35
CA GLN B 259 17.80 -25.69 25.60
C GLN B 259 18.96 -24.90 26.16
N ASP B 260 19.08 -24.92 27.50
CA ASP B 260 20.22 -24.36 28.22
C ASP B 260 21.39 -25.33 28.29
N ASP B 261 21.85 -25.81 27.13
CA ASP B 261 22.78 -26.94 27.06
C ASP B 261 24.22 -26.41 27.02
N GLN B 262 24.71 -26.06 28.20
CA GLN B 262 25.90 -25.23 28.32
C GLN B 262 27.16 -25.95 27.83
N VAL B 263 28.13 -25.16 27.38
CA VAL B 263 29.42 -25.64 26.93
C VAL B 263 30.48 -24.68 27.48
N SER B 264 31.23 -25.12 28.48
CA SER B 264 32.25 -24.30 29.10
C SER B 264 33.44 -24.11 28.15
N PRO B 265 34.25 -23.09 28.37
CA PRO B 265 35.49 -22.95 27.60
C PRO B 265 36.45 -24.09 27.88
N SER B 266 37.28 -24.41 26.89
CA SER B 266 38.16 -25.57 26.96
C SER B 266 37.35 -26.85 27.19
N SER B 267 36.18 -26.91 26.56
CA SER B 267 35.28 -28.05 26.67
C SER B 267 34.56 -28.23 25.35
N THR B 268 34.01 -29.42 25.16
CA THR B 268 33.36 -29.81 23.90
C THR B 268 32.04 -30.50 24.21
N PHE B 269 31.15 -30.49 23.23
CA PHE B 269 29.79 -30.98 23.40
C PHE B 269 29.21 -31.46 22.07
N SER B 270 28.28 -32.39 22.16
CA SER B 270 27.44 -32.76 21.03
C SER B 270 26.19 -33.46 21.53
N LYS B 271 25.12 -33.37 20.75
CA LYS B 271 23.84 -33.99 21.06
C LYS B 271 22.96 -33.91 19.82
N VAL B 272 21.93 -34.75 19.79
CA VAL B 272 20.92 -34.72 18.73
C VAL B 272 19.67 -34.06 19.28
N TYR B 273 19.09 -33.14 18.51
CA TYR B 273 17.83 -32.50 18.83
C TYR B 273 16.83 -32.80 17.72
N THR B 274 15.54 -32.84 18.09
CA THR B 274 14.49 -33.27 17.18
C THR B 274 13.41 -32.20 17.12
N ILE B 275 12.79 -32.06 15.94
CA ILE B 275 11.84 -30.99 15.70
C ILE B 275 10.81 -31.46 14.66
N THR B 276 9.61 -30.87 14.72
CA THR B 276 8.48 -31.33 13.92
C THR B 276 7.60 -30.17 13.47
N PRO B 277 7.58 -29.83 12.19
CA PRO B 277 6.63 -28.81 11.71
C PRO B 277 5.21 -29.33 11.75
N PHE B 278 4.27 -28.50 12.22
CA PHE B 278 2.86 -28.84 12.18
C PHE B 278 2.03 -27.56 12.26
N LEU B 279 0.78 -27.67 11.81
CA LEU B 279 -0.04 -26.48 11.56
C LEU B 279 -0.78 -25.98 12.80
N ALA B 280 -1.26 -26.90 13.65
CA ALA B 280 -2.30 -26.55 14.61
C ALA B 280 -1.91 -25.36 15.48
N ASN B 281 -0.65 -25.29 15.89
CA ASN B 281 -0.22 -24.24 16.79
C ASN B 281 0.00 -22.91 16.10
N ASN B 282 -0.16 -22.83 14.78
CA ASN B 282 0.17 -21.64 14.01
C ASN B 282 -1.00 -21.15 13.17
N ARG B 283 -2.24 -21.37 13.62
CA ARG B 283 -3.41 -20.92 12.87
C ARG B 283 -3.33 -19.44 12.54
N GLU B 284 -2.83 -18.63 13.47
CA GLU B 284 -2.99 -17.19 13.45
C GLU B 284 -1.85 -16.45 12.77
N LYS B 285 -0.82 -17.13 12.30
CA LYS B 285 0.36 -16.47 11.73
C LYS B 285 0.03 -16.03 10.31
N ARG B 286 -0.73 -14.94 10.22
CA ARG B 286 -1.15 -14.41 8.93
C ARG B 286 0.06 -14.20 8.04
N GLY B 287 -0.04 -14.70 6.80
CA GLY B 287 1.07 -14.71 5.88
C GLY B 287 1.77 -16.05 5.76
N LEU B 288 1.29 -17.07 6.45
CA LEU B 288 1.86 -18.41 6.31
C LEU B 288 1.35 -19.08 5.04
N ALA B 289 2.22 -19.84 4.37
CA ALA B 289 1.92 -20.38 3.05
C ALA B 289 1.35 -21.80 3.12
N LEU B 290 0.46 -22.10 2.20
CA LEU B 290 -0.17 -23.41 2.09
C LEU B 290 -0.27 -23.83 0.63
N ASP B 291 -0.32 -25.13 0.39
CA ASP B 291 -0.64 -25.62 -0.93
C ASP B 291 -2.09 -25.29 -1.27
N GLY B 292 -2.35 -25.08 -2.56
CA GLY B 292 -3.63 -24.58 -3.00
C GLY B 292 -4.79 -25.49 -2.66
N LYS B 293 -5.73 -25.01 -1.85
CA LYS B 293 -6.96 -25.73 -1.61
C LYS B 293 -7.89 -25.56 -2.81
N LEU B 294 -8.86 -26.48 -2.92
CA LEU B 294 -9.81 -26.37 -4.02
C LEU B 294 -10.67 -25.12 -3.88
N LYS B 295 -11.43 -25.03 -2.78
CA LYS B 295 -12.39 -23.90 -2.65
C LYS B 295 -12.27 -23.20 -1.29
N HIS B 296 -12.23 -23.95 -0.21
CA HIS B 296 -12.18 -23.38 1.14
C HIS B 296 -11.52 -24.28 2.17
N GLU B 297 -10.91 -25.39 1.75
CA GLU B 297 -10.63 -26.47 2.68
C GLU B 297 -9.33 -26.26 3.44
N ASP B 298 -9.19 -27.00 4.55
CA ASP B 298 -7.93 -27.06 5.27
C ASP B 298 -6.93 -27.93 4.52
N THR B 299 -5.64 -27.71 4.78
CA THR B 299 -4.60 -28.44 4.08
C THR B 299 -3.28 -28.29 4.84
N ASN B 300 -2.27 -29.00 4.35
CA ASN B 300 -0.95 -29.01 4.98
C ASN B 300 -0.16 -27.76 4.60
N LEU B 301 0.90 -27.51 5.35
CA LEU B 301 1.80 -26.41 5.02
C LEU B 301 2.38 -26.60 3.62
N ALA B 302 2.66 -25.48 2.96
CA ALA B 302 3.01 -25.49 1.55
C ALA B 302 4.25 -26.36 1.29
N SER B 303 4.15 -27.20 0.27
CA SER B 303 5.28 -27.99 -0.17
C SER B 303 6.37 -27.09 -0.73
N SER B 304 7.62 -27.48 -0.52
CA SER B 304 8.73 -26.84 -1.23
C SER B 304 8.63 -27.13 -2.71
N THR B 305 8.63 -26.06 -3.51
CA THR B 305 8.53 -26.21 -4.95
C THR B 305 9.89 -26.54 -5.55
N ILE B 306 9.87 -27.36 -6.60
CA ILE B 306 11.09 -27.80 -7.27
C ILE B 306 11.17 -27.10 -8.61
N VAL B 307 12.27 -26.39 -8.83
CA VAL B 307 12.51 -25.69 -10.08
C VAL B 307 13.21 -26.62 -11.06
N LYS B 308 13.06 -26.31 -12.36
CA LYS B 308 13.71 -27.08 -13.40
C LYS B 308 15.23 -26.96 -13.30
N GLU B 309 15.92 -27.76 -14.10
CA GLU B 309 17.36 -27.74 -14.14
C GLU B 309 17.90 -26.51 -14.87
N GLY B 310 17.11 -25.92 -15.76
CA GLY B 310 17.55 -24.77 -16.53
C GLY B 310 17.39 -23.45 -15.81
N ALA B 311 18.02 -22.41 -16.36
CA ALA B 311 17.93 -21.08 -15.73
C ALA B 311 16.50 -20.54 -15.86
N ASN B 312 15.93 -20.58 -17.06
CA ASN B 312 14.53 -20.14 -17.27
C ASN B 312 14.37 -18.63 -17.03
N LYS B 313 13.14 -18.12 -17.19
CA LYS B 313 12.87 -16.70 -17.01
C LYS B 313 12.61 -16.32 -15.56
N GLU B 314 12.17 -17.27 -14.73
CA GLU B 314 12.08 -17.05 -13.29
C GLU B 314 11.01 -16.02 -12.92
N VAL B 315 10.23 -15.57 -13.90
CA VAL B 315 9.28 -14.49 -13.67
C VAL B 315 8.00 -14.97 -13.00
N LEU B 316 8.04 -16.17 -12.44
CA LEU B 316 6.82 -16.93 -12.18
C LEU B 316 6.32 -16.71 -10.76
N GLY B 317 5.42 -15.75 -10.60
CA GLY B 317 4.51 -15.71 -9.48
C GLY B 317 5.10 -15.91 -8.10
N ILE B 318 4.75 -17.01 -7.45
CA ILE B 318 5.09 -17.28 -6.05
C ILE B 318 6.10 -18.41 -6.01
N LEU B 319 7.01 -18.33 -5.04
CA LEU B 319 8.02 -19.37 -4.84
C LEU B 319 8.30 -19.49 -3.35
N VAL B 320 8.85 -20.64 -2.95
CA VAL B 320 8.94 -20.96 -1.53
C VAL B 320 10.04 -21.98 -1.32
N SER B 321 10.62 -21.97 -0.12
CA SER B 321 11.59 -22.97 0.30
C SER B 321 11.82 -22.82 1.81
N TYR B 322 12.59 -23.76 2.38
CA TYR B 322 12.83 -23.81 3.81
C TYR B 322 14.31 -23.99 4.13
N ARG B 323 14.70 -23.56 5.33
CA ARG B 323 16.02 -23.80 5.89
C ARG B 323 15.91 -23.98 7.39
N VAL B 324 16.92 -24.65 7.98
CA VAL B 324 17.10 -24.70 9.42
C VAL B 324 18.14 -23.66 9.83
N LYS B 325 18.01 -23.15 11.06
CA LYS B 325 19.02 -22.30 11.67
C LYS B 325 19.27 -22.75 13.09
N VAL B 326 20.54 -22.66 13.52
CA VAL B 326 20.96 -23.03 14.86
C VAL B 326 21.86 -21.94 15.39
N LYS B 327 21.72 -21.60 16.67
CA LYS B 327 22.44 -20.49 17.28
C LYS B 327 23.07 -20.91 18.59
N LEU B 328 24.29 -20.42 18.81
CA LEU B 328 24.96 -20.53 20.10
C LEU B 328 24.77 -19.23 20.88
N VAL B 329 24.31 -19.35 22.12
CA VAL B 329 24.16 -18.21 23.02
C VAL B 329 25.19 -18.36 24.12
N VAL B 330 26.02 -17.34 24.30
CA VAL B 330 27.27 -17.46 25.04
C VAL B 330 27.35 -16.40 26.12
N SER B 331 27.98 -16.74 27.24
CA SER B 331 28.19 -15.81 28.33
C SER B 331 29.15 -14.70 27.90
N ARG B 332 28.97 -13.52 28.51
CA ARG B 332 29.74 -12.33 28.18
C ARG B 332 29.86 -12.16 26.66
N GLY B 333 28.71 -12.22 25.99
CA GLY B 333 28.59 -11.83 24.60
C GLY B 333 29.01 -12.89 23.60
N GLY B 334 28.82 -12.53 22.33
CA GLY B 334 29.36 -13.31 21.24
C GLY B 334 28.50 -14.45 20.73
N ASP B 335 27.19 -14.25 20.63
CA ASP B 335 26.34 -15.27 20.03
C ASP B 335 26.65 -15.42 18.55
N VAL B 336 26.45 -16.64 18.03
CA VAL B 336 26.80 -16.96 16.65
C VAL B 336 25.86 -18.06 16.17
N SER B 337 25.60 -18.08 14.87
CA SER B 337 24.57 -18.94 14.29
C SER B 337 25.02 -19.44 12.92
N VAL B 338 24.34 -20.49 12.45
CA VAL B 338 24.59 -21.06 11.12
C VAL B 338 23.28 -21.67 10.62
N GLU B 339 23.22 -21.92 9.31
CA GLU B 339 21.99 -22.31 8.65
C GLU B 339 22.24 -23.44 7.66
N LEU B 340 21.15 -24.00 7.14
CA LEU B 340 21.21 -25.17 6.26
C LEU B 340 19.88 -25.41 5.54
N PRO B 341 19.89 -25.69 4.23
CA PRO B 341 18.65 -25.90 3.49
C PRO B 341 18.24 -27.36 3.36
N PHE B 342 16.95 -27.56 3.13
CA PHE B 342 16.39 -28.90 2.90
C PHE B 342 15.07 -28.77 2.16
N VAL B 343 14.69 -29.84 1.45
CA VAL B 343 13.44 -29.88 0.69
C VAL B 343 12.38 -30.62 1.50
N LEU B 344 11.11 -30.36 1.16
CA LEU B 344 9.98 -30.97 1.85
C LEU B 344 8.80 -31.08 0.89
N MET B 345 8.37 -32.30 0.56
CA MET B 345 7.23 -32.49 -0.32
C MET B 345 6.69 -33.90 -0.15
N HIS B 346 5.49 -34.10 -0.69
CA HIS B 346 4.82 -35.39 -0.57
C HIS B 346 5.51 -36.45 -1.44
N PRO B 347 5.52 -37.71 -1.00
CA PRO B 347 6.00 -38.78 -1.87
C PRO B 347 5.07 -39.02 -3.04
N LYS B 348 5.63 -39.56 -4.12
CA LYS B 348 4.85 -39.81 -5.33
C LYS B 348 3.70 -40.78 -5.02
N PRO B 349 2.49 -40.52 -5.52
CA PRO B 349 1.40 -41.48 -5.34
C PRO B 349 1.64 -42.75 -6.13
N HIS B 350 1.02 -43.83 -5.67
CA HIS B 350 0.99 -45.07 -6.43
C HIS B 350 0.23 -44.86 -7.73
N THR C 7 50.31 6.21 1.02
CA THR C 7 49.22 5.63 0.18
C THR C 7 48.72 4.32 0.77
N ARG C 8 47.40 4.24 0.96
CA ARG C 8 46.75 3.09 1.58
C ARG C 8 45.65 2.58 0.66
N VAL C 9 45.38 1.28 0.74
CA VAL C 9 44.42 0.64 -0.14
C VAL C 9 43.56 -0.33 0.66
N PHE C 10 42.28 -0.43 0.29
CA PHE C 10 41.34 -1.31 0.97
C PHE C 10 41.40 -2.71 0.40
N LYS C 11 40.98 -3.69 1.22
CA LYS C 11 40.94 -5.08 0.79
C LYS C 11 39.80 -5.82 1.50
N LYS C 12 39.24 -6.79 0.80
CA LYS C 12 38.09 -7.57 1.27
C LYS C 12 38.18 -8.97 0.68
N SER C 13 37.64 -9.94 1.40
CA SER C 13 37.87 -11.34 1.06
C SER C 13 36.64 -12.19 1.35
N SER C 14 36.53 -13.31 0.64
CA SER C 14 35.52 -14.32 0.91
C SER C 14 35.87 -15.11 2.17
N PRO C 15 34.89 -15.75 2.80
CA PRO C 15 35.21 -16.66 3.91
C PRO C 15 36.08 -17.83 3.52
N ASN C 16 36.26 -18.10 2.22
CA ASN C 16 37.21 -19.11 1.78
C ASN C 16 38.65 -18.61 1.80
N GLY C 17 38.85 -17.30 1.92
CA GLY C 17 40.19 -16.74 1.90
C GLY C 17 40.78 -16.60 0.51
N LYS C 18 40.69 -17.66 -0.29
CA LYS C 18 41.34 -17.66 -1.59
C LYS C 18 40.85 -16.52 -2.48
N LEU C 19 39.59 -16.13 -2.34
CA LEU C 19 39.00 -15.10 -3.19
C LEU C 19 39.04 -13.77 -2.45
N THR C 20 39.72 -12.78 -3.04
CA THR C 20 39.96 -11.51 -2.37
C THR C 20 40.07 -10.41 -3.42
N VAL C 21 39.79 -9.17 -2.99
CA VAL C 21 39.76 -8.02 -3.88
C VAL C 21 40.44 -6.85 -3.19
N TYR C 22 40.89 -5.88 -3.99
CA TYR C 22 41.60 -4.72 -3.50
C TYR C 22 41.11 -3.48 -4.23
N LEU C 23 41.07 -2.35 -3.53
CA LEU C 23 40.50 -1.13 -4.11
C LEU C 23 41.03 0.08 -3.37
N GLY C 24 41.27 1.16 -4.11
CA GLY C 24 41.80 2.40 -3.56
C GLY C 24 40.81 3.51 -3.31
N LYS C 25 39.51 3.26 -3.45
CA LYS C 25 38.52 4.30 -3.25
C LYS C 25 37.25 3.69 -2.69
N ARG C 26 36.39 4.55 -2.15
CA ARG C 26 35.05 4.14 -1.75
C ARG C 26 34.00 5.10 -2.31
N ASP C 27 34.36 6.36 -2.49
CA ASP C 27 33.45 7.39 -2.95
C ASP C 27 34.00 8.05 -4.21
N PHE C 28 33.08 8.47 -5.08
CA PHE C 28 33.43 8.97 -6.41
C PHE C 28 32.62 10.22 -6.71
N VAL C 29 33.26 11.18 -7.37
CA VAL C 29 32.78 12.56 -7.44
C VAL C 29 32.19 12.82 -8.83
N ASP C 30 30.93 13.23 -8.87
CA ASP C 30 30.25 13.53 -10.13
C ASP C 30 30.60 14.95 -10.58
N HIS C 31 31.02 15.09 -11.83
CA HIS C 31 31.31 16.40 -12.41
C HIS C 31 30.23 16.88 -13.37
N LEU C 32 29.14 16.12 -13.51
CA LEU C 32 28.09 16.40 -14.49
C LEU C 32 28.59 16.21 -15.92
N ASP C 33 29.85 15.82 -16.09
CA ASP C 33 30.34 15.36 -17.38
C ASP C 33 31.21 14.11 -17.27
N LYS C 34 31.66 13.73 -16.09
CA LYS C 34 32.40 12.48 -15.91
C LYS C 34 32.35 12.08 -14.45
N VAL C 35 32.86 10.88 -14.17
CA VAL C 35 33.23 10.46 -12.83
C VAL C 35 34.34 9.42 -12.98
N ASP C 36 35.22 9.37 -11.98
CA ASP C 36 36.41 8.53 -12.11
C ASP C 36 36.00 7.06 -12.19
N PRO C 37 36.78 6.26 -12.92
CA PRO C 37 36.38 4.86 -13.17
C PRO C 37 36.54 3.97 -11.95
N VAL C 38 35.76 2.88 -11.94
CA VAL C 38 36.05 1.77 -11.05
C VAL C 38 37.17 0.95 -11.66
N ASP C 39 38.23 0.70 -10.88
CA ASP C 39 39.47 0.14 -11.42
C ASP C 39 40.05 -0.92 -10.48
N GLY C 40 39.19 -1.80 -9.96
CA GLY C 40 39.63 -2.74 -8.95
C GLY C 40 40.43 -3.91 -9.50
N VAL C 41 40.92 -4.73 -8.57
CA VAL C 41 41.72 -5.91 -8.86
C VAL C 41 41.23 -7.06 -7.98
N VAL C 42 41.24 -8.27 -8.53
CA VAL C 42 40.76 -9.46 -7.83
C VAL C 42 41.85 -10.51 -7.80
N LEU C 43 41.95 -11.22 -6.68
CA LEU C 43 42.99 -12.21 -6.43
C LEU C 43 42.37 -13.58 -6.17
N VAL C 44 42.79 -14.60 -6.94
CA VAL C 44 42.38 -15.97 -6.67
C VAL C 44 43.32 -16.94 -7.38
N ASP C 45 43.78 -17.97 -6.66
CA ASP C 45 44.51 -19.08 -7.25
C ASP C 45 43.52 -20.17 -7.66
N PRO C 46 43.45 -20.54 -8.95
CA PRO C 46 42.25 -21.26 -9.44
C PRO C 46 42.10 -22.68 -8.95
N ASP C 47 43.07 -23.27 -8.26
CA ASP C 47 42.89 -24.66 -7.85
C ASP C 47 41.72 -24.82 -6.87
N TYR C 48 41.27 -23.72 -6.25
CA TYR C 48 40.03 -23.75 -5.49
C TYR C 48 38.82 -24.04 -6.39
N LEU C 49 38.66 -23.26 -7.45
CA LEU C 49 37.52 -23.40 -8.34
C LEU C 49 37.66 -24.56 -9.31
N LYS C 50 38.88 -24.87 -9.71
CA LYS C 50 39.27 -26.06 -10.46
C LYS C 50 38.82 -26.06 -11.92
N ASP C 51 37.73 -25.36 -12.27
CA ASP C 51 37.52 -24.96 -13.65
C ASP C 51 36.56 -23.78 -13.83
N ARG C 52 35.88 -23.37 -12.76
CA ARG C 52 34.73 -22.48 -12.89
C ARG C 52 35.17 -21.07 -13.25
N LYS C 53 34.27 -20.33 -13.91
CA LYS C 53 34.60 -19.04 -14.48
C LYS C 53 34.30 -17.91 -13.50
N VAL C 54 35.21 -16.93 -13.46
CA VAL C 54 35.22 -15.89 -12.44
C VAL C 54 34.70 -14.60 -13.06
N PHE C 55 33.80 -13.93 -12.34
CA PHE C 55 33.17 -12.72 -12.85
C PHE C 55 33.00 -11.71 -11.71
N VAL C 56 32.92 -10.44 -12.09
CA VAL C 56 32.67 -9.33 -11.18
C VAL C 56 31.47 -8.57 -11.72
N THR C 57 30.64 -8.05 -10.80
CA THR C 57 29.33 -7.55 -11.16
C THR C 57 29.04 -6.25 -10.40
N LEU C 58 28.26 -5.38 -11.05
CA LEU C 58 27.95 -4.04 -10.57
C LEU C 58 26.45 -3.80 -10.63
N THR C 59 25.95 -3.01 -9.68
CA THR C 59 24.55 -2.58 -9.73
C THR C 59 24.37 -1.31 -8.90
N VAL C 60 23.29 -0.60 -9.21
CA VAL C 60 22.66 0.35 -8.31
C VAL C 60 21.25 -0.15 -8.04
N ALA C 61 20.93 -0.39 -6.78
CA ALA C 61 19.71 -1.08 -6.39
C ALA C 61 18.89 -0.20 -5.46
N PHE C 62 17.59 -0.10 -5.73
CA PHE C 62 16.66 0.39 -4.72
C PHE C 62 16.36 -0.73 -3.74
N ARG C 63 16.40 -0.41 -2.45
CA ARG C 63 16.39 -1.44 -1.42
C ARG C 63 15.56 -0.99 -0.23
N TYR C 64 15.08 -1.99 0.51
CA TYR C 64 14.31 -1.78 1.72
C TYR C 64 14.51 -2.98 2.62
N GLY C 65 14.58 -2.73 3.93
CA GLY C 65 14.75 -3.80 4.89
C GLY C 65 16.19 -4.16 5.14
N ARG C 66 16.51 -4.48 6.40
CA ARG C 66 17.88 -4.79 6.77
C ARG C 66 18.28 -6.16 6.23
N GLU C 67 19.60 -6.33 6.04
CA GLU C 67 20.15 -7.62 5.63
C GLU C 67 20.24 -8.60 6.81
N ASP C 68 20.23 -8.10 8.05
CA ASP C 68 20.48 -8.93 9.22
C ASP C 68 19.18 -9.58 9.68
N CYS C 69 18.77 -10.61 8.94
CA CYS C 69 17.77 -11.57 9.40
C CYS C 69 16.50 -10.89 9.90
N ASP C 70 16.07 -9.83 9.22
CA ASP C 70 14.80 -9.21 9.58
C ASP C 70 13.66 -10.19 9.36
N VAL C 71 12.57 -10.00 10.10
CA VAL C 71 11.52 -11.01 10.19
C VAL C 71 10.20 -10.53 9.61
N LEU C 72 10.27 -9.75 8.53
CA LEU C 72 9.05 -9.23 7.91
C LEU C 72 9.30 -9.01 6.43
N GLY C 73 8.20 -8.93 5.66
CA GLY C 73 8.29 -8.72 4.23
C GLY C 73 9.15 -7.52 3.90
N LEU C 74 10.03 -7.66 2.92
CA LEU C 74 11.12 -6.72 2.73
C LEU C 74 11.72 -6.89 1.34
N SER C 75 12.80 -6.16 1.07
CA SER C 75 13.63 -6.37 -0.12
C SER C 75 12.83 -6.18 -1.40
N PHE C 76 12.26 -4.99 -1.57
CA PHE C 76 11.46 -4.66 -2.74
C PHE C 76 12.37 -4.22 -3.88
N ARG C 77 13.31 -5.10 -4.27
CA ARG C 77 14.37 -4.71 -5.19
C ARG C 77 13.83 -4.26 -6.55
N LYS C 78 14.22 -3.06 -6.96
CA LYS C 78 14.22 -2.65 -8.36
C LYS C 78 15.63 -2.20 -8.70
N ASP C 79 16.28 -2.91 -9.61
CA ASP C 79 17.62 -2.52 -10.03
C ASP C 79 17.53 -1.33 -10.97
N LEU C 80 18.24 -0.26 -10.64
CA LEU C 80 18.26 0.90 -11.53
C LEU C 80 19.19 0.66 -12.70
N PHE C 81 20.27 -0.08 -12.50
CA PHE C 81 21.27 -0.28 -13.55
C PHE C 81 22.24 -1.35 -13.08
N ILE C 82 22.76 -2.13 -14.04
CA ILE C 82 23.57 -3.29 -13.73
C ILE C 82 24.61 -3.47 -14.84
N ALA C 83 25.67 -4.21 -14.51
CA ALA C 83 26.69 -4.57 -15.48
C ALA C 83 27.49 -5.73 -14.92
N ASN C 84 28.20 -6.43 -15.83
CA ASN C 84 29.04 -7.56 -15.45
C ASN C 84 30.30 -7.57 -16.31
N TYR C 85 31.35 -8.19 -15.78
CA TYR C 85 32.63 -8.25 -16.46
C TYR C 85 33.35 -9.54 -16.06
N GLN C 86 34.11 -10.10 -17.00
CA GLN C 86 34.76 -11.38 -16.81
C GLN C 86 36.13 -11.18 -16.16
N ALA C 87 36.33 -11.80 -15.01
CA ALA C 87 37.65 -11.76 -14.36
C ALA C 87 38.57 -12.83 -14.92
N PHE C 88 38.07 -14.07 -15.02
CA PHE C 88 38.83 -15.18 -15.56
C PHE C 88 37.86 -16.10 -16.28
N PRO C 89 38.25 -16.66 -17.43
CA PRO C 89 39.50 -16.49 -18.18
C PRO C 89 39.72 -15.06 -18.67
N PRO C 90 40.97 -14.66 -18.88
CA PRO C 90 41.25 -13.28 -19.30
C PRO C 90 40.65 -12.97 -20.67
N THR C 91 40.31 -11.71 -20.86
CA THR C 91 39.64 -11.25 -22.06
C THR C 91 40.23 -9.92 -22.47
N ARG C 96 40.33 1.18 -20.57
CA ARG C 96 40.48 -0.27 -20.67
C ARG C 96 41.85 -0.74 -20.14
N PRO C 97 42.94 -0.17 -20.63
CA PRO C 97 44.26 -0.66 -20.20
C PRO C 97 44.53 -0.32 -18.75
N PRO C 98 45.30 -1.14 -18.04
CA PRO C 98 45.44 -0.95 -16.59
C PRO C 98 46.04 0.41 -16.24
N THR C 99 45.62 0.93 -15.08
CA THR C 99 46.05 2.22 -14.59
C THR C 99 47.21 2.09 -13.60
N ARG C 100 47.70 3.23 -13.12
CA ARG C 100 48.78 3.28 -12.15
C ARG C 100 48.60 2.28 -11.02
N LEU C 101 47.53 2.46 -10.23
CA LEU C 101 47.37 1.62 -9.05
C LEU C 101 47.14 0.16 -9.44
N GLN C 102 46.46 -0.09 -10.56
CA GLN C 102 46.26 -1.47 -10.98
C GLN C 102 47.59 -2.16 -11.26
N GLU C 103 48.51 -1.49 -11.95
CA GLU C 103 49.80 -2.11 -12.27
C GLU C 103 50.67 -2.24 -11.03
N ARG C 104 50.71 -1.20 -10.20
CA ARG C 104 51.41 -1.30 -8.93
C ARG C 104 50.88 -2.45 -8.08
N LEU C 105 49.55 -2.60 -8.06
CA LEU C 105 48.93 -3.69 -7.31
C LEU C 105 49.30 -5.04 -7.91
N LEU C 106 49.36 -5.14 -9.23
CA LEU C 106 49.81 -6.37 -9.86
C LEU C 106 51.21 -6.71 -9.39
N ARG C 107 52.12 -5.74 -9.44
CA ARG C 107 53.49 -5.98 -8.99
C ARG C 107 53.52 -6.39 -7.52
N LYS C 108 52.70 -5.75 -6.69
CA LYS C 108 52.61 -6.11 -5.29
C LYS C 108 52.13 -7.54 -5.09
N LEU C 109 51.06 -7.92 -5.78
CA LEU C 109 50.25 -9.09 -5.45
C LEU C 109 50.74 -10.37 -6.14
N GLY C 110 51.12 -10.27 -7.41
CA GLY C 110 51.53 -11.44 -8.16
C GLY C 110 50.50 -11.90 -9.18
N GLN C 111 50.88 -12.95 -9.90
CA GLN C 111 50.20 -13.35 -11.13
C GLN C 111 48.80 -13.93 -10.88
N HIS C 112 48.44 -14.29 -9.65
CA HIS C 112 47.08 -14.73 -9.36
C HIS C 112 46.10 -13.57 -9.20
N ALA C 113 46.56 -12.32 -9.25
CA ALA C 113 45.69 -11.16 -9.15
C ALA C 113 45.48 -10.56 -10.53
N HIS C 114 44.25 -10.12 -10.81
CA HIS C 114 43.88 -9.71 -12.15
C HIS C 114 42.99 -8.47 -12.13
N PRO C 115 43.13 -7.57 -13.10
CA PRO C 115 42.41 -6.30 -13.05
C PRO C 115 41.03 -6.35 -13.70
N PHE C 116 40.18 -5.40 -13.29
CA PHE C 116 38.85 -5.23 -13.87
C PHE C 116 38.46 -3.76 -13.83
N PHE C 117 37.39 -3.43 -14.55
CA PHE C 117 37.12 -2.05 -14.92
C PHE C 117 35.63 -1.82 -15.14
N PHE C 118 35.15 -0.64 -14.71
CA PHE C 118 33.82 -0.14 -15.04
C PHE C 118 33.89 1.37 -15.21
N THR C 119 32.91 1.88 -15.97
CA THR C 119 32.67 3.32 -16.10
C THR C 119 31.21 3.59 -15.76
N ILE C 120 31.00 4.46 -14.78
CA ILE C 120 29.64 4.83 -14.40
C ILE C 120 29.06 5.80 -15.43
N PRO C 121 27.84 5.54 -15.93
CA PRO C 121 27.20 6.54 -16.79
C PRO C 121 26.88 7.82 -16.04
N GLN C 122 26.54 8.85 -16.81
CA GLN C 122 26.17 10.16 -16.29
C GLN C 122 24.68 10.28 -15.98
N ASN C 123 24.02 9.16 -15.69
CA ASN C 123 22.57 9.09 -15.80
C ASN C 123 21.93 8.44 -14.58
N LEU C 124 22.41 8.71 -13.38
CA LEU C 124 21.87 8.01 -12.22
C LEU C 124 22.09 8.82 -10.96
N PRO C 125 21.37 8.52 -9.88
CA PRO C 125 21.35 9.40 -8.70
C PRO C 125 22.54 9.18 -7.78
N SER C 126 22.56 10.00 -6.73
CA SER C 126 23.48 9.86 -5.60
C SER C 126 22.89 8.91 -4.57
N SER C 127 23.73 8.49 -3.62
CA SER C 127 23.29 7.64 -2.53
C SER C 127 22.51 8.47 -1.51
N VAL C 128 21.30 8.02 -1.16
CA VAL C 128 20.43 8.74 -0.24
C VAL C 128 19.55 7.74 0.50
N THR C 129 19.02 8.19 1.64
CA THR C 129 18.22 7.34 2.50
C THR C 129 17.27 8.21 3.31
N LEU C 130 16.20 7.59 3.82
CA LEU C 130 15.18 8.28 4.59
C LEU C 130 15.21 7.83 6.04
N GLN C 131 14.79 8.72 6.93
CA GLN C 131 14.76 8.44 8.36
C GLN C 131 13.66 7.42 8.68
N PRO C 132 13.99 6.29 9.32
CA PRO C 132 12.92 5.36 9.72
C PRO C 132 12.04 5.94 10.81
N GLY C 133 10.77 5.53 10.80
CA GLY C 133 9.86 5.87 11.86
C GLY C 133 10.06 5.00 13.09
N PRO C 134 9.47 5.39 14.22
CA PRO C 134 9.58 4.55 15.41
C PRO C 134 8.77 3.28 15.32
N GLU C 135 7.65 3.31 14.58
CA GLU C 135 6.85 2.11 14.39
C GLU C 135 7.31 1.28 13.21
N ASP C 136 7.93 1.90 12.21
CA ASP C 136 8.64 1.14 11.20
C ASP C 136 9.90 0.53 11.81
N THR C 137 10.51 -0.41 11.09
CA THR C 137 11.64 -1.15 11.61
C THR C 137 12.65 -1.40 10.49
N GLY C 138 13.88 -1.68 10.90
CA GLY C 138 14.93 -2.04 9.97
C GLY C 138 15.36 -0.87 9.12
N LYS C 139 16.17 -1.20 8.11
CA LYS C 139 16.72 -0.20 7.20
C LYS C 139 15.63 0.32 6.28
N ALA C 140 15.26 1.58 6.44
CA ALA C 140 14.22 2.15 5.61
C ALA C 140 14.71 2.26 4.16
N LEU C 141 13.76 2.55 3.27
CA LEU C 141 14.03 2.53 1.85
C LEU C 141 15.16 3.48 1.47
N GLY C 142 15.92 3.09 0.45
CA GLY C 142 17.03 3.88 -0.04
C GLY C 142 17.56 3.33 -1.35
N VAL C 143 18.55 4.02 -1.90
CA VAL C 143 19.21 3.64 -3.15
C VAL C 143 20.70 3.53 -2.88
N ASP C 144 21.31 2.43 -3.34
CA ASP C 144 22.69 2.10 -3.01
C ASP C 144 23.48 1.75 -4.26
N PHE C 145 24.78 1.99 -4.20
CA PHE C 145 25.73 1.47 -5.16
C PHE C 145 26.42 0.26 -4.55
N GLU C 146 26.50 -0.82 -5.33
CA GLU C 146 27.02 -2.08 -4.81
C GLU C 146 27.80 -2.82 -5.89
N ILE C 147 28.86 -3.51 -5.45
CA ILE C 147 29.79 -4.21 -6.33
C ILE C 147 30.05 -5.59 -5.72
N ARG C 148 30.06 -6.61 -6.56
CA ARG C 148 30.11 -8.00 -6.08
C ARG C 148 30.79 -8.88 -7.11
N ALA C 149 31.55 -9.86 -6.63
CA ALA C 149 32.27 -10.80 -7.47
C ALA C 149 31.99 -12.23 -7.01
N PHE C 150 32.03 -13.17 -7.96
CA PHE C 150 31.83 -14.57 -7.65
C PHE C 150 32.29 -15.41 -8.83
N VAL C 151 32.42 -16.72 -8.57
CA VAL C 151 32.95 -17.68 -9.53
C VAL C 151 31.88 -18.75 -9.75
N ALA C 152 31.60 -19.05 -11.02
CA ALA C 152 30.65 -20.09 -11.35
C ALA C 152 30.86 -20.50 -12.80
N LYS C 153 30.24 -21.62 -13.19
CA LYS C 153 30.33 -22.07 -14.57
C LYS C 153 29.43 -21.28 -15.50
N SER C 154 28.62 -20.36 -14.97
CA SER C 154 27.83 -19.44 -15.77
C SER C 154 27.33 -18.32 -14.88
N LEU C 155 26.76 -17.29 -15.51
CA LEU C 155 26.12 -16.21 -14.75
C LEU C 155 24.78 -16.62 -14.17
N GLU C 156 24.26 -17.78 -14.56
CA GLU C 156 22.94 -18.23 -14.12
C GLU C 156 22.97 -19.02 -12.81
N GLU C 157 24.08 -19.66 -12.49
CA GLU C 157 24.07 -20.67 -11.43
C GLU C 157 23.98 -20.02 -10.04
N LYS C 158 23.63 -20.84 -9.06
CA LYS C 158 23.48 -20.38 -7.68
C LYS C 158 24.82 -20.05 -7.05
N SER C 159 24.78 -19.16 -6.07
CA SER C 159 25.96 -18.65 -5.39
C SER C 159 26.28 -19.47 -4.14
N HIS C 160 27.48 -19.23 -3.61
CA HIS C 160 27.87 -19.70 -2.29
C HIS C 160 28.66 -18.60 -1.59
N LYS C 161 28.64 -18.64 -0.25
CA LYS C 161 29.43 -17.69 0.50
C LYS C 161 30.92 -17.83 0.19
N ARG C 162 31.41 -19.07 0.11
CA ARG C 162 32.81 -19.30 -0.15
C ARG C 162 33.23 -18.81 -1.54
N ASN C 163 32.27 -18.69 -2.45
CA ASN C 163 32.56 -18.36 -3.84
C ASN C 163 32.39 -16.87 -4.18
N SER C 164 32.11 -16.02 -3.20
CA SER C 164 31.71 -14.66 -3.51
C SER C 164 32.14 -13.69 -2.41
N VAL C 165 32.16 -12.41 -2.78
CA VAL C 165 32.50 -11.32 -1.88
C VAL C 165 31.71 -10.10 -2.31
N ARG C 166 31.42 -9.20 -1.38
CA ARG C 166 30.49 -8.11 -1.61
C ARG C 166 31.00 -6.84 -0.93
N LEU C 167 30.73 -5.70 -1.57
CA LEU C 167 31.27 -4.42 -1.12
C LEU C 167 30.32 -3.30 -1.53
N VAL C 168 30.44 -2.14 -0.86
CA VAL C 168 29.53 -1.02 -1.03
C VAL C 168 30.34 0.25 -1.27
N ILE C 169 29.78 1.15 -2.08
CA ILE C 169 30.45 2.38 -2.52
C ILE C 169 29.40 3.47 -2.69
N ARG C 170 29.86 4.69 -3.02
CA ARG C 170 28.98 5.84 -3.08
C ARG C 170 29.32 6.76 -4.24
N LYS C 171 28.28 7.38 -4.80
CA LYS C 171 28.39 8.48 -5.76
C LYS C 171 28.00 9.77 -5.04
N VAL C 172 28.76 10.85 -5.25
CA VAL C 172 28.60 12.06 -4.47
C VAL C 172 28.85 13.29 -5.34
N GLN C 173 28.31 14.42 -4.88
CA GLN C 173 28.38 15.70 -5.60
C GLN C 173 28.93 16.78 -4.67
N PHE C 174 29.45 17.85 -5.27
CA PHE C 174 29.99 18.96 -4.50
C PHE C 174 29.62 20.30 -5.13
N ALA C 175 29.92 21.36 -4.39
CA ALA C 175 29.57 22.72 -4.74
C ALA C 175 30.20 23.15 -6.06
N PRO C 176 29.42 23.69 -7.01
CA PRO C 176 30.02 24.25 -8.22
C PRO C 176 30.82 25.52 -7.91
N GLU C 177 31.71 25.87 -8.84
CA GLU C 177 32.58 27.02 -8.63
C GLU C 177 31.87 28.35 -8.86
N LYS C 178 30.85 28.38 -9.71
CA LYS C 178 30.33 29.65 -10.24
C LYS C 178 29.16 30.14 -9.40
N PRO C 179 29.16 31.39 -8.95
CA PRO C 179 27.98 31.96 -8.30
C PRO C 179 26.94 32.39 -9.32
N GLY C 180 25.78 32.80 -8.81
CA GLY C 180 24.66 33.20 -9.63
C GLY C 180 23.89 34.39 -9.10
N PRO C 181 22.68 34.60 -9.61
CA PRO C 181 21.91 35.78 -9.23
C PRO C 181 21.37 35.69 -7.81
N GLN C 182 21.07 36.85 -7.24
CA GLN C 182 20.58 36.93 -5.87
C GLN C 182 19.16 36.38 -5.78
N PRO C 183 18.84 35.58 -4.76
CA PRO C 183 17.46 35.12 -4.55
C PRO C 183 16.63 36.15 -3.80
N SER C 184 15.59 36.66 -4.46
CA SER C 184 14.65 37.57 -3.82
C SER C 184 13.29 37.42 -4.49
N ALA C 185 12.24 37.74 -3.75
CA ALA C 185 10.87 37.57 -4.22
C ALA C 185 9.98 38.68 -3.67
N GLU C 186 9.03 39.12 -4.48
CA GLU C 186 8.11 40.17 -4.10
C GLU C 186 6.81 40.02 -4.88
N THR C 187 5.75 40.65 -4.38
CA THR C 187 4.46 40.61 -5.05
C THR C 187 3.59 41.73 -4.48
N THR C 188 2.87 42.41 -5.37
CA THR C 188 1.98 43.51 -4.99
C THR C 188 0.57 42.99 -4.70
N ARG C 189 0.46 42.21 -3.63
CA ARG C 189 -0.84 41.73 -3.20
C ARG C 189 -1.71 42.88 -2.72
N HIS C 190 -3.03 42.70 -2.82
CA HIS C 190 -3.98 43.74 -2.47
C HIS C 190 -5.34 43.11 -2.17
N PHE C 191 -6.20 43.89 -1.53
CA PHE C 191 -7.55 43.47 -1.17
C PHE C 191 -8.59 44.06 -2.12
N LEU C 192 -9.84 43.67 -1.90
CA LEU C 192 -10.94 43.98 -2.81
C LEU C 192 -11.59 45.34 -2.55
N MET C 193 -11.35 45.97 -1.39
CA MET C 193 -12.07 47.19 -1.06
C MET C 193 -11.80 48.29 -2.08
N SER C 194 -10.54 48.49 -2.45
CA SER C 194 -10.15 49.58 -3.32
C SER C 194 -8.77 49.26 -3.88
N ASP C 195 -8.13 50.25 -4.51
CA ASP C 195 -6.77 50.09 -4.98
C ASP C 195 -5.77 49.88 -3.84
N ARG C 196 -6.20 50.09 -2.60
CA ARG C 196 -5.33 49.93 -1.44
C ARG C 196 -4.73 48.53 -1.42
N SER C 197 -3.44 48.44 -1.09
CA SER C 197 -2.63 47.27 -1.42
C SER C 197 -1.69 46.92 -0.28
N LEU C 198 -1.08 45.74 -0.39
CA LEU C 198 -0.27 45.14 0.68
C LEU C 198 1.02 44.51 0.12
N HIS C 199 1.79 45.27 -0.64
CA HIS C 199 2.98 44.72 -1.29
C HIS C 199 3.98 44.17 -0.27
N LEU C 200 4.68 43.09 -0.67
CA LEU C 200 5.57 42.33 0.20
C LEU C 200 6.83 41.92 -0.56
N GLU C 201 7.92 41.71 0.18
CA GLU C 201 9.23 41.45 -0.42
C GLU C 201 10.15 40.78 0.59
N ALA C 202 11.12 40.01 0.08
CA ALA C 202 12.14 39.39 0.93
C ALA C 202 13.31 38.91 0.08
N SER C 203 14.42 38.57 0.76
CA SER C 203 15.61 38.06 0.09
C SER C 203 16.53 37.40 1.11
N LEU C 204 17.49 36.62 0.59
CA LEU C 204 18.51 35.94 1.39
C LEU C 204 19.91 36.50 1.11
N ASP C 205 20.88 35.95 1.84
CA ASP C 205 22.28 36.34 1.68
C ASP C 205 22.85 35.87 0.34
N LYS C 206 22.68 34.60 0.01
CA LYS C 206 23.24 34.04 -1.20
C LYS C 206 22.29 32.97 -1.74
N GLU C 207 22.59 32.51 -2.96
CA GLU C 207 21.86 31.39 -3.53
C GLU C 207 22.37 30.05 -3.03
N LEU C 208 23.50 30.02 -2.33
CA LEU C 208 24.14 28.77 -1.93
C LEU C 208 24.61 28.87 -0.48
N TYR C 209 24.64 27.71 0.18
CA TYR C 209 25.11 27.61 1.55
C TYR C 209 25.70 26.22 1.79
N TYR C 210 26.47 26.11 2.87
CA TYR C 210 26.95 24.83 3.37
C TYR C 210 26.12 24.40 4.57
N HIS C 211 26.20 23.11 4.89
CA HIS C 211 25.47 22.58 6.01
C HIS C 211 25.92 23.26 7.31
N GLY C 212 24.95 23.68 8.11
CA GLY C 212 25.23 24.36 9.35
C GLY C 212 25.48 25.85 9.22
N GLU C 213 25.41 26.39 8.02
CA GLU C 213 25.51 27.84 7.89
C GLU C 213 24.20 28.49 8.32
N PRO C 214 24.27 29.72 8.84
CA PRO C 214 23.04 30.46 9.15
C PRO C 214 22.53 31.20 7.91
N LEU C 215 21.22 31.18 7.72
CA LEU C 215 20.58 31.93 6.64
C LEU C 215 19.86 33.14 7.19
N ASN C 216 20.21 34.32 6.69
CA ASN C 216 19.42 35.52 6.95
C ASN C 216 18.33 35.65 5.88
N VAL C 217 17.17 36.14 6.31
CA VAL C 217 16.12 36.56 5.40
C VAL C 217 15.81 38.02 5.70
N ASN C 218 16.09 38.89 4.75
CA ASN C 218 15.62 40.26 4.80
C ASN C 218 14.21 40.31 4.25
N VAL C 219 13.29 40.91 5.00
CA VAL C 219 11.86 40.86 4.68
C VAL C 219 11.28 42.26 4.87
N HIS C 220 10.36 42.62 3.97
CA HIS C 220 9.74 43.95 3.93
C HIS C 220 8.26 43.82 3.64
N VAL C 221 7.48 44.78 4.14
CA VAL C 221 6.06 44.89 3.84
C VAL C 221 5.72 46.37 3.63
N THR C 222 4.95 46.65 2.58
CA THR C 222 4.29 47.95 2.40
C THR C 222 2.80 47.72 2.57
N ASN C 223 2.23 48.25 3.65
CA ASN C 223 0.82 48.06 3.97
C ASN C 223 0.07 49.37 3.76
N ASN C 224 -0.41 49.57 2.53
CA ASN C 224 -1.37 50.63 2.23
C ASN C 224 -2.78 50.07 2.08
N SER C 225 -3.10 49.04 2.87
CA SER C 225 -4.34 48.30 2.77
C SER C 225 -5.34 48.78 3.82
N THR C 226 -6.44 48.05 3.96
CA THR C 226 -7.49 48.32 4.93
C THR C 226 -7.28 47.60 6.25
N LYS C 227 -6.19 46.85 6.41
CA LYS C 227 -6.04 45.95 7.55
C LYS C 227 -4.68 46.18 8.21
N THR C 228 -4.54 45.61 9.40
CA THR C 228 -3.28 45.60 10.14
C THR C 228 -2.67 44.20 10.08
N VAL C 229 -1.40 44.13 9.67
CA VAL C 229 -0.67 42.87 9.72
C VAL C 229 -0.38 42.54 11.19
N LYS C 230 -0.65 41.30 11.58
CA LYS C 230 -0.63 40.91 12.99
C LYS C 230 0.53 39.99 13.36
N LYS C 231 0.95 39.08 12.48
CA LYS C 231 2.08 38.21 12.75
C LYS C 231 2.85 37.95 11.47
N ILE C 232 4.07 37.44 11.63
CA ILE C 232 4.92 37.01 10.52
C ILE C 232 5.41 35.61 10.81
N LYS C 233 5.45 34.77 9.78
CA LYS C 233 5.97 33.42 9.88
C LYS C 233 6.83 33.10 8.67
N VAL C 234 7.88 32.33 8.90
CA VAL C 234 8.83 31.95 7.86
C VAL C 234 9.26 30.51 8.10
N SER C 235 9.54 29.79 7.02
CA SER C 235 9.98 28.41 7.11
C SER C 235 10.89 28.06 5.94
N VAL C 236 11.73 27.05 6.15
CA VAL C 236 12.48 26.40 5.10
C VAL C 236 12.03 24.96 5.03
N ARG C 237 11.80 24.46 3.81
CA ARG C 237 11.06 23.22 3.61
C ARG C 237 11.82 22.30 2.67
N GLN C 238 11.77 21.00 2.98
CA GLN C 238 12.39 19.99 2.15
C GLN C 238 11.37 19.43 1.16
N TYR C 239 11.74 19.40 -0.11
CA TYR C 239 10.93 18.81 -1.17
C TYR C 239 11.67 17.60 -1.71
N ALA C 240 10.96 16.48 -1.84
CA ALA C 240 11.53 15.25 -2.37
C ALA C 240 10.64 14.74 -3.50
N ASP C 241 11.28 14.21 -4.55
CA ASP C 241 10.60 13.61 -5.68
C ASP C 241 11.00 12.15 -5.79
N ILE C 242 10.06 11.33 -6.24
CA ILE C 242 10.31 9.92 -6.52
C ILE C 242 9.81 9.61 -7.91
N VAL C 243 10.70 9.07 -8.74
CA VAL C 243 10.28 8.54 -10.04
C VAL C 243 10.81 7.11 -10.15
N LEU C 244 9.99 6.16 -9.70
CA LEU C 244 10.32 4.76 -9.83
C LEU C 244 9.48 4.07 -10.90
N PHE C 245 8.15 4.09 -10.73
CA PHE C 245 7.23 3.79 -11.82
C PHE C 245 6.23 4.92 -11.94
N SER C 246 5.79 5.45 -10.81
CA SER C 246 4.94 6.64 -10.79
C SER C 246 5.78 7.90 -10.58
N THR C 247 5.18 9.05 -10.92
CA THR C 247 5.68 10.31 -10.41
C THR C 247 4.99 10.62 -9.09
N ALA C 248 5.77 10.97 -8.08
CA ALA C 248 5.23 11.19 -6.75
C ALA C 248 6.11 12.18 -6.01
N GLN C 249 5.57 12.73 -4.93
CA GLN C 249 6.24 13.78 -4.18
C GLN C 249 5.99 13.60 -2.68
N TYR C 250 6.97 14.05 -1.90
CA TYR C 250 6.86 14.12 -0.45
C TYR C 250 7.54 15.40 -0.01
N LYS C 251 7.05 15.99 1.09
CA LYS C 251 7.47 17.33 1.44
C LYS C 251 7.27 17.56 2.93
N VAL C 252 8.23 18.25 3.54
CA VAL C 252 8.26 18.45 5.00
C VAL C 252 8.86 19.81 5.32
N PRO C 253 8.28 20.57 6.25
CA PRO C 253 9.00 21.72 6.80
C PRO C 253 10.06 21.26 7.79
N VAL C 254 11.25 21.83 7.69
CA VAL C 254 12.39 21.31 8.43
C VAL C 254 13.04 22.33 9.36
N ALA C 255 12.78 23.62 9.21
CA ALA C 255 13.12 24.61 10.22
C ALA C 255 12.19 25.81 10.03
N GLN C 256 11.76 26.40 11.14
CA GLN C 256 10.66 27.34 11.11
C GLN C 256 10.83 28.37 12.21
N VAL C 257 10.31 29.58 11.96
CA VAL C 257 10.45 30.70 12.87
C VAL C 257 9.23 31.60 12.73
N GLU C 258 8.98 32.41 13.76
CA GLU C 258 7.80 33.26 13.81
C GLU C 258 8.08 34.49 14.67
N GLN C 259 7.34 35.56 14.42
CA GLN C 259 7.33 36.71 15.31
C GLN C 259 6.05 37.52 15.13
N ASP C 260 5.62 38.17 16.22
CA ASP C 260 4.45 39.04 16.21
C ASP C 260 4.76 40.48 15.81
N ASP C 261 5.38 40.68 14.65
CA ASP C 261 5.59 42.04 14.17
C ASP C 261 4.28 42.63 13.67
N GLN C 262 4.13 43.94 13.80
CA GLN C 262 2.92 44.65 13.43
C GLN C 262 3.18 45.57 12.25
N VAL C 263 2.22 45.63 11.32
CA VAL C 263 2.24 46.60 10.24
C VAL C 263 0.84 47.14 10.05
N SER C 264 0.59 48.33 10.58
CA SER C 264 -0.71 48.96 10.46
C SER C 264 -0.96 49.37 9.01
N PRO C 265 -2.23 49.53 8.63
CA PRO C 265 -2.51 50.07 7.30
C PRO C 265 -1.95 51.47 7.15
N SER C 266 -1.57 51.82 5.92
CA SER C 266 -0.87 53.07 5.66
C SER C 266 0.45 53.14 6.43
N SER C 267 1.13 52.01 6.53
CA SER C 267 2.42 51.91 7.20
C SER C 267 3.26 50.85 6.51
N THR C 268 4.56 50.92 6.76
CA THR C 268 5.53 50.02 6.14
C THR C 268 6.53 49.56 7.19
N PHE C 269 7.12 48.39 6.95
CA PHE C 269 7.98 47.74 7.93
C PHE C 269 8.99 46.84 7.22
N SER C 270 10.15 46.68 7.83
CA SER C 270 11.14 45.71 7.38
C SER C 270 12.02 45.30 8.55
N LYS C 271 12.54 44.09 8.46
CA LYS C 271 13.45 43.54 9.47
C LYS C 271 14.18 42.36 8.84
N VAL C 272 15.29 41.98 9.45
CA VAL C 272 16.07 40.81 9.02
C VAL C 272 15.91 39.71 10.06
N TYR C 273 15.54 38.53 9.61
CA TYR C 273 15.45 37.35 10.45
C TYR C 273 16.50 36.32 10.03
N THR C 274 16.79 35.39 10.93
CA THR C 274 17.86 34.42 10.71
C THR C 274 17.36 33.04 11.13
N ILE C 275 17.88 32.01 10.46
CA ILE C 275 17.40 30.64 10.64
C ILE C 275 18.53 29.67 10.36
N THR C 276 18.46 28.49 10.99
CA THR C 276 19.51 27.49 10.92
C THR C 276 18.93 26.08 10.85
N PRO C 277 19.07 25.38 9.72
CA PRO C 277 18.67 23.97 9.68
C PRO C 277 19.62 23.11 10.50
N PHE C 278 19.06 22.18 11.28
CA PHE C 278 19.87 21.23 12.03
C PHE C 278 19.04 19.99 12.31
N LEU C 279 19.73 18.89 12.62
CA LEU C 279 19.10 17.58 12.70
C LEU C 279 18.51 17.28 14.08
N ALA C 280 19.17 17.74 15.14
CA ALA C 280 18.91 17.19 16.47
C ALA C 280 17.44 17.22 16.85
N ASN C 281 16.72 18.27 16.47
CA ASN C 281 15.35 18.43 16.92
C ASN C 281 14.36 17.62 16.11
N ASN C 282 14.80 16.91 15.07
CA ASN C 282 13.90 16.25 14.12
C ASN C 282 14.19 14.76 13.97
N ARG C 283 14.66 14.11 15.04
CA ARG C 283 14.98 12.69 14.96
C ARG C 283 13.79 11.86 14.47
N GLU C 284 12.58 12.22 14.87
CA GLU C 284 11.42 11.34 14.78
C GLU C 284 10.63 11.47 13.48
N LYS C 285 10.95 12.44 12.63
CA LYS C 285 10.08 12.76 11.50
C LYS C 285 10.26 11.72 10.41
N ARG C 286 9.40 10.71 10.45
CA ARG C 286 9.47 9.60 9.51
C ARG C 286 9.35 10.12 8.08
N GLY C 287 10.32 9.78 7.25
CA GLY C 287 10.38 10.28 5.89
C GLY C 287 11.31 11.46 5.67
N LEU C 288 12.08 11.86 6.68
CA LEU C 288 13.09 12.89 6.47
C LEU C 288 14.30 12.31 5.74
N ALA C 289 14.91 13.13 4.88
CA ALA C 289 15.92 12.64 3.93
C ALA C 289 17.34 12.93 4.43
N LEU C 290 18.26 12.01 4.09
CA LEU C 290 19.65 12.10 4.48
C LEU C 290 20.54 11.64 3.33
N ASP C 291 21.79 12.09 3.34
CA ASP C 291 22.78 11.51 2.45
C ASP C 291 23.13 10.10 2.89
N GLY C 292 23.50 9.27 1.91
CA GLY C 292 23.65 7.85 2.15
C GLY C 292 24.76 7.55 3.13
N LYS C 293 24.43 6.93 4.27
CA LYS C 293 25.44 6.38 5.14
C LYS C 293 25.95 5.06 4.58
N LEU C 294 27.13 4.65 5.02
CA LEU C 294 27.65 3.36 4.56
C LEU C 294 26.79 2.23 5.07
N LYS C 295 26.70 2.07 6.40
CA LYS C 295 25.99 0.89 6.97
C LYS C 295 24.90 1.29 7.95
N HIS C 296 25.24 2.09 8.96
CA HIS C 296 24.28 2.50 9.98
C HIS C 296 24.59 3.84 10.65
N GLU C 297 25.59 4.57 10.17
CA GLU C 297 26.09 5.72 10.91
C GLU C 297 25.14 6.90 10.84
N ASP C 298 25.36 7.85 11.75
CA ASP C 298 24.68 9.15 11.70
C ASP C 298 25.30 10.02 10.61
N THR C 299 24.52 10.97 10.11
CA THR C 299 24.97 11.81 9.01
C THR C 299 24.08 13.07 8.93
N ASN C 300 24.49 13.99 8.08
CA ASN C 300 23.84 15.27 7.94
C ASN C 300 22.61 15.18 7.04
N LEU C 301 21.76 16.20 7.12
CA LEU C 301 20.58 16.25 6.25
C LEU C 301 21.00 16.20 4.79
N ALA C 302 20.12 15.64 3.97
CA ALA C 302 20.44 15.35 2.58
C ALA C 302 20.85 16.60 1.83
N SER C 303 21.97 16.49 1.10
CA SER C 303 22.40 17.57 0.23
C SER C 303 21.44 17.75 -0.94
N SER C 304 21.26 18.99 -1.35
CA SER C 304 20.51 19.27 -2.58
C SER C 304 21.29 18.72 -3.77
N THR C 305 20.66 17.82 -4.51
CA THR C 305 21.29 17.23 -5.68
C THR C 305 21.24 18.21 -6.85
N ILE C 306 22.32 18.20 -7.64
CA ILE C 306 22.46 19.11 -8.78
C ILE C 306 22.30 18.29 -10.06
N VAL C 307 21.36 18.71 -10.90
CA VAL C 307 21.11 18.05 -12.17
C VAL C 307 22.04 18.62 -13.23
N LYS C 308 22.24 17.83 -14.29
CA LYS C 308 22.99 18.29 -15.45
C LYS C 308 22.21 19.38 -16.18
N GLU C 309 22.86 19.96 -17.19
CA GLU C 309 22.24 21.02 -17.98
C GLU C 309 21.22 20.50 -18.98
N GLY C 310 21.31 19.22 -19.35
CA GLY C 310 20.41 18.67 -20.35
C GLY C 310 19.09 18.23 -19.76
N ALA C 311 18.12 17.97 -20.65
CA ALA C 311 16.78 17.53 -20.19
C ALA C 311 16.91 16.14 -19.57
N ASN C 312 17.48 15.18 -20.31
CA ASN C 312 17.64 13.80 -19.80
C ASN C 312 16.28 13.22 -19.38
N LYS C 313 16.28 12.14 -18.59
CA LYS C 313 15.00 11.57 -18.08
C LYS C 313 15.13 11.37 -16.57
N GLU C 314 16.27 10.86 -16.11
CA GLU C 314 16.52 10.69 -14.68
C GLU C 314 15.42 9.89 -13.98
N VAL C 315 14.75 8.98 -14.69
CA VAL C 315 13.70 8.19 -14.06
C VAL C 315 14.32 7.14 -13.15
N LEU C 316 14.85 7.56 -12.01
CA LEU C 316 15.67 6.67 -11.18
C LEU C 316 15.38 6.83 -9.69
N GLY C 317 14.15 7.12 -9.32
CA GLY C 317 13.80 7.19 -7.91
C GLY C 317 13.97 8.54 -7.25
N ILE C 318 14.89 8.64 -6.29
CA ILE C 318 14.88 9.77 -5.37
C ILE C 318 15.48 11.01 -6.02
N LEU C 319 14.90 12.17 -5.68
CA LEU C 319 15.46 13.48 -6.01
C LEU C 319 14.95 14.45 -4.96
N VAL C 320 15.65 15.58 -4.80
CA VAL C 320 15.42 16.44 -3.63
C VAL C 320 15.86 17.87 -3.93
N SER C 321 15.24 18.81 -3.22
CA SER C 321 15.63 20.22 -3.26
C SER C 321 14.92 20.93 -2.10
N TYR C 322 15.25 22.22 -1.93
CA TYR C 322 14.74 23.02 -0.82
C TYR C 322 14.24 24.38 -1.29
N ARG C 323 13.36 24.96 -0.47
CA ARG C 323 12.85 26.32 -0.65
C ARG C 323 12.57 26.96 0.70
N VAL C 324 12.63 28.30 0.73
CA VAL C 324 12.09 29.08 1.83
C VAL C 324 10.67 29.53 1.51
N LYS C 325 9.87 29.70 2.55
CA LYS C 325 8.50 30.20 2.41
C LYS C 325 8.25 31.25 3.48
N VAL C 326 7.52 32.30 3.11
CA VAL C 326 7.28 33.45 3.97
C VAL C 326 5.78 33.73 3.96
N LYS C 327 5.22 34.02 5.14
CA LYS C 327 3.79 34.25 5.28
C LYS C 327 3.50 35.48 6.12
N LEU C 328 2.50 36.25 5.69
CA LEU C 328 1.96 37.36 6.45
C LEU C 328 0.62 36.93 7.07
N VAL C 329 0.45 37.23 8.35
CA VAL C 329 -0.80 36.98 9.07
C VAL C 329 -1.39 38.33 9.45
N VAL C 330 -2.64 38.55 9.08
CA VAL C 330 -3.23 39.89 9.06
C VAL C 330 -4.54 39.89 9.84
N SER C 331 -4.80 40.99 10.56
CA SER C 331 -6.04 41.14 11.30
C SER C 331 -7.22 41.23 10.33
N ARG C 332 -8.38 40.78 10.81
CA ARG C 332 -9.59 40.67 10.01
C ARG C 332 -9.29 40.08 8.64
N GLY C 333 -8.58 38.95 8.65
CA GLY C 333 -8.42 38.11 7.48
C GLY C 333 -7.34 38.55 6.52
N GLY C 334 -7.15 37.72 5.50
CA GLY C 334 -6.30 38.07 4.38
C GLY C 334 -4.85 37.67 4.50
N ASP C 335 -4.55 36.51 5.06
CA ASP C 335 -3.17 36.04 5.11
C ASP C 335 -2.67 35.71 3.70
N VAL C 336 -1.35 35.87 3.51
CA VAL C 336 -0.74 35.72 2.19
C VAL C 336 0.70 35.26 2.40
N SER C 337 1.25 34.57 1.39
CA SER C 337 2.55 33.93 1.52
C SER C 337 3.31 33.99 0.20
N VAL C 338 4.62 33.72 0.29
CA VAL C 338 5.49 33.66 -0.87
C VAL C 338 6.63 32.70 -0.56
N GLU C 339 7.27 32.17 -1.59
CA GLU C 339 8.30 31.15 -1.44
C GLU C 339 9.40 31.35 -2.47
N LEU C 340 10.56 30.73 -2.21
CA LEU C 340 11.78 31.01 -2.94
C LEU C 340 12.82 29.90 -2.78
N PRO C 341 13.38 29.37 -3.88
CA PRO C 341 14.34 28.27 -3.76
C PRO C 341 15.76 28.71 -3.45
N PHE C 342 16.56 27.73 -3.02
CA PHE C 342 17.99 27.89 -2.80
C PHE C 342 18.62 26.51 -2.74
N VAL C 343 19.95 26.47 -2.84
CA VAL C 343 20.70 25.22 -2.88
C VAL C 343 21.55 25.09 -1.63
N LEU C 344 21.94 23.85 -1.34
CA LEU C 344 22.66 23.52 -0.10
C LEU C 344 23.48 22.26 -0.34
N MET C 345 24.82 22.36 -0.23
CA MET C 345 25.68 21.21 -0.38
C MET C 345 27.06 21.53 0.17
N HIS C 346 27.85 20.47 0.38
CA HIS C 346 29.17 20.62 0.94
C HIS C 346 30.12 21.28 -0.06
N PRO C 347 31.07 22.08 0.43
CA PRO C 347 32.10 22.62 -0.47
C PRO C 347 33.04 21.53 -0.97
N LYS C 348 33.63 21.77 -2.13
CA LYS C 348 34.55 20.81 -2.73
C LYS C 348 35.74 20.58 -1.79
N PRO C 349 36.08 19.33 -1.47
CA PRO C 349 37.22 19.08 -0.60
C PRO C 349 38.54 19.47 -1.26
N HIS C 350 39.53 19.73 -0.42
CA HIS C 350 40.90 19.89 -0.89
C HIS C 350 41.39 18.60 -1.54
N VAL D 5 -50.89 18.58 -11.60
CA VAL D 5 -50.02 19.33 -10.66
C VAL D 5 -50.85 20.25 -9.78
N GLN D 6 -50.44 20.38 -8.52
CA GLN D 6 -51.13 21.29 -7.61
C GLN D 6 -50.23 21.60 -6.42
N LEU D 7 -50.57 22.67 -5.72
CA LEU D 7 -49.99 23.01 -4.44
C LEU D 7 -51.07 23.67 -3.59
N VAL D 8 -51.11 23.33 -2.30
CA VAL D 8 -52.21 23.73 -1.43
C VAL D 8 -51.68 23.84 -0.01
N GLU D 9 -52.38 24.63 0.81
CA GLU D 9 -51.82 25.17 2.04
C GLU D 9 -52.92 25.44 3.04
N SER D 10 -52.57 25.38 4.33
CA SER D 10 -53.54 25.64 5.40
C SER D 10 -52.80 25.75 6.72
N GLY D 11 -53.53 26.23 7.75
CA GLY D 11 -52.91 26.41 9.05
C GLY D 11 -53.43 27.53 9.95
N GLY D 12 -54.06 28.59 9.43
CA GLY D 12 -54.65 29.55 10.35
C GLY D 12 -55.15 30.89 9.87
N GLY D 13 -55.10 31.90 10.75
CA GLY D 13 -55.68 33.20 10.52
C GLY D 13 -55.21 34.27 11.49
N LEU D 14 -56.11 35.15 11.92
CA LEU D 14 -55.76 36.24 12.83
C LEU D 14 -55.58 35.68 14.24
N VAL D 15 -54.39 35.87 14.81
CA VAL D 15 -54.02 35.25 16.07
C VAL D 15 -53.30 36.26 16.95
N GLN D 16 -53.36 36.04 18.25
CA GLN D 16 -52.58 36.84 19.19
C GLN D 16 -51.09 36.61 18.96
N PRO D 17 -50.25 37.63 19.11
CA PRO D 17 -48.81 37.40 19.06
C PRO D 17 -48.36 36.50 20.19
N GLY D 18 -47.09 36.12 20.14
CA GLY D 18 -46.47 35.31 21.16
C GLY D 18 -46.74 33.82 21.05
N GLY D 19 -47.68 33.42 20.20
CA GLY D 19 -47.93 32.01 19.95
C GLY D 19 -47.12 31.49 18.78
N SER D 20 -47.51 30.29 18.33
CA SER D 20 -46.94 29.69 17.14
C SER D 20 -48.08 29.10 16.33
N LEU D 21 -47.86 28.99 15.02
CA LEU D 21 -48.93 28.64 14.08
C LEU D 21 -48.32 27.80 12.95
N ARG D 22 -48.47 26.49 13.06
CA ARG D 22 -47.85 25.58 12.10
C ARG D 22 -48.59 25.66 10.78
N LEU D 23 -47.84 25.50 9.68
CA LEU D 23 -48.40 25.67 8.35
C LEU D 23 -47.79 24.60 7.45
N SER D 24 -48.56 24.18 6.43
CA SER D 24 -48.18 23.04 5.62
C SER D 24 -48.57 23.26 4.15
N CYS D 25 -47.79 22.66 3.25
CA CYS D 25 -48.09 22.61 1.83
C CYS D 25 -47.78 21.21 1.32
N ALA D 26 -48.69 20.65 0.52
CA ALA D 26 -48.57 19.30 -0.02
C ALA D 26 -48.58 19.34 -1.54
N ALA D 27 -47.86 18.42 -2.16
CA ALA D 27 -47.56 18.48 -3.58
C ALA D 27 -48.03 17.22 -4.32
N SER D 28 -48.27 17.39 -5.61
CA SER D 28 -48.58 16.30 -6.53
C SER D 28 -48.00 16.62 -7.90
N GLY D 29 -47.71 15.57 -8.67
CA GLY D 29 -47.15 15.71 -10.00
C GLY D 29 -45.65 15.56 -10.08
N PHE D 30 -44.97 15.51 -8.94
CA PHE D 30 -43.52 15.40 -8.89
C PHE D 30 -43.13 14.87 -7.53
N ASN D 31 -41.93 14.29 -7.44
CA ASN D 31 -41.47 13.64 -6.23
C ASN D 31 -40.39 14.50 -5.58
N VAL D 32 -40.48 14.66 -4.25
CA VAL D 32 -39.72 15.70 -3.55
C VAL D 32 -38.23 15.43 -3.57
N TYR D 33 -37.80 14.17 -3.59
CA TYR D 33 -36.37 13.93 -3.66
C TYR D 33 -35.71 14.52 -4.90
N SER D 34 -36.48 14.85 -5.93
CA SER D 34 -35.92 15.48 -7.13
C SER D 34 -35.97 16.99 -7.08
N SER D 35 -36.46 17.58 -5.99
CA SER D 35 -36.87 18.97 -6.02
C SER D 35 -36.68 19.61 -4.65
N SER D 36 -36.77 20.94 -4.65
CA SER D 36 -36.60 21.75 -3.45
C SER D 36 -37.82 22.64 -3.27
N ILE D 37 -38.04 23.08 -2.04
CA ILE D 37 -39.23 23.85 -1.69
C ILE D 37 -38.82 25.17 -1.04
N HIS D 38 -39.48 26.24 -1.47
CA HIS D 38 -39.28 27.58 -0.97
C HIS D 38 -40.59 28.12 -0.40
N TRP D 39 -40.47 28.98 0.61
CA TRP D 39 -41.57 29.78 1.09
C TRP D 39 -41.26 31.26 0.86
N VAL D 40 -42.25 31.99 0.37
CA VAL D 40 -42.10 33.40 0.04
C VAL D 40 -43.29 34.13 0.62
N ARG D 41 -43.08 35.39 0.99
CA ARG D 41 -44.15 36.20 1.58
C ARG D 41 -44.22 37.57 0.93
N GLN D 42 -45.40 38.17 1.02
CA GLN D 42 -45.67 39.48 0.45
C GLN D 42 -46.58 40.24 1.41
N ALA D 43 -46.58 41.56 1.27
CA ALA D 43 -47.27 42.41 2.24
C ALA D 43 -48.02 43.54 1.54
N PRO D 44 -48.90 44.25 2.25
CA PRO D 44 -49.66 45.34 1.61
C PRO D 44 -48.74 46.36 0.97
N GLY D 45 -49.00 46.65 -0.30
CA GLY D 45 -48.17 47.60 -1.01
C GLY D 45 -46.74 47.16 -1.18
N LYS D 46 -46.46 45.87 -1.04
CA LYS D 46 -45.10 45.35 -1.13
C LYS D 46 -45.11 44.04 -1.90
N GLY D 47 -43.97 43.74 -2.51
CA GLY D 47 -43.80 42.54 -3.27
C GLY D 47 -43.32 41.36 -2.43
N LEU D 48 -42.82 40.37 -3.14
CA LEU D 48 -42.43 39.08 -2.58
C LEU D 48 -41.20 39.21 -1.67
N GLU D 49 -40.97 38.14 -0.89
CA GLU D 49 -39.78 38.02 -0.04
C GLU D 49 -39.54 36.56 0.33
N TRP D 50 -38.30 36.11 0.12
CA TRP D 50 -37.91 34.76 0.45
C TRP D 50 -37.62 34.64 1.95
N VAL D 51 -38.29 33.72 2.62
CA VAL D 51 -38.08 33.53 4.05
C VAL D 51 -37.14 32.38 4.35
N ALA D 52 -37.36 31.22 3.73
CA ALA D 52 -36.57 30.04 4.07
C ALA D 52 -36.89 28.95 3.06
N SER D 53 -36.10 27.87 3.09
CA SER D 53 -36.29 26.81 2.11
C SER D 53 -35.53 25.55 2.51
N ILE D 54 -35.83 24.48 1.79
CA ILE D 54 -35.36 23.12 2.05
C ILE D 54 -34.91 22.47 0.76
N SER D 55 -33.80 21.75 0.82
CA SER D 55 -33.37 20.85 -0.25
C SER D 55 -33.38 19.42 0.28
N SER D 56 -34.22 18.57 -0.29
CA SER D 56 -34.32 17.20 0.19
C SER D 56 -33.04 16.42 -0.10
N TYR D 57 -32.50 16.54 -1.32
CA TYR D 57 -31.45 15.65 -1.76
C TYR D 57 -30.15 15.87 -0.99
N TYR D 58 -29.79 17.12 -0.71
CA TYR D 58 -28.63 17.41 0.13
C TYR D 58 -28.98 17.62 1.59
N GLY D 59 -30.23 17.99 1.90
CA GLY D 59 -30.64 18.19 3.27
C GLY D 59 -30.36 19.56 3.86
N TYR D 60 -29.78 20.47 3.10
CA TYR D 60 -29.46 21.80 3.62
C TYR D 60 -30.73 22.64 3.82
N THR D 61 -30.60 23.64 4.69
CA THR D 61 -31.62 24.65 4.92
C THR D 61 -30.95 26.02 5.01
N TYR D 62 -31.73 27.06 4.75
CA TYR D 62 -31.24 28.42 4.87
C TYR D 62 -32.40 29.30 5.32
N TYR D 63 -32.05 30.39 6.00
CA TYR D 63 -33.05 31.29 6.55
C TYR D 63 -32.66 32.73 6.27
N ALA D 64 -33.67 33.60 6.21
CA ALA D 64 -33.41 35.04 6.28
C ALA D 64 -33.00 35.41 7.70
N ASP D 65 -32.18 36.46 7.80
CA ASP D 65 -31.61 36.84 9.09
C ASP D 65 -32.69 37.14 10.12
N SER D 66 -33.76 37.81 9.70
CA SER D 66 -34.78 38.25 10.64
C SER D 66 -35.61 37.10 11.18
N VAL D 67 -35.42 35.88 10.68
CA VAL D 67 -36.17 34.71 11.12
C VAL D 67 -35.30 33.61 11.67
N LYS D 68 -33.98 33.77 11.66
CA LYS D 68 -33.08 32.80 12.28
C LYS D 68 -33.51 32.50 13.71
N GLY D 69 -33.51 31.23 14.06
CA GLY D 69 -33.91 30.81 15.40
C GLY D 69 -35.42 30.78 15.56
N ARG D 70 -36.07 31.82 15.05
CA ARG D 70 -37.51 31.97 15.23
C ARG D 70 -38.29 30.96 14.38
N PHE D 71 -37.75 30.57 13.23
CA PHE D 71 -38.45 29.73 12.28
C PHE D 71 -37.83 28.34 12.21
N THR D 72 -38.67 27.37 11.85
CA THR D 72 -38.23 26.00 11.64
C THR D 72 -39.01 25.43 10.47
N ILE D 73 -38.35 24.57 9.68
CA ILE D 73 -38.92 24.03 8.45
C ILE D 73 -38.61 22.54 8.40
N SER D 74 -39.44 21.82 7.65
CA SER D 74 -39.27 20.38 7.50
C SER D 74 -40.16 19.87 6.39
N ALA D 75 -39.86 18.65 5.94
CA ALA D 75 -40.71 17.90 5.03
C ALA D 75 -40.43 16.43 5.26
N ASP D 76 -41.41 15.58 4.91
CA ASP D 76 -41.25 14.14 5.00
C ASP D 76 -41.57 13.54 3.64
N THR D 77 -40.71 12.60 3.20
CA THR D 77 -40.84 12.07 1.85
C THR D 77 -42.04 11.15 1.70
N SER D 78 -42.48 10.54 2.81
CA SER D 78 -43.63 9.64 2.74
C SER D 78 -44.87 10.33 2.21
N LYS D 79 -44.95 11.64 2.35
CA LYS D 79 -46.17 12.38 2.07
C LYS D 79 -46.01 13.41 0.96
N ASN D 80 -44.80 13.60 0.44
CA ASN D 80 -44.53 14.66 -0.52
C ASN D 80 -45.15 15.98 -0.05
N THR D 81 -44.86 16.33 1.19
CA THR D 81 -45.49 17.46 1.86
C THR D 81 -44.42 18.22 2.62
N ALA D 82 -44.58 19.54 2.70
CA ALA D 82 -43.62 20.41 3.35
C ALA D 82 -44.31 21.17 4.48
N TYR D 83 -43.52 21.44 5.52
CA TYR D 83 -44.02 22.03 6.76
C TYR D 83 -43.07 23.14 7.19
N LEU D 84 -43.60 24.12 7.91
CA LEU D 84 -42.76 25.02 8.70
C LEU D 84 -43.54 25.50 9.91
N GLN D 85 -42.80 25.76 10.99
CA GLN D 85 -43.36 26.25 12.23
C GLN D 85 -42.48 27.37 12.74
N MET D 86 -43.11 28.47 13.15
CA MET D 86 -42.43 29.69 13.55
C MET D 86 -43.14 30.23 14.79
N ASN D 87 -42.37 30.84 15.69
CA ASN D 87 -42.74 30.88 17.09
C ASN D 87 -42.74 32.30 17.62
N SER D 88 -43.52 32.53 18.68
CA SER D 88 -43.67 33.86 19.25
C SER D 88 -44.05 34.86 18.17
N LEU D 89 -45.26 34.71 17.64
CA LEU D 89 -45.76 35.53 16.54
C LEU D 89 -45.71 37.02 16.87
N ARG D 90 -45.45 37.83 15.84
CA ARG D 90 -45.51 39.29 15.95
C ARG D 90 -46.21 39.89 14.75
N ALA D 91 -46.70 41.12 14.94
CA ALA D 91 -47.46 41.82 13.91
C ALA D 91 -46.68 41.93 12.61
N GLU D 92 -45.40 42.29 12.69
CA GLU D 92 -44.61 42.54 11.49
C GLU D 92 -44.47 41.30 10.62
N ASP D 93 -44.68 40.11 11.17
CA ASP D 93 -44.72 38.89 10.38
C ASP D 93 -46.09 38.61 9.81
N THR D 94 -47.01 39.57 9.87
CA THR D 94 -48.24 39.47 9.09
C THR D 94 -47.93 39.62 7.61
N ALA D 95 -48.37 38.66 6.82
CA ALA D 95 -48.13 38.68 5.38
C ALA D 95 -48.92 37.53 4.77
N VAL D 96 -49.01 37.55 3.45
CA VAL D 96 -49.36 36.35 2.71
C VAL D 96 -48.11 35.51 2.51
N TYR D 97 -48.27 34.19 2.58
CA TYR D 97 -47.16 33.27 2.42
C TYR D 97 -47.47 32.27 1.31
N TYR D 98 -46.43 31.88 0.58
CA TYR D 98 -46.58 30.98 -0.56
C TYR D 98 -45.59 29.83 -0.48
N CYS D 99 -46.05 28.62 -0.78
CA CYS D 99 -45.15 27.51 -1.07
C CYS D 99 -44.86 27.46 -2.56
N ALA D 100 -43.62 27.08 -2.89
CA ALA D 100 -43.19 27.04 -4.28
C ALA D 100 -42.10 26.00 -4.44
N ARG D 101 -41.85 25.63 -5.69
CA ARG D 101 -41.03 24.49 -6.04
C ARG D 101 -39.97 24.87 -7.06
N SER D 102 -38.97 24.01 -7.20
CA SER D 102 -37.88 24.26 -8.15
C SER D 102 -37.22 22.93 -8.53
N ARG D 103 -36.65 22.91 -9.73
CA ARG D 103 -35.81 21.80 -10.14
C ARG D 103 -34.52 21.78 -9.35
N GLN D 104 -34.16 20.62 -8.82
CA GLN D 104 -32.87 20.49 -8.14
C GLN D 104 -31.71 20.58 -9.12
N PHE D 105 -31.92 20.12 -10.35
CA PHE D 105 -30.87 20.09 -11.38
C PHE D 105 -31.43 20.76 -12.63
N TRP D 106 -31.27 22.07 -12.74
CA TRP D 106 -30.61 23.00 -11.83
C TRP D 106 -31.49 24.23 -11.67
N TYR D 107 -31.28 24.99 -10.59
CA TYR D 107 -32.23 26.01 -10.21
C TYR D 107 -32.52 26.96 -11.38
N SER D 108 -33.80 27.11 -11.71
CA SER D 108 -34.19 27.90 -12.87
C SER D 108 -35.44 28.73 -12.60
N GLY D 109 -35.64 29.18 -11.37
CA GLY D 109 -36.80 29.97 -11.03
C GLY D 109 -37.99 29.12 -10.62
N LEU D 110 -39.00 29.81 -10.07
CA LEU D 110 -40.12 29.16 -9.40
C LEU D 110 -41.20 28.87 -10.43
N ASP D 111 -41.32 27.61 -10.84
CA ASP D 111 -42.12 27.24 -11.99
C ASP D 111 -43.54 26.78 -11.65
N TYR D 112 -43.87 26.59 -10.37
CA TYR D 112 -45.26 26.39 -9.96
C TYR D 112 -45.44 26.94 -8.55
N TRP D 113 -46.67 27.33 -8.25
CA TRP D 113 -46.93 28.18 -7.09
C TRP D 113 -48.17 27.72 -6.34
N GLY D 114 -48.09 27.77 -5.01
CA GLY D 114 -49.24 27.48 -4.18
C GLY D 114 -50.22 28.64 -4.12
N GLN D 115 -51.43 28.35 -3.65
CA GLN D 115 -52.47 29.38 -3.59
C GLN D 115 -52.05 30.54 -2.69
N GLY D 116 -51.50 30.25 -1.52
CA GLY D 116 -50.94 31.29 -0.67
C GLY D 116 -51.94 31.87 0.32
N THR D 117 -51.64 31.78 1.62
CA THR D 117 -52.58 32.14 2.66
C THR D 117 -52.10 33.38 3.42
N LEU D 118 -53.06 34.20 3.85
CA LEU D 118 -52.75 35.30 4.74
C LEU D 118 -52.57 34.79 6.17
N VAL D 119 -51.59 35.36 6.87
CA VAL D 119 -51.46 35.19 8.31
C VAL D 119 -51.31 36.58 8.90
N THR D 120 -52.08 36.85 9.95
CA THR D 120 -52.12 38.18 10.55
C THR D 120 -52.18 38.05 12.05
N VAL D 121 -51.61 39.04 12.73
CA VAL D 121 -51.45 38.98 14.19
C VAL D 121 -51.32 40.42 14.69
N SER D 122 -51.80 40.66 15.90
CA SER D 122 -51.67 41.98 16.53
C SER D 122 -51.79 41.89 18.05
N SER E 1 -23.47 39.03 1.56
CA SER E 1 -23.97 40.44 1.54
C SER E 1 -25.30 40.55 0.79
N ASP E 2 -26.06 41.59 1.11
CA ASP E 2 -27.32 41.85 0.43
C ASP E 2 -27.04 42.47 -0.93
N ILE E 3 -27.32 41.74 -2.00
CA ILE E 3 -27.11 42.25 -3.35
C ILE E 3 -28.16 43.32 -3.60
N GLN E 4 -27.73 44.56 -3.81
CA GLN E 4 -28.66 45.67 -3.91
C GLN E 4 -29.32 45.70 -5.29
N MET E 5 -30.65 45.78 -5.31
CA MET E 5 -31.45 45.85 -6.53
C MET E 5 -32.11 47.21 -6.69
N THR E 6 -32.37 47.56 -7.95
CA THR E 6 -33.24 48.68 -8.27
C THR E 6 -33.83 48.47 -9.65
N GLN E 7 -35.15 48.35 -9.72
CA GLN E 7 -35.87 48.37 -10.97
C GLN E 7 -36.04 49.81 -11.46
N SER E 8 -36.43 49.95 -12.72
CA SER E 8 -36.79 51.22 -13.31
C SER E 8 -37.59 50.94 -14.57
N PRO E 9 -38.52 51.82 -14.96
CA PRO E 9 -39.11 53.00 -14.30
C PRO E 9 -40.31 52.60 -13.43
N SER E 10 -41.29 53.48 -13.18
CA SER E 10 -42.33 53.16 -12.22
C SER E 10 -43.73 53.07 -12.83
N SER E 11 -44.06 53.90 -13.84
CA SER E 11 -45.41 53.84 -14.38
C SER E 11 -45.64 54.68 -15.64
N LEU E 12 -46.25 54.09 -16.67
CA LEU E 12 -46.41 54.74 -17.97
C LEU E 12 -47.73 54.34 -18.64
N SER E 13 -48.21 55.22 -19.52
CA SER E 13 -49.38 54.94 -20.36
C SER E 13 -49.10 53.79 -21.30
N ALA E 14 -50.12 52.96 -21.57
CA ALA E 14 -49.95 51.79 -22.42
C ALA E 14 -51.14 51.43 -23.29
N SER E 15 -51.93 52.40 -23.75
CA SER E 15 -53.07 52.07 -24.59
C SER E 15 -52.60 51.21 -25.75
N VAL E 16 -53.38 50.16 -26.08
CA VAL E 16 -52.87 49.00 -26.81
C VAL E 16 -51.97 49.47 -27.94
N GLY E 17 -50.76 48.94 -27.98
CA GLY E 17 -49.77 49.38 -28.94
C GLY E 17 -48.75 50.30 -28.32
N ASP E 18 -47.61 49.74 -27.94
CA ASP E 18 -46.44 50.51 -27.54
C ASP E 18 -45.28 49.55 -27.40
N ARG E 19 -44.06 50.10 -27.45
CA ARG E 19 -42.85 49.33 -27.23
C ARG E 19 -42.01 50.05 -26.18
N VAL E 20 -41.72 49.37 -25.08
CA VAL E 20 -41.11 49.98 -23.91
C VAL E 20 -40.23 48.94 -23.23
N THR E 21 -39.31 49.41 -22.40
CA THR E 21 -38.39 48.55 -21.68
C THR E 21 -38.53 48.72 -20.18
N ILE E 22 -38.24 47.65 -19.44
CA ILE E 22 -38.06 47.70 -18.00
C ILE E 22 -36.67 47.16 -17.72
N THR E 23 -36.01 47.71 -16.70
CA THR E 23 -34.64 47.31 -16.39
C THR E 23 -34.47 47.16 -14.89
N CYS E 24 -33.50 46.32 -14.53
CA CYS E 24 -33.11 46.10 -13.15
C CYS E 24 -31.59 46.28 -13.07
N ARG E 25 -31.13 46.90 -11.99
CA ARG E 25 -29.72 47.26 -11.81
C ARG E 25 -29.20 46.62 -10.53
N ALA E 26 -27.92 46.24 -10.53
CA ALA E 26 -27.35 45.41 -9.48
C ALA E 26 -26.11 46.07 -8.89
N SER E 27 -25.86 45.78 -7.61
CA SER E 27 -24.68 46.27 -6.92
C SER E 27 -23.41 45.53 -7.32
N GLN E 28 -23.52 44.28 -7.78
CA GLN E 28 -22.38 43.53 -8.24
C GLN E 28 -22.77 42.75 -9.48
N SER E 29 -21.76 42.38 -10.26
CA SER E 29 -22.00 41.62 -11.48
C SER E 29 -22.51 40.23 -11.16
N VAL E 30 -23.37 39.72 -12.04
CA VAL E 30 -23.79 38.34 -12.04
C VAL E 30 -23.91 37.90 -13.49
N SER E 31 -23.39 36.71 -13.80
CA SER E 31 -23.31 36.29 -15.19
C SER E 31 -24.69 36.30 -15.85
N SER E 32 -25.58 35.41 -15.41
CA SER E 32 -26.93 35.42 -15.96
C SER E 32 -28.01 35.04 -14.93
N ALA E 33 -27.64 34.85 -13.68
CA ALA E 33 -28.55 34.23 -12.73
C ALA E 33 -29.70 35.15 -12.37
N VAL E 34 -30.57 35.41 -13.34
CA VAL E 34 -31.61 36.43 -13.19
C VAL E 34 -32.84 35.97 -13.97
N ALA E 35 -34.02 36.35 -13.50
CA ALA E 35 -35.26 35.94 -14.14
C ALA E 35 -36.34 36.97 -13.89
N TRP E 36 -37.44 36.82 -14.62
CA TRP E 36 -38.53 37.80 -14.67
C TRP E 36 -39.86 37.13 -14.37
N TYR E 37 -40.79 37.91 -13.81
CA TYR E 37 -42.10 37.39 -13.46
C TYR E 37 -43.14 38.50 -13.62
N GLN E 38 -44.40 38.10 -13.80
CA GLN E 38 -45.53 39.03 -13.79
C GLN E 38 -46.65 38.43 -12.97
N GLN E 39 -47.60 39.28 -12.58
CA GLN E 39 -48.60 38.88 -11.58
C GLN E 39 -49.68 39.94 -11.49
N LYS E 40 -50.92 39.59 -11.85
CA LYS E 40 -52.04 40.46 -11.55
C LYS E 40 -52.31 40.45 -10.04
N PRO E 41 -52.71 41.57 -9.46
CA PRO E 41 -52.66 41.70 -7.99
C PRO E 41 -53.49 40.63 -7.28
N GLY E 42 -52.89 40.05 -6.24
CA GLY E 42 -53.55 39.09 -5.37
C GLY E 42 -53.39 37.63 -5.74
N LYS E 43 -52.90 37.33 -6.93
CA LYS E 43 -52.74 35.96 -7.41
C LYS E 43 -51.26 35.59 -7.49
N ALA E 44 -51.02 34.37 -7.96
CA ALA E 44 -49.69 33.79 -7.93
C ALA E 44 -48.77 34.46 -8.95
N PRO E 45 -47.50 34.70 -8.60
CA PRO E 45 -46.53 35.13 -9.60
C PRO E 45 -46.30 34.04 -10.65
N LYS E 46 -46.02 34.48 -11.88
CA LYS E 46 -45.65 33.58 -12.97
C LYS E 46 -44.45 34.15 -13.70
N LEU E 47 -43.51 33.26 -14.05
CA LEU E 47 -42.29 33.69 -14.73
C LEU E 47 -42.56 33.95 -16.21
N LEU E 48 -41.70 34.79 -16.80
CA LEU E 48 -41.64 35.00 -18.24
C LEU E 48 -40.34 34.51 -18.85
N ILE E 49 -39.21 35.00 -18.35
CA ILE E 49 -37.92 34.82 -18.99
C ILE E 49 -36.86 34.70 -17.92
N TYR E 50 -35.93 33.77 -18.11
CA TYR E 50 -34.92 33.45 -17.11
C TYR E 50 -33.57 33.29 -17.79
N SER E 51 -32.52 33.28 -16.97
CA SER E 51 -31.14 33.35 -17.46
C SER E 51 -30.94 34.58 -18.33
N ALA E 52 -31.76 35.59 -18.08
CA ALA E 52 -31.71 36.88 -18.75
C ALA E 52 -32.15 36.82 -20.21
N SER E 53 -32.32 35.62 -20.77
CA SER E 53 -32.92 35.54 -22.10
C SER E 53 -33.73 34.27 -22.36
N SER E 54 -33.86 33.35 -21.42
CA SER E 54 -34.50 32.07 -21.69
C SER E 54 -36.01 32.23 -21.53
N LEU E 55 -36.71 32.42 -22.65
CA LEU E 55 -38.15 32.57 -22.59
C LEU E 55 -38.80 31.27 -22.15
N TYR E 56 -39.74 31.37 -21.21
CA TYR E 56 -40.44 30.20 -20.72
C TYR E 56 -41.48 29.74 -21.73
N SER E 57 -41.97 28.52 -21.53
CA SER E 57 -42.89 27.91 -22.48
C SER E 57 -44.18 28.71 -22.61
N GLY E 58 -44.73 28.74 -23.82
CA GLY E 58 -46.01 29.36 -24.07
C GLY E 58 -46.02 30.86 -24.03
N VAL E 59 -44.96 31.50 -23.55
CA VAL E 59 -44.99 32.97 -23.45
C VAL E 59 -45.10 33.56 -24.85
N PRO E 60 -45.95 34.56 -25.08
CA PRO E 60 -45.98 35.20 -26.40
C PRO E 60 -44.67 35.89 -26.71
N SER E 61 -44.33 35.94 -28.00
CA SER E 61 -43.02 36.43 -28.43
C SER E 61 -42.81 37.90 -28.08
N ARG E 62 -43.87 38.63 -27.75
CA ARG E 62 -43.76 40.04 -27.40
C ARG E 62 -42.72 40.30 -26.32
N PHE E 63 -42.35 39.29 -25.55
CA PHE E 63 -41.39 39.43 -24.45
C PHE E 63 -39.98 39.05 -24.88
N SER E 64 -39.00 39.82 -24.40
CA SER E 64 -37.59 39.49 -24.60
C SER E 64 -36.74 40.36 -23.67
N GLY E 65 -35.45 40.04 -23.60
CA GLY E 65 -34.55 40.74 -22.70
C GLY E 65 -33.11 40.36 -22.98
N SER E 66 -32.21 41.12 -22.34
CA SER E 66 -30.78 40.92 -22.51
C SER E 66 -30.02 41.48 -21.31
N ARG E 67 -28.73 41.16 -21.24
CA ARG E 67 -27.86 41.60 -20.16
C ARG E 67 -26.70 42.43 -20.69
N SER E 68 -26.21 43.34 -19.85
CA SER E 68 -24.90 43.97 -20.03
C SER E 68 -24.30 44.21 -18.64
N GLY E 69 -23.43 43.30 -18.21
CA GLY E 69 -22.73 43.46 -16.95
C GLY E 69 -23.66 43.48 -15.76
N THR E 70 -23.79 44.63 -15.12
CA THR E 70 -24.69 44.81 -13.99
C THR E 70 -26.10 45.21 -14.42
N ASP E 71 -26.33 45.41 -15.72
CA ASP E 71 -27.55 46.02 -16.22
C ASP E 71 -28.38 44.96 -16.92
N PHE E 72 -29.60 44.77 -16.44
CA PHE E 72 -30.50 43.75 -16.94
C PHE E 72 -31.73 44.41 -17.53
N THR E 73 -32.11 43.97 -18.74
CA THR E 73 -33.10 44.67 -19.56
C THR E 73 -34.20 43.69 -19.97
N LEU E 74 -35.44 44.11 -19.81
CA LEU E 74 -36.57 43.47 -20.45
C LEU E 74 -37.20 44.41 -21.47
N THR E 75 -37.53 43.87 -22.63
CA THR E 75 -38.29 44.60 -23.64
C THR E 75 -39.67 43.98 -23.77
N ILE E 76 -40.68 44.84 -23.84
CA ILE E 76 -41.98 44.51 -24.42
C ILE E 76 -42.13 45.30 -25.71
N SER E 77 -42.34 44.58 -26.80
CA SER E 77 -42.42 45.18 -28.13
C SER E 77 -43.83 45.63 -28.47
N SER E 78 -44.85 45.06 -27.85
CA SER E 78 -46.24 45.39 -28.19
C SER E 78 -47.08 45.30 -26.91
N LEU E 79 -47.29 46.44 -26.27
CA LEU E 79 -48.20 46.50 -25.14
C LEU E 79 -49.61 46.14 -25.60
N GLN E 80 -50.26 45.26 -24.84
CA GLN E 80 -51.54 44.71 -25.25
C GLN E 80 -52.44 44.60 -24.03
N PRO E 81 -53.76 44.54 -24.22
CA PRO E 81 -54.68 44.69 -23.08
C PRO E 81 -54.76 43.49 -22.16
N GLU E 82 -54.36 42.29 -22.60
CA GLU E 82 -54.32 41.16 -21.68
C GLU E 82 -53.09 41.18 -20.80
N ASP E 83 -52.01 41.81 -21.25
CA ASP E 83 -50.78 41.95 -20.48
C ASP E 83 -50.67 43.31 -19.80
N PHE E 84 -51.71 44.13 -19.83
CA PHE E 84 -51.83 45.18 -18.82
C PHE E 84 -51.55 44.54 -17.47
N ALA E 85 -50.48 44.95 -16.80
CA ALA E 85 -50.09 44.28 -15.57
C ALA E 85 -48.91 45.00 -14.94
N THR E 86 -48.61 44.58 -13.71
CA THR E 86 -47.37 44.90 -13.03
C THR E 86 -46.35 43.78 -13.26
N TYR E 87 -45.10 44.08 -12.95
CA TYR E 87 -44.00 43.18 -13.31
C TYR E 87 -42.91 43.22 -12.24
N TYR E 88 -42.09 42.16 -12.21
CA TYR E 88 -41.06 42.00 -11.20
C TYR E 88 -39.87 41.23 -11.77
N CYS E 89 -38.70 41.39 -11.14
CA CYS E 89 -37.47 40.69 -11.52
C CYS E 89 -36.79 40.18 -10.26
N GLN E 90 -35.89 39.19 -10.44
CA GLN E 90 -35.18 38.60 -9.32
C GLN E 90 -33.79 38.15 -9.75
N GLN E 91 -32.85 38.17 -8.79
CA GLN E 91 -31.46 37.81 -9.00
C GLN E 91 -30.98 36.88 -7.89
N TYR E 92 -30.26 35.82 -8.29
CA TYR E 92 -30.02 34.69 -7.39
C TYR E 92 -28.65 34.04 -7.53
N LYS E 93 -27.61 34.79 -7.95
CA LYS E 93 -26.27 34.22 -7.95
C LYS E 93 -25.82 33.86 -6.53
N TYR E 94 -26.31 34.59 -5.53
CA TYR E 94 -26.01 34.33 -4.13
C TYR E 94 -27.31 34.27 -3.36
N VAL E 95 -27.37 33.36 -2.38
CA VAL E 95 -28.42 33.43 -1.37
C VAL E 95 -27.94 34.42 -0.32
N PRO E 96 -28.78 35.31 0.21
CA PRO E 96 -30.21 35.49 -0.06
C PRO E 96 -30.51 36.10 -1.43
N VAL E 97 -31.65 35.73 -2.02
CA VAL E 97 -32.09 36.26 -3.30
C VAL E 97 -32.57 37.70 -3.13
N THR E 98 -32.78 38.39 -4.24
CA THR E 98 -33.06 39.83 -4.22
C THR E 98 -33.90 40.20 -5.44
N PHE E 99 -34.59 41.32 -5.35
CA PHE E 99 -35.66 41.62 -6.31
C PHE E 99 -36.22 43.03 -6.07
N GLY E 100 -37.16 43.42 -6.95
CA GLY E 100 -37.65 44.79 -7.06
C GLY E 100 -39.03 45.04 -6.47
N GLN E 101 -39.77 45.99 -7.08
CA GLN E 101 -40.93 46.58 -6.41
C GLN E 101 -42.24 46.73 -7.21
N GLY E 102 -42.26 46.62 -8.55
CA GLY E 102 -43.51 46.65 -9.28
C GLY E 102 -43.68 47.88 -10.17
N THR E 103 -44.80 47.88 -10.90
CA THR E 103 -45.06 48.82 -11.99
C THR E 103 -46.57 48.95 -12.23
N LYS E 104 -46.99 50.11 -12.75
CA LYS E 104 -48.40 50.46 -12.89
C LYS E 104 -48.88 50.33 -14.34
N VAL E 105 -50.17 50.64 -14.57
CA VAL E 105 -50.82 50.44 -15.86
C VAL E 105 -51.70 51.61 -16.28
N GLU E 106 -51.57 52.75 -15.61
CA GLU E 106 -52.50 53.85 -15.85
C GLU E 106 -52.46 54.21 -17.34
N ILE E 107 -53.56 53.96 -18.05
CA ILE E 107 -53.73 54.51 -19.39
C ILE E 107 -53.26 55.92 -19.47
N PHE F 5 -9.09 34.27 -9.97
CA PHE F 5 -9.74 33.06 -10.53
C PHE F 5 -9.92 33.24 -12.04
N ARG F 7 -12.61 34.59 -15.33
CA ARG F 7 -13.48 35.76 -15.48
C ARG F 7 -14.14 35.74 -16.85
N VAL F 10 -16.96 39.84 -23.22
CA VAL F 10 -18.06 40.07 -24.17
C VAL F 10 -17.82 39.49 -25.56
N ASP F 11 -18.79 39.72 -26.45
CA ASP F 11 -18.79 39.17 -27.80
C ASP F 11 -18.47 40.20 -28.88
N MET F 13 -19.60 43.32 -31.61
CA MET F 13 -20.31 43.17 -32.88
C MET F 13 -21.66 42.50 -32.66
N VAL G 5 6.41 -53.06 14.22
CA VAL G 5 5.17 -52.28 14.53
C VAL G 5 4.34 -53.02 15.57
N GLN G 6 3.77 -52.26 16.51
CA GLN G 6 2.95 -52.85 17.55
C GLN G 6 2.00 -51.79 18.09
N LEU G 7 0.91 -52.26 18.71
CA LEU G 7 -0.03 -51.47 19.47
C LEU G 7 -0.49 -52.26 20.68
N VAL G 8 -0.60 -51.58 21.82
CA VAL G 8 -0.87 -52.26 23.09
C VAL G 8 -1.72 -51.32 23.95
N GLU G 9 -2.44 -51.91 24.90
CA GLU G 9 -3.56 -51.26 25.56
C GLU G 9 -3.63 -51.71 27.01
N SER G 10 -4.27 -50.91 27.85
CA SER G 10 -4.34 -51.21 29.28
C SER G 10 -5.53 -50.49 29.91
N GLY G 11 -5.96 -51.00 31.07
CA GLY G 11 -6.82 -50.24 31.96
C GLY G 11 -8.07 -50.92 32.52
N GLY G 12 -8.47 -52.05 31.95
CA GLY G 12 -9.84 -52.52 32.08
C GLY G 12 -10.11 -53.43 33.27
N GLY G 13 -11.34 -53.92 33.30
CA GLY G 13 -11.80 -54.82 34.33
C GLY G 13 -13.31 -54.70 34.47
N LEU G 14 -13.86 -55.51 35.38
CA LEU G 14 -15.28 -55.47 35.72
C LEU G 14 -15.45 -54.47 36.86
N VAL G 15 -15.83 -53.23 36.52
CA VAL G 15 -15.89 -52.13 37.47
C VAL G 15 -17.35 -51.71 37.65
N GLN G 16 -17.74 -51.52 38.90
CA GLN G 16 -19.09 -51.09 39.22
C GLN G 16 -19.34 -49.71 38.61
N PRO G 17 -20.52 -49.47 38.03
CA PRO G 17 -20.73 -48.22 37.29
C PRO G 17 -20.55 -46.99 38.16
N GLY G 18 -20.64 -45.84 37.51
CA GLY G 18 -20.58 -44.56 38.17
C GLY G 18 -19.19 -43.99 38.32
N GLY G 19 -18.15 -44.77 38.06
CA GLY G 19 -16.78 -44.30 38.14
C GLY G 19 -16.24 -43.88 36.80
N SER G 20 -14.92 -43.84 36.71
CA SER G 20 -14.21 -43.60 35.47
C SER G 20 -12.99 -44.51 35.45
N LEU G 21 -12.57 -44.90 34.25
CA LEU G 21 -11.55 -45.93 34.11
C LEU G 21 -10.72 -45.59 32.87
N ARG G 22 -9.50 -45.14 33.09
CA ARG G 22 -8.71 -44.56 32.01
C ARG G 22 -8.21 -45.63 31.04
N LEU G 23 -8.17 -45.27 29.76
CA LEU G 23 -7.69 -46.11 28.68
C LEU G 23 -6.43 -45.50 28.07
N SER G 24 -5.41 -46.33 27.86
CA SER G 24 -4.17 -45.88 27.23
C SER G 24 -3.71 -46.91 26.20
N CYS G 25 -3.24 -46.41 25.06
CA CYS G 25 -2.71 -47.25 23.99
C CYS G 25 -1.43 -46.61 23.47
N ALA G 26 -0.37 -47.40 23.37
CA ALA G 26 0.96 -46.91 23.02
C ALA G 26 1.44 -47.57 21.73
N ALA G 27 2.16 -46.80 20.92
CA ALA G 27 2.48 -47.20 19.55
C ALA G 27 3.99 -47.18 19.32
N SER G 28 4.41 -48.00 18.36
CA SER G 28 5.80 -48.03 17.89
C SER G 28 5.79 -48.37 16.40
N GLY G 29 6.80 -47.88 15.68
CA GLY G 29 6.93 -48.11 14.26
C GLY G 29 6.52 -46.94 13.40
N PHE G 30 5.90 -45.91 13.98
CA PHE G 30 5.47 -44.73 13.24
C PHE G 30 5.26 -43.60 14.25
N ASN G 31 5.28 -42.37 13.74
CA ASN G 31 5.24 -41.18 14.59
C ASN G 31 3.89 -40.51 14.49
N VAL G 32 3.39 -40.01 15.62
CA VAL G 32 1.98 -39.64 15.76
C VAL G 32 1.64 -38.39 14.94
N TYR G 33 2.59 -37.46 14.76
CA TYR G 33 2.34 -36.33 13.88
C TYR G 33 2.06 -36.72 12.43
N SER G 34 2.40 -37.93 12.02
CA SER G 34 2.02 -38.38 10.69
C SER G 34 0.71 -39.14 10.66
N SER G 35 0.04 -39.29 11.80
CA SER G 35 -0.99 -40.29 11.93
C SER G 35 -2.10 -39.82 12.86
N SER G 36 -3.24 -40.50 12.78
CA SER G 36 -4.43 -40.21 13.56
C SER G 36 -4.91 -41.50 14.19
N ILE G 37 -5.50 -41.40 15.39
CA ILE G 37 -5.84 -42.55 16.20
C ILE G 37 -7.35 -42.59 16.43
N HIS G 38 -7.91 -43.79 16.35
CA HIS G 38 -9.32 -44.04 16.57
C HIS G 38 -9.50 -45.16 17.59
N TRP G 39 -10.66 -45.17 18.23
CA TRP G 39 -11.08 -46.28 19.06
C TRP G 39 -12.42 -46.80 18.57
N VAL G 40 -12.63 -48.10 18.68
CA VAL G 40 -13.80 -48.77 18.13
C VAL G 40 -14.22 -49.84 19.13
N ARG G 41 -15.53 -50.08 19.24
CA ARG G 41 -16.04 -51.05 20.20
C ARG G 41 -17.02 -52.01 19.54
N GLN G 42 -17.08 -53.22 20.09
CA GLN G 42 -17.95 -54.29 19.60
C GLN G 42 -18.56 -54.99 20.80
N ALA G 43 -19.63 -55.74 20.55
CA ALA G 43 -20.40 -56.33 21.63
C ALA G 43 -20.84 -57.75 21.28
N PRO G 44 -21.35 -58.51 22.25
CA PRO G 44 -21.80 -59.87 21.98
C PRO G 44 -22.81 -59.90 20.84
N GLY G 45 -22.55 -60.77 19.85
CA GLY G 45 -23.46 -60.89 18.73
C GLY G 45 -23.59 -59.64 17.90
N LYS G 46 -22.64 -58.72 18.02
CA LYS G 46 -22.73 -57.43 17.36
C LYS G 46 -21.35 -57.00 16.88
N GLY G 47 -21.34 -56.21 15.82
CA GLY G 47 -20.12 -55.78 15.19
C GLY G 47 -19.53 -54.52 15.78
N LEU G 48 -18.59 -53.95 15.04
CA LEU G 48 -17.79 -52.81 15.47
C LEU G 48 -18.62 -51.52 15.54
N GLU G 49 -18.05 -50.53 16.22
CA GLU G 49 -18.65 -49.20 16.31
C GLU G 49 -17.58 -48.16 16.65
N TRP G 50 -17.53 -47.09 15.85
CA TRP G 50 -16.59 -46.01 16.10
C TRP G 50 -17.08 -45.14 17.26
N VAL G 51 -16.20 -44.87 18.20
CA VAL G 51 -16.53 -44.05 19.37
C VAL G 51 -15.94 -42.65 19.26
N ALA G 52 -14.65 -42.53 18.96
CA ALA G 52 -14.00 -41.23 18.96
C ALA G 52 -12.62 -41.37 18.35
N SER G 53 -12.00 -40.23 18.06
CA SER G 53 -10.71 -40.25 17.39
C SER G 53 -10.02 -38.89 17.51
N ILE G 54 -8.71 -38.91 17.28
CA ILE G 54 -7.82 -37.76 17.40
C ILE G 54 -6.95 -37.68 16.16
N SER G 55 -6.77 -36.45 15.65
CA SER G 55 -5.78 -36.16 14.61
C SER G 55 -4.82 -35.12 15.17
N SER G 56 -3.57 -35.52 15.36
CA SER G 56 -2.59 -34.64 15.99
C SER G 56 -2.32 -33.40 15.12
N TYR G 57 -2.12 -33.61 13.82
CA TYR G 57 -1.53 -32.57 12.98
C TYR G 57 -2.43 -31.33 12.93
N TYR G 58 -3.73 -31.52 12.71
CA TYR G 58 -4.66 -30.40 12.74
C TYR G 58 -5.20 -30.10 14.12
N GLY G 59 -5.15 -31.06 15.04
CA GLY G 59 -5.74 -30.87 16.35
C GLY G 59 -7.25 -30.80 16.33
N TYR G 60 -7.89 -31.93 16.02
CA TYR G 60 -9.34 -32.04 16.06
C TYR G 60 -9.76 -33.32 16.78
N THR G 61 -10.97 -33.28 17.33
CA THR G 61 -11.59 -34.44 17.95
C THR G 61 -13.05 -34.52 17.52
N TYR G 62 -13.60 -35.72 17.58
CA TYR G 62 -15.00 -35.96 17.26
C TYR G 62 -15.49 -37.08 18.15
N TYR G 63 -16.81 -37.10 18.37
CA TYR G 63 -17.42 -38.10 19.24
C TYR G 63 -18.73 -38.57 18.64
N ALA G 64 -19.11 -39.80 18.99
CA ALA G 64 -20.47 -40.24 18.79
C ALA G 64 -21.40 -39.54 19.79
N ASP G 65 -22.63 -39.30 19.36
CA ASP G 65 -23.56 -38.55 20.20
C ASP G 65 -23.75 -39.23 21.55
N SER G 66 -23.85 -40.56 21.56
CA SER G 66 -24.15 -41.28 22.79
C SER G 66 -23.00 -41.24 23.79
N VAL G 67 -21.86 -40.65 23.43
CA VAL G 67 -20.72 -40.55 24.33
C VAL G 67 -20.25 -39.11 24.51
N LYS G 68 -20.86 -38.15 23.81
CA LYS G 68 -20.58 -36.75 24.05
C LYS G 68 -20.62 -36.44 25.54
N GLY G 69 -19.64 -35.66 26.00
CA GLY G 69 -19.55 -35.33 27.42
C GLY G 69 -19.02 -36.44 28.28
N ARG G 70 -19.58 -37.65 28.12
CA ARG G 70 -19.15 -38.78 28.92
C ARG G 70 -17.70 -39.15 28.62
N PHE G 71 -17.27 -39.03 27.36
CA PHE G 71 -15.96 -39.47 26.93
C PHE G 71 -15.04 -38.28 26.68
N THR G 72 -13.75 -38.51 26.88
CA THR G 72 -12.71 -37.53 26.61
C THR G 72 -11.47 -38.27 26.13
N ILE G 73 -10.73 -37.63 25.23
CA ILE G 73 -9.59 -38.28 24.56
C ILE G 73 -8.41 -37.33 24.58
N SER G 74 -7.22 -37.91 24.45
CA SER G 74 -5.99 -37.12 24.44
C SER G 74 -4.84 -38.02 24.01
N ALA G 75 -3.71 -37.36 23.71
CA ALA G 75 -2.46 -38.05 23.45
C ALA G 75 -1.33 -37.05 23.71
N ASP G 76 -0.13 -37.57 23.90
CA ASP G 76 1.06 -36.73 24.05
C ASP G 76 2.15 -37.24 23.14
N THR G 77 2.87 -36.32 22.50
CA THR G 77 3.84 -36.70 21.47
C THR G 77 5.13 -37.22 22.08
N SER G 78 5.41 -36.85 23.33
CA SER G 78 6.63 -37.32 23.97
C SER G 78 6.69 -38.84 24.03
N LYS G 79 5.54 -39.50 23.92
CA LYS G 79 5.44 -40.93 24.19
C LYS G 79 4.87 -41.73 23.04
N ASN G 80 4.46 -41.08 21.95
CA ASN G 80 3.74 -41.75 20.87
C ASN G 80 2.67 -42.66 21.45
N THR G 81 1.85 -42.09 22.33
CA THR G 81 0.88 -42.83 23.11
C THR G 81 -0.43 -42.06 23.12
N ALA G 82 -1.54 -42.79 23.12
CA ALA G 82 -2.86 -42.20 23.09
C ALA G 82 -3.64 -42.61 24.34
N TYR G 83 -4.62 -41.79 24.68
CA TYR G 83 -5.43 -42.00 25.89
C TYR G 83 -6.86 -41.60 25.61
N LEU G 84 -7.78 -42.17 26.40
CA LEU G 84 -9.09 -41.60 26.56
C LEU G 84 -9.64 -41.99 27.93
N GLN G 85 -10.41 -41.07 28.50
CA GLN G 85 -11.05 -41.28 29.80
C GLN G 85 -12.52 -40.97 29.65
N MET G 86 -13.35 -41.89 30.12
CA MET G 86 -14.79 -41.83 29.99
C MET G 86 -15.41 -42.13 31.35
N ASN G 87 -16.50 -41.43 31.67
CA ASN G 87 -16.82 -41.12 33.05
C ASN G 87 -18.25 -41.51 33.40
N SER G 88 -18.49 -41.66 34.70
CA SER G 88 -19.75 -42.20 35.20
C SER G 88 -20.09 -43.48 34.44
N LEU G 89 -19.21 -44.47 34.58
CA LEU G 89 -19.36 -45.76 33.93
C LEU G 89 -20.80 -46.24 34.00
N ARG G 90 -21.31 -46.72 32.86
CA ARG G 90 -22.64 -47.31 32.79
C ARG G 90 -22.57 -48.64 32.05
N ALA G 91 -23.58 -49.47 32.31
CA ALA G 91 -23.53 -50.86 31.83
C ALA G 91 -23.51 -50.95 30.31
N GLU G 92 -24.29 -50.11 29.63
CA GLU G 92 -24.36 -50.22 28.17
C GLU G 92 -23.02 -49.96 27.50
N ASP G 93 -22.09 -49.29 28.18
CA ASP G 93 -20.73 -49.13 27.70
C ASP G 93 -19.87 -50.36 27.96
N THR G 94 -20.47 -51.47 28.39
CA THR G 94 -19.75 -52.74 28.41
C THR G 94 -19.56 -53.22 26.97
N ALA G 95 -18.30 -53.39 26.57
CA ALA G 95 -17.97 -53.79 25.21
C ALA G 95 -16.49 -54.09 25.17
N VAL G 96 -16.06 -54.71 24.06
CA VAL G 96 -14.65 -54.71 23.74
C VAL G 96 -14.31 -53.37 23.10
N TYR G 97 -13.12 -52.86 23.40
CA TYR G 97 -12.65 -51.62 22.82
C TYR G 97 -11.29 -51.83 22.16
N TYR G 98 -11.08 -51.14 21.04
CA TYR G 98 -9.87 -51.29 20.24
C TYR G 98 -9.26 -49.92 19.99
N CYS G 99 -7.93 -49.84 19.99
CA CYS G 99 -7.23 -48.70 19.43
C CYS G 99 -6.70 -49.06 18.06
N ALA G 100 -6.76 -48.09 17.14
CA ALA G 100 -6.35 -48.33 15.77
C ALA G 100 -5.81 -47.05 15.17
N ARG G 101 -4.98 -47.22 14.14
CA ARG G 101 -4.23 -46.13 13.54
C ARG G 101 -4.71 -45.86 12.12
N SER G 102 -4.10 -44.87 11.48
CA SER G 102 -4.45 -44.50 10.12
C SER G 102 -3.37 -43.60 9.54
N ARG G 103 -3.29 -43.60 8.21
CA ARG G 103 -2.50 -42.60 7.51
C ARG G 103 -3.23 -41.27 7.51
N GLN G 104 -2.52 -40.20 7.87
CA GLN G 104 -3.12 -38.87 7.78
C GLN G 104 -3.34 -38.47 6.33
N PHE G 105 -2.39 -38.77 5.45
CA PHE G 105 -2.42 -38.34 4.06
C PHE G 105 -2.39 -39.59 3.18
N TRP G 106 -3.57 -40.12 2.84
CA TRP G 106 -4.91 -39.68 3.19
C TRP G 106 -5.73 -40.89 3.60
N TYR G 107 -6.83 -40.66 4.32
CA TYR G 107 -7.49 -41.75 5.05
C TYR G 107 -7.77 -42.92 4.13
N SER G 108 -7.30 -44.11 4.53
CA SER G 108 -7.40 -45.29 3.69
C SER G 108 -7.73 -46.51 4.52
N GLY G 109 -8.49 -46.33 5.60
CA GLY G 109 -8.93 -47.43 6.42
C GLY G 109 -7.94 -47.82 7.50
N LEU G 110 -8.43 -48.66 8.42
CA LEU G 110 -7.70 -49.01 9.64
C LEU G 110 -6.73 -50.14 9.31
N ASP G 111 -5.44 -49.83 9.21
CA ASP G 111 -4.46 -50.77 8.68
C ASP G 111 -3.63 -51.47 9.76
N TYR G 112 -3.71 -51.06 11.02
CA TYR G 112 -3.12 -51.82 12.11
C TYR G 112 -3.97 -51.65 13.35
N TRP G 113 -3.89 -52.64 14.25
CA TRP G 113 -4.92 -52.83 15.25
C TRP G 113 -4.31 -53.25 16.59
N GLY G 114 -4.85 -52.70 17.67
CA GLY G 114 -4.46 -53.14 19.00
C GLY G 114 -5.11 -54.45 19.38
N GLN G 115 -4.62 -55.03 20.48
CA GLN G 115 -5.18 -56.30 20.94
C GLN G 115 -6.67 -56.18 21.23
N GLY G 116 -7.09 -55.15 21.96
CA GLY G 116 -8.49 -54.91 22.22
C GLY G 116 -8.99 -55.53 23.50
N THR G 117 -9.29 -54.71 24.49
CA THR G 117 -9.68 -55.20 25.81
C THR G 117 -11.19 -55.21 25.97
N LEU G 118 -11.68 -56.20 26.71
CA LEU G 118 -13.03 -56.14 27.24
C LEU G 118 -13.08 -55.14 28.37
N VAL G 119 -14.16 -54.37 28.41
CA VAL G 119 -14.49 -53.53 29.56
C VAL G 119 -15.93 -53.82 29.91
N THR G 120 -16.20 -54.09 31.18
CA THR G 120 -17.53 -54.50 31.61
C THR G 120 -17.91 -53.72 32.85
N VAL G 121 -19.21 -53.48 32.99
CA VAL G 121 -19.73 -52.61 34.05
C VAL G 121 -21.15 -53.06 34.36
N SER G 122 -21.44 -53.26 35.65
CA SER G 122 -22.75 -53.75 36.06
C SER G 122 -22.85 -53.78 37.58
N SER G 123 -23.96 -54.32 38.09
CA SER G 123 -24.07 -54.66 39.51
C SER G 123 -23.69 -56.10 39.81
N ALA G 124 -23.74 -56.99 38.82
CA ALA G 124 -23.42 -58.41 39.01
C ALA G 124 -21.91 -58.62 39.06
N ASP H 2 -28.89 -40.22 9.24
CA ASP H 2 -27.60 -40.97 9.19
C ASP H 2 -27.37 -41.57 7.81
N ILE H 3 -26.11 -41.92 7.53
CA ILE H 3 -25.79 -42.66 6.32
C ILE H 3 -26.20 -44.09 6.56
N GLN H 4 -27.37 -44.47 6.05
CA GLN H 4 -27.92 -45.79 6.31
C GLN H 4 -27.14 -46.85 5.53
N MET H 5 -26.87 -47.97 6.20
CA MET H 5 -26.11 -49.07 5.62
C MET H 5 -26.89 -50.36 5.74
N THR H 6 -26.77 -51.21 4.71
CA THR H 6 -27.34 -52.55 4.75
C THR H 6 -26.52 -53.47 3.87
N GLN H 7 -25.93 -54.49 4.48
CA GLN H 7 -25.28 -55.57 3.76
C GLN H 7 -26.30 -56.57 3.24
N SER H 8 -25.81 -57.52 2.46
CA SER H 8 -26.58 -58.66 2.01
C SER H 8 -25.61 -59.69 1.45
N PRO H 9 -25.94 -60.99 1.52
CA PRO H 9 -26.98 -61.71 2.29
C PRO H 9 -26.48 -62.12 3.67
N SER H 10 -26.97 -63.19 4.29
CA SER H 10 -26.63 -63.48 5.68
C SER H 10 -25.94 -64.83 5.86
N SER H 11 -26.11 -65.77 4.93
CA SER H 11 -25.47 -67.07 5.12
C SER H 11 -25.44 -67.84 3.80
N LEU H 12 -24.58 -68.87 3.76
CA LEU H 12 -24.37 -69.64 2.54
C LEU H 12 -23.46 -70.84 2.79
N SER H 13 -23.73 -71.95 2.10
CA SER H 13 -22.83 -73.10 2.06
C SER H 13 -21.58 -72.75 1.24
N ALA H 14 -20.44 -73.29 1.66
CA ALA H 14 -19.17 -72.95 1.01
C ALA H 14 -18.16 -74.09 0.93
N SER H 15 -18.60 -75.34 0.80
CA SER H 15 -17.65 -76.44 0.71
C SER H 15 -16.60 -76.09 -0.35
N VAL H 16 -15.33 -76.36 -0.04
CA VAL H 16 -14.22 -75.62 -0.62
C VAL H 16 -14.45 -75.38 -2.11
N GLY H 17 -14.33 -74.13 -2.51
CA GLY H 17 -14.58 -73.74 -3.88
C GLY H 17 -16.00 -73.30 -4.11
N ASP H 18 -16.18 -72.01 -4.43
CA ASP H 18 -17.44 -71.47 -4.90
C ASP H 18 -17.18 -70.01 -5.26
N ARG H 19 -18.08 -69.43 -6.05
CA ARG H 19 -18.01 -68.03 -6.45
C ARG H 19 -19.26 -67.32 -5.97
N VAL H 20 -19.08 -66.27 -5.17
CA VAL H 20 -20.19 -65.67 -4.40
C VAL H 20 -20.06 -64.16 -4.43
N THR H 21 -21.21 -63.49 -4.44
CA THR H 21 -21.28 -62.04 -4.35
C THR H 21 -21.71 -61.60 -2.97
N ILE H 22 -21.15 -60.48 -2.50
CA ILE H 22 -21.60 -59.82 -1.28
C ILE H 22 -21.70 -58.33 -1.58
N THR H 23 -22.78 -57.70 -1.11
CA THR H 23 -23.09 -56.34 -1.48
C THR H 23 -23.40 -55.50 -0.25
N CYS H 24 -23.25 -54.19 -0.41
CA CYS H 24 -23.36 -53.23 0.67
C CYS H 24 -24.04 -51.99 0.09
N ARG H 25 -25.20 -51.60 0.66
CA ARG H 25 -26.12 -50.64 0.03
C ARG H 25 -26.32 -49.43 0.92
N ALA H 26 -26.42 -48.24 0.29
CA ALA H 26 -26.31 -46.97 0.99
C ALA H 26 -27.53 -46.08 0.75
N SER H 27 -27.79 -45.20 1.72
CA SER H 27 -28.86 -44.22 1.60
C SER H 27 -28.49 -43.03 0.73
N GLN H 28 -27.20 -42.75 0.56
CA GLN H 28 -26.75 -41.65 -0.29
C GLN H 28 -25.50 -42.10 -1.03
N SER H 29 -25.22 -41.42 -2.14
CA SER H 29 -24.09 -41.79 -2.97
C SER H 29 -22.77 -41.46 -2.28
N VAL H 30 -21.76 -42.28 -2.57
CA VAL H 30 -20.38 -41.99 -2.22
C VAL H 30 -19.50 -42.43 -3.38
N SER H 31 -18.55 -41.57 -3.77
CA SER H 31 -17.74 -41.87 -4.94
C SER H 31 -16.92 -43.15 -4.74
N SER H 32 -15.99 -43.14 -3.79
CA SER H 32 -15.13 -44.30 -3.59
C SER H 32 -14.92 -44.63 -2.11
N ALA H 33 -15.31 -43.74 -1.21
CA ALA H 33 -14.81 -43.80 0.15
C ALA H 33 -15.38 -45.00 0.89
N VAL H 34 -14.98 -46.20 0.49
CA VAL H 34 -15.56 -47.43 1.01
C VAL H 34 -14.48 -48.49 1.09
N ALA H 35 -14.57 -49.35 2.11
CA ALA H 35 -13.60 -50.41 2.31
C ALA H 35 -14.27 -51.53 3.10
N TRP H 36 -13.60 -52.68 3.14
CA TRP H 36 -14.17 -53.86 3.77
C TRP H 36 -13.06 -54.65 4.44
N TYR H 37 -13.47 -55.52 5.37
CA TYR H 37 -12.55 -56.22 6.25
C TYR H 37 -13.08 -57.62 6.53
N GLN H 38 -12.19 -58.51 6.98
CA GLN H 38 -12.59 -59.83 7.46
C GLN H 38 -11.92 -60.06 8.80
N GLN H 39 -12.49 -61.01 9.56
CA GLN H 39 -12.15 -61.14 10.97
C GLN H 39 -12.72 -62.43 11.53
N LYS H 40 -11.85 -63.34 11.97
CA LYS H 40 -12.31 -64.47 12.75
C LYS H 40 -12.70 -64.00 14.16
N PRO H 41 -13.74 -64.56 14.75
CA PRO H 41 -14.33 -63.95 15.95
C PRO H 41 -13.32 -63.80 17.08
N GLY H 42 -13.36 -62.62 17.72
CA GLY H 42 -12.53 -62.33 18.88
C GLY H 42 -11.19 -61.70 18.60
N LYS H 43 -10.76 -61.63 17.35
CA LYS H 43 -9.48 -61.07 16.96
C LYS H 43 -9.66 -59.80 16.14
N ALA H 44 -8.53 -59.21 15.76
CA ALA H 44 -8.52 -57.90 15.14
C ALA H 44 -9.07 -57.96 13.71
N PRO H 45 -9.94 -57.02 13.32
CA PRO H 45 -10.32 -56.93 11.91
C PRO H 45 -9.13 -56.61 11.02
N LYS H 46 -9.12 -57.21 9.83
CA LYS H 46 -8.09 -56.97 8.82
C LYS H 46 -8.77 -56.63 7.50
N LEU H 47 -8.23 -55.63 6.80
CA LEU H 47 -8.85 -55.17 5.57
C LEU H 47 -8.49 -56.08 4.40
N LEU H 48 -9.38 -56.09 3.40
CA LEU H 48 -9.12 -56.67 2.09
C LEU H 48 -9.10 -55.61 0.99
N ILE H 49 -10.09 -54.75 0.97
CA ILE H 49 -10.41 -53.92 -0.19
C ILE H 49 -10.72 -52.51 0.30
N TYR H 50 -10.18 -51.51 -0.40
CA TYR H 50 -10.45 -50.12 -0.06
C TYR H 50 -10.55 -49.30 -1.34
N SER H 51 -11.07 -48.09 -1.19
CA SER H 51 -11.43 -47.24 -2.33
C SER H 51 -12.38 -47.97 -3.27
N ALA H 52 -13.10 -48.95 -2.70
CA ALA H 52 -14.10 -49.73 -3.40
C ALA H 52 -13.53 -50.68 -4.44
N SER H 53 -12.24 -50.56 -4.77
CA SER H 53 -11.60 -51.57 -5.59
C SER H 53 -10.10 -51.75 -5.34
N SER H 54 -9.49 -51.04 -4.39
CA SER H 54 -8.05 -51.13 -4.22
C SER H 54 -7.72 -52.31 -3.32
N LEU H 55 -7.21 -53.39 -3.92
CA LEU H 55 -6.83 -54.55 -3.14
C LEU H 55 -5.60 -54.26 -2.30
N TYR H 56 -5.68 -54.59 -1.01
CA TYR H 56 -4.58 -54.34 -0.09
C TYR H 56 -3.43 -55.32 -0.36
N SER H 57 -2.27 -55.01 0.18
CA SER H 57 -1.09 -55.82 -0.04
C SER H 57 -1.28 -57.24 0.49
N GLY H 58 -0.65 -58.20 -0.18
CA GLY H 58 -0.67 -59.58 0.24
C GLY H 58 -1.98 -60.31 0.07
N VAL H 59 -3.06 -59.61 -0.25
CA VAL H 59 -4.34 -60.30 -0.39
C VAL H 59 -4.29 -61.22 -1.58
N PRO H 60 -4.73 -62.48 -1.48
CA PRO H 60 -4.80 -63.32 -2.68
C PRO H 60 -5.80 -62.76 -3.68
N SER H 61 -5.46 -62.91 -4.97
CA SER H 61 -6.27 -62.31 -6.03
C SER H 61 -7.70 -62.82 -6.05
N ARG H 62 -8.04 -63.83 -5.26
CA ARG H 62 -9.39 -64.37 -5.24
C ARG H 62 -10.43 -63.32 -4.82
N PHE H 63 -10.00 -62.22 -4.21
CA PHE H 63 -10.91 -61.17 -3.77
C PHE H 63 -10.96 -60.03 -4.76
N SER H 64 -12.14 -59.41 -4.88
CA SER H 64 -12.33 -58.27 -5.78
C SER H 64 -13.69 -57.65 -5.50
N GLY H 65 -13.95 -56.52 -6.16
CA GLY H 65 -15.20 -55.80 -5.96
C GLY H 65 -15.28 -54.61 -6.89
N SER H 66 -16.46 -54.00 -6.91
CA SER H 66 -16.74 -52.88 -7.81
C SER H 66 -17.89 -52.05 -7.25
N ARG H 67 -18.09 -50.87 -7.84
CA ARG H 67 -19.11 -49.92 -7.44
C ARG H 67 -20.11 -49.68 -8.56
N SER H 68 -21.34 -49.33 -8.17
CA SER H 68 -22.30 -48.69 -9.07
C SER H 68 -23.14 -47.72 -8.24
N GLY H 69 -22.75 -46.44 -8.25
CA GLY H 69 -23.51 -45.43 -7.55
C GLY H 69 -23.59 -45.66 -6.06
N THR H 70 -24.79 -45.98 -5.58
CA THR H 70 -24.98 -46.30 -4.17
C THR H 70 -24.69 -47.76 -3.84
N ASP H 71 -24.42 -48.59 -4.85
CA ASP H 71 -24.39 -50.03 -4.71
C ASP H 71 -22.95 -50.53 -4.82
N PHE H 72 -22.48 -51.21 -3.79
CA PHE H 72 -21.13 -51.71 -3.71
C PHE H 72 -21.15 -53.24 -3.66
N THR H 73 -20.32 -53.88 -4.48
CA THR H 73 -20.26 -55.33 -4.58
C THR H 73 -18.89 -55.81 -4.13
N LEU H 74 -18.88 -56.72 -3.15
CA LEU H 74 -17.69 -57.47 -2.77
C LEU H 74 -17.81 -58.88 -3.34
N THR H 75 -16.72 -59.36 -3.94
CA THR H 75 -16.74 -60.64 -4.63
C THR H 75 -15.65 -61.55 -4.09
N ILE H 76 -15.99 -62.83 -3.99
CA ILE H 76 -15.00 -63.90 -3.83
C ILE H 76 -15.20 -64.85 -5.00
N SER H 77 -14.14 -65.04 -5.79
CA SER H 77 -14.22 -65.94 -6.93
C SER H 77 -14.12 -67.40 -6.53
N SER H 78 -13.40 -67.70 -5.46
CA SER H 78 -13.16 -69.09 -5.05
C SER H 78 -13.09 -69.13 -3.53
N LEU H 79 -14.16 -69.61 -2.90
CA LEU H 79 -14.18 -69.76 -1.45
C LEU H 79 -13.11 -70.76 -1.02
N GLN H 80 -12.41 -70.44 0.07
CA GLN H 80 -11.22 -71.15 0.49
C GLN H 80 -11.41 -71.73 1.90
N PRO H 81 -10.68 -72.79 2.24
CA PRO H 81 -10.92 -73.49 3.50
C PRO H 81 -10.45 -72.74 4.74
N GLU H 82 -9.63 -71.70 4.59
CA GLU H 82 -9.26 -70.85 5.71
C GLU H 82 -9.84 -69.45 5.60
N ASP H 83 -10.26 -69.03 4.40
CA ASP H 83 -11.08 -67.84 4.26
C ASP H 83 -12.54 -68.10 4.62
N PHE H 84 -12.88 -69.33 5.03
CA PHE H 84 -14.09 -69.53 5.82
C PHE H 84 -14.11 -68.48 6.91
N ALA H 85 -15.08 -67.57 6.87
CA ALA H 85 -15.05 -66.47 7.82
C ALA H 85 -16.30 -65.61 7.66
N THR H 86 -16.45 -64.68 8.60
CA THR H 86 -17.39 -63.58 8.47
C THR H 86 -16.70 -62.36 7.88
N TYR H 87 -17.51 -61.41 7.42
CA TYR H 87 -16.99 -60.27 6.65
C TYR H 87 -17.78 -59.02 6.99
N TYR H 88 -17.18 -57.85 6.79
CA TYR H 88 -17.78 -56.58 7.20
C TYR H 88 -17.43 -55.46 6.23
N CYS H 89 -18.45 -54.69 5.83
CA CYS H 89 -18.30 -53.52 4.97
C CYS H 89 -18.23 -52.24 5.81
N GLN H 90 -17.62 -51.19 5.25
CA GLN H 90 -17.63 -49.88 5.90
C GLN H 90 -17.55 -48.76 4.87
N GLN H 91 -18.16 -47.63 5.21
CA GLN H 91 -18.19 -46.45 4.35
C GLN H 91 -17.96 -45.19 5.17
N TYR H 92 -17.16 -44.27 4.61
CA TYR H 92 -16.58 -43.18 5.39
C TYR H 92 -16.50 -41.85 4.62
N LYS H 93 -17.38 -41.60 3.66
CA LYS H 93 -17.38 -40.29 3.01
C LYS H 93 -17.70 -39.18 4.00
N TYR H 94 -18.50 -39.47 5.01
CA TYR H 94 -18.84 -38.51 6.06
C TYR H 94 -18.53 -39.11 7.42
N VAL H 95 -18.14 -38.26 8.36
CA VAL H 95 -18.14 -38.64 9.76
C VAL H 95 -19.57 -38.42 10.26
N PRO H 96 -20.16 -39.33 11.04
CA PRO H 96 -19.62 -40.61 11.52
C PRO H 96 -19.52 -41.69 10.44
N VAL H 97 -18.58 -42.61 10.61
CA VAL H 97 -18.48 -43.74 9.69
C VAL H 97 -19.63 -44.72 9.93
N THR H 98 -19.82 -45.63 8.97
CA THR H 98 -20.97 -46.51 8.95
C THR H 98 -20.60 -47.84 8.31
N PHE H 99 -21.36 -48.88 8.63
CA PHE H 99 -20.92 -50.26 8.39
C PHE H 99 -22.03 -51.25 8.75
N GLY H 100 -21.75 -52.53 8.48
CA GLY H 100 -22.74 -53.62 8.45
C GLY H 100 -22.68 -54.56 9.64
N GLN H 101 -23.02 -55.84 9.40
CA GLN H 101 -23.38 -56.75 10.49
C GLN H 101 -22.77 -58.15 10.47
N GLY H 102 -22.24 -58.67 9.36
CA GLY H 102 -21.56 -59.95 9.37
C GLY H 102 -22.25 -61.02 8.54
N THR H 103 -21.62 -62.21 8.53
CA THR H 103 -21.94 -63.29 7.61
C THR H 103 -21.47 -64.63 8.17
N LYS H 104 -22.23 -65.69 7.86
CA LYS H 104 -21.98 -67.02 8.43
C LYS H 104 -21.16 -67.91 7.48
N VAL H 105 -20.88 -69.15 7.94
CA VAL H 105 -20.01 -70.07 7.22
C VAL H 105 -20.54 -71.50 7.20
N GLU H 106 -21.81 -71.69 7.57
CA GLU H 106 -22.33 -73.04 7.73
C GLU H 106 -22.15 -73.80 6.41
N ILE H 107 -21.23 -74.77 6.38
CA ILE H 107 -21.18 -75.73 5.27
C ILE H 107 -22.54 -76.14 4.81
N VAL I 5 38.85 36.69 15.35
CA VAL I 5 38.65 35.36 16.01
C VAL I 5 39.26 35.40 17.40
N GLN I 6 38.51 34.88 18.37
CA GLN I 6 38.98 34.88 19.75
C GLN I 6 38.18 33.87 20.55
N LEU I 7 38.77 33.41 21.65
CA LEU I 7 38.06 32.62 22.65
C LEU I 7 38.43 33.20 24.02
N VAL I 8 37.58 32.94 25.01
CA VAL I 8 37.65 33.64 26.29
C VAL I 8 37.16 32.72 27.41
N GLU I 9 37.47 33.11 28.64
CA GLU I 9 37.28 32.23 29.80
C GLU I 9 36.87 33.08 31.00
N SER I 10 36.40 32.40 32.05
CA SER I 10 35.78 33.11 33.17
C SER I 10 35.85 32.27 34.43
N GLY I 11 35.72 32.96 35.58
CA GLY I 11 35.28 32.36 36.83
C GLY I 11 36.37 31.91 37.79
N GLY I 12 37.64 32.03 37.44
CA GLY I 12 38.68 31.30 38.14
C GLY I 12 39.06 31.87 39.49
N GLY I 13 39.88 31.09 40.19
CA GLY I 13 40.45 31.51 41.46
C GLY I 13 40.83 30.29 42.28
N LEU I 14 41.25 30.56 43.51
CA LEU I 14 41.52 29.52 44.49
C LEU I 14 40.30 29.39 45.40
N VAL I 15 39.65 28.23 45.36
CA VAL I 15 38.38 28.04 46.05
C VAL I 15 38.44 26.78 46.90
N GLN I 16 37.66 26.77 47.97
CA GLN I 16 37.60 25.63 48.87
C GLN I 16 36.92 24.45 48.17
N PRO I 17 37.45 23.24 48.30
CA PRO I 17 36.93 22.11 47.52
C PRO I 17 35.48 21.81 47.85
N GLY I 18 34.95 20.84 47.11
CA GLY I 18 33.59 20.38 47.30
C GLY I 18 32.53 21.26 46.68
N GLY I 19 32.88 22.47 46.27
CA GLY I 19 31.92 23.41 45.71
C GLY I 19 31.80 23.31 44.21
N SER I 20 31.48 24.45 43.60
CA SER I 20 31.31 24.53 42.16
C SER I 20 31.74 25.92 41.71
N LEU I 21 32.14 26.02 40.45
CA LEU I 21 32.76 27.25 39.95
C LEU I 21 32.56 27.25 38.43
N ARG I 22 31.68 28.13 37.96
CA ARG I 22 31.19 28.02 36.60
C ARG I 22 32.21 28.56 35.60
N LEU I 23 32.19 27.98 34.40
CA LEU I 23 33.10 28.34 33.32
C LEU I 23 32.29 28.76 32.10
N SER I 24 32.82 29.72 31.34
CA SER I 24 32.13 30.23 30.16
C SER I 24 33.16 30.62 29.12
N CYS I 25 32.75 30.55 27.85
CA CYS I 25 33.67 30.74 26.73
C CYS I 25 32.85 31.13 25.50
N ALA I 26 33.02 32.37 25.05
CA ALA I 26 32.21 32.94 23.97
C ALA I 26 33.02 32.99 22.68
N ALA I 27 32.38 32.61 21.58
CA ALA I 27 33.02 32.52 20.28
C ALA I 27 32.79 33.76 19.43
N SER I 28 33.71 34.03 18.52
CA SER I 28 33.56 35.03 17.48
C SER I 28 34.27 34.56 16.23
N GLY I 29 33.70 34.91 15.06
CA GLY I 29 34.29 34.56 13.79
C GLY I 29 33.81 33.26 13.18
N PHE I 30 32.97 32.50 13.87
CA PHE I 30 32.44 31.25 13.34
C PHE I 30 31.16 30.88 14.07
N ASN I 31 30.27 30.19 13.36
CA ASN I 31 28.98 29.83 13.92
C ASN I 31 29.11 28.61 14.81
N VAL I 32 28.54 28.68 16.01
CA VAL I 32 28.62 27.56 16.93
C VAL I 32 27.79 26.36 16.46
N TYR I 33 26.72 26.59 15.68
CA TYR I 33 25.98 25.43 15.17
C TYR I 33 26.76 24.63 14.16
N SER I 34 27.80 25.21 13.56
CA SER I 34 28.61 24.53 12.56
C SER I 34 29.84 23.85 13.15
N SER I 35 29.98 23.89 14.47
CA SER I 35 31.25 23.54 15.09
C SER I 35 31.00 22.99 16.48
N SER I 36 32.04 22.37 17.03
CA SER I 36 31.97 21.66 18.30
C SER I 36 33.06 22.17 19.23
N ILE I 37 32.80 22.12 20.53
CA ILE I 37 33.67 22.73 21.53
C ILE I 37 34.22 21.66 22.47
N HIS I 38 35.51 21.77 22.74
CA HIS I 38 36.22 20.89 23.67
C HIS I 38 36.82 21.72 24.79
N TRP I 39 37.08 21.06 25.90
CA TRP I 39 37.94 21.60 26.95
C TRP I 39 38.98 20.57 27.34
N VAL I 40 40.15 21.07 27.72
CA VAL I 40 41.31 20.24 28.03
C VAL I 40 41.96 20.82 29.27
N ARG I 41 42.47 19.95 30.14
CA ARG I 41 43.11 20.39 31.37
C ARG I 41 44.53 19.84 31.47
N GLN I 42 45.43 20.68 31.97
CA GLN I 42 46.86 20.44 31.98
C GLN I 42 47.39 20.74 33.37
N ALA I 43 48.42 19.99 33.79
CA ALA I 43 48.91 20.04 35.15
C ALA I 43 50.40 20.33 35.17
N PRO I 44 50.93 20.77 36.32
CA PRO I 44 52.35 21.12 36.39
C PRO I 44 53.23 19.95 35.98
N GLY I 45 54.20 20.24 35.11
CA GLY I 45 55.12 19.20 34.69
C GLY I 45 54.46 18.03 33.98
N LYS I 46 53.26 18.23 33.45
CA LYS I 46 52.48 17.14 32.91
C LYS I 46 51.71 17.59 31.67
N GLY I 47 51.19 16.61 30.94
CA GLY I 47 50.53 16.85 29.67
C GLY I 47 49.11 17.34 29.83
N LEU I 48 48.31 17.06 28.79
CA LEU I 48 47.02 17.72 28.59
C LEU I 48 45.93 16.68 28.29
N GLU I 49 44.90 16.66 29.14
CA GLU I 49 43.77 15.72 29.09
C GLU I 49 42.49 16.38 28.59
N TRP I 50 41.80 15.70 27.68
CA TRP I 50 40.44 16.04 27.29
C TRP I 50 39.47 15.70 28.42
N VAL I 51 38.66 16.68 28.82
CA VAL I 51 37.71 16.47 29.91
C VAL I 51 36.32 16.13 29.37
N ALA I 52 35.80 16.92 28.43
CA ALA I 52 34.43 16.75 27.97
C ALA I 52 34.22 17.70 26.79
N SER I 53 33.10 17.52 26.10
CA SER I 53 32.85 18.33 24.91
C SER I 53 31.41 18.22 24.44
N ILE I 54 31.05 19.15 23.55
CA ILE I 54 29.72 19.32 23.02
C ILE I 54 29.79 19.48 21.52
N SER I 55 28.87 18.82 20.79
CA SER I 55 28.65 19.07 19.38
C SER I 55 27.20 19.51 19.22
N SER I 56 27.00 20.79 18.90
CA SER I 56 25.65 21.34 18.86
C SER I 56 24.79 20.63 17.81
N TYR I 57 25.35 20.41 16.62
CA TYR I 57 24.51 20.02 15.49
C TYR I 57 23.77 18.71 15.74
N TYR I 58 24.44 17.72 16.33
CA TYR I 58 23.76 16.49 16.71
C TYR I 58 23.22 16.52 18.13
N GLY I 59 23.78 17.35 19.00
CA GLY I 59 23.37 17.38 20.38
C GLY I 59 23.82 16.15 21.16
N TYR I 60 25.14 15.99 21.30
CA TYR I 60 25.73 14.92 22.08
C TYR I 60 26.81 15.47 23.00
N THR I 61 27.02 14.76 24.10
CA THR I 61 28.09 15.06 25.05
C THR I 61 28.81 13.78 25.42
N TYR I 62 30.05 13.94 25.85
CA TYR I 62 30.87 12.82 26.30
C TYR I 62 31.76 13.34 27.43
N TYR I 63 32.15 12.43 28.32
CA TYR I 63 32.93 12.81 29.49
C TYR I 63 34.05 11.82 29.72
N ALA I 64 35.12 12.29 30.35
CA ALA I 64 36.10 11.40 30.95
C ALA I 64 35.50 10.75 32.20
N ASP I 65 35.91 9.51 32.46
CA ASP I 65 35.32 8.76 33.55
C ASP I 65 35.49 9.50 34.89
N SER I 66 36.66 10.08 35.11
CA SER I 66 36.95 10.71 36.40
C SER I 66 36.15 11.99 36.62
N VAL I 67 35.25 12.37 35.71
CA VAL I 67 34.40 13.54 35.88
C VAL I 67 32.94 13.24 35.59
N LYS I 68 32.61 12.03 35.14
CA LYS I 68 31.21 11.64 34.97
C LYS I 68 30.39 11.98 36.21
N GLY I 69 29.24 12.60 35.99
CA GLY I 69 28.37 12.99 37.07
C GLY I 69 28.79 14.29 37.72
N ARG I 70 30.10 14.44 37.89
CA ARG I 70 30.63 15.61 38.58
C ARG I 70 30.62 16.86 37.69
N PHE I 71 30.71 16.68 36.38
CA PHE I 71 30.82 17.78 35.43
C PHE I 71 29.59 17.86 34.56
N THR I 72 29.26 19.08 34.15
CA THR I 72 28.14 19.35 33.25
C THR I 72 28.55 20.41 32.25
N ILE I 73 28.11 20.26 31.01
CA ILE I 73 28.49 21.16 29.93
C ILE I 73 27.24 21.58 29.18
N SER I 74 27.30 22.76 28.57
CA SER I 74 26.17 23.30 27.84
C SER I 74 26.65 24.45 26.97
N ALA I 75 25.80 24.84 26.01
CA ALA I 75 26.04 26.01 25.19
C ALA I 75 24.68 26.52 24.73
N ASP I 76 24.65 27.79 24.32
CA ASP I 76 23.45 28.35 23.71
C ASP I 76 23.84 29.17 22.49
N THR I 77 22.99 29.09 21.46
CA THR I 77 23.28 29.77 20.19
C THR I 77 23.01 31.27 20.27
N SER I 78 22.02 31.67 21.06
CA SER I 78 21.71 33.09 21.20
C SER I 78 22.95 33.93 21.43
N LYS I 79 23.91 33.38 22.18
CA LYS I 79 25.13 34.10 22.51
C LYS I 79 26.38 33.51 21.85
N ASN I 80 26.21 32.48 21.03
CA ASN I 80 27.33 31.79 20.40
C ASN I 80 28.42 31.49 21.41
N THR I 81 27.99 30.90 22.53
CA THR I 81 28.82 30.81 23.73
C THR I 81 28.71 29.42 24.33
N ALA I 82 29.84 28.93 24.85
CA ALA I 82 29.90 27.64 25.51
C ALA I 82 30.10 27.80 27.01
N TYR I 83 29.53 26.87 27.77
CA TYR I 83 29.53 26.89 29.22
C TYR I 83 29.84 25.49 29.74
N LEU I 84 30.42 25.43 30.93
CA LEU I 84 30.38 24.20 31.71
C LEU I 84 30.48 24.52 33.19
N GLN I 85 29.83 23.69 33.99
CA GLN I 85 29.83 23.80 35.44
C GLN I 85 30.12 22.43 36.03
N MET I 86 30.94 22.41 37.09
CA MET I 86 31.46 21.18 37.64
C MET I 86 31.59 21.31 39.15
N ASN I 87 31.50 20.16 39.83
CA ASN I 87 31.01 20.12 41.21
C ASN I 87 31.81 19.09 42.00
N SER I 88 31.55 19.06 43.31
CA SER I 88 32.16 18.07 44.20
C SER I 88 33.68 18.08 44.08
N LEU I 89 34.24 19.29 44.10
CA LEU I 89 35.62 19.53 43.69
C LEU I 89 36.62 18.74 44.52
N ARG I 90 37.43 17.92 43.85
CA ARG I 90 38.67 17.49 44.45
C ARG I 90 39.65 18.66 44.49
N ALA I 91 40.71 18.47 45.29
CA ALA I 91 41.84 19.39 45.21
C ALA I 91 42.59 19.19 43.90
N GLU I 92 42.75 17.93 43.47
CA GLU I 92 43.43 17.61 42.22
C GLU I 92 42.54 17.80 40.99
N ASP I 93 41.37 18.40 41.13
CA ASP I 93 40.72 19.06 40.00
C ASP I 93 41.35 20.41 39.72
N THR I 94 42.36 20.80 40.52
CA THR I 94 43.21 21.92 40.18
C THR I 94 44.04 21.61 38.94
N ALA I 95 43.95 22.48 37.94
CA ALA I 95 44.70 22.33 36.71
C ALA I 95 44.50 23.61 35.91
N VAL I 96 45.30 23.76 34.86
CA VAL I 96 44.97 24.71 33.82
C VAL I 96 43.87 24.10 32.96
N TYR I 97 42.91 24.91 32.55
CA TYR I 97 41.82 24.46 31.70
C TYR I 97 41.79 25.30 30.44
N TYR I 98 41.42 24.67 29.32
CA TYR I 98 41.48 25.30 28.02
C TYR I 98 40.16 25.14 27.27
N CYS I 99 39.81 26.16 26.50
CA CYS I 99 38.64 26.15 25.62
C CYS I 99 39.12 26.03 24.18
N ALA I 100 38.50 25.15 23.41
CA ALA I 100 38.97 24.90 22.06
C ALA I 100 37.81 24.51 21.15
N ARG I 101 38.02 24.70 19.86
CA ARG I 101 37.01 24.55 18.82
C ARG I 101 37.41 23.46 17.83
N SER I 102 36.57 23.26 16.82
CA SER I 102 36.83 22.24 15.81
C SER I 102 35.90 22.44 14.62
N ARG I 103 36.27 21.82 13.51
CA ARG I 103 35.36 21.70 12.36
C ARG I 103 34.43 20.51 12.55
N GLN I 104 33.14 20.74 12.31
CA GLN I 104 32.18 19.64 12.40
C GLN I 104 32.35 18.66 11.25
N PHE I 105 32.61 19.16 10.04
CA PHE I 105 32.71 18.34 8.84
C PHE I 105 34.06 18.60 8.21
N TRP I 106 35.07 17.84 8.59
CA TRP I 106 35.07 16.73 9.57
C TRP I 106 36.28 16.88 10.49
N TYR I 107 36.23 16.23 11.65
CA TYR I 107 37.16 16.54 12.73
C TYR I 107 38.60 16.47 12.24
N SER I 108 39.31 17.59 12.38
CA SER I 108 40.68 17.69 11.88
C SER I 108 41.57 18.42 12.88
N GLY I 109 41.44 18.10 14.16
CA GLY I 109 42.31 18.68 15.16
C GLY I 109 41.86 20.04 15.67
N LEU I 110 42.52 20.51 16.74
CA LEU I 110 42.10 21.71 17.45
C LEU I 110 42.82 22.91 16.85
N ASP I 111 42.09 23.68 16.02
CA ASP I 111 42.72 24.70 15.19
C ASP I 111 42.72 26.11 15.79
N TYR I 112 42.01 26.34 16.90
CA TYR I 112 42.13 27.59 17.64
C TYR I 112 41.92 27.32 19.11
N TRP I 113 42.46 28.21 19.94
CA TRP I 113 42.62 27.93 21.36
C TRP I 113 42.33 29.16 22.20
N GLY I 114 41.66 28.95 23.33
CA GLY I 114 41.46 30.02 24.28
C GLY I 114 42.69 30.26 25.14
N GLN I 115 42.65 31.37 25.89
CA GLN I 115 43.80 31.73 26.71
C GLN I 115 44.15 30.64 27.72
N GLY I 116 43.16 30.15 28.47
CA GLY I 116 43.37 29.03 29.35
C GLY I 116 43.75 29.43 30.76
N THR I 117 42.86 29.20 31.73
CA THR I 117 43.04 29.73 33.06
C THR I 117 43.43 28.64 34.04
N LEU I 118 44.20 29.01 35.06
CA LEU I 118 44.39 28.13 36.19
C LEU I 118 43.14 28.13 37.05
N VAL I 119 42.62 26.94 37.33
CA VAL I 119 41.60 26.76 38.36
C VAL I 119 42.25 25.95 39.45
N THR I 120 42.25 26.49 40.67
CA THR I 120 42.91 25.86 41.78
C THR I 120 41.94 25.72 42.93
N VAL I 121 42.11 24.62 43.66
CA VAL I 121 41.17 24.21 44.70
C VAL I 121 41.94 23.39 45.72
N SER I 122 41.78 23.74 46.99
CA SER I 122 42.55 23.11 48.06
C SER I 122 41.96 23.55 49.40
N SER I 123 42.42 22.89 50.46
CA SER I 123 41.99 23.23 51.81
C SER I 123 42.11 24.73 52.07
N ASP J 2 42.37 0.75 27.14
CA ASP J 2 42.53 2.10 26.55
C ASP J 2 43.54 2.08 25.40
N ILE J 3 43.50 3.11 24.56
CA ILE J 3 44.44 3.25 23.46
C ILE J 3 45.75 3.76 24.07
N GLN J 4 46.72 2.86 24.26
CA GLN J 4 47.94 3.24 24.94
C GLN J 4 48.87 4.02 24.03
N MET J 5 49.38 5.14 24.53
CA MET J 5 50.32 6.01 23.82
C MET J 5 51.71 5.89 24.41
N THR J 6 52.72 6.07 23.54
CA THR J 6 54.09 6.30 23.97
C THR J 6 54.80 7.02 22.84
N GLN J 7 55.15 8.28 23.06
CA GLN J 7 56.09 8.95 22.18
C GLN J 7 57.50 8.46 22.47
N SER J 8 58.42 8.79 21.57
CA SER J 8 59.83 8.55 21.84
C SER J 8 60.65 9.46 20.95
N PRO J 9 61.83 9.89 21.40
CA PRO J 9 62.45 9.67 22.72
C PRO J 9 61.90 10.64 23.76
N SER J 10 62.64 10.86 24.86
CA SER J 10 62.21 11.84 25.85
C SER J 10 62.74 13.23 25.53
N SER J 11 64.07 13.35 25.36
CA SER J 11 64.67 14.65 25.07
C SER J 11 66.12 14.49 24.65
N LEU J 12 66.47 15.11 23.51
CA LEU J 12 67.84 15.19 23.02
C LEU J 12 68.05 16.61 22.47
N SER J 13 69.32 17.04 22.44
CA SER J 13 69.68 18.45 22.27
C SER J 13 70.31 18.69 20.90
N ALA J 14 69.79 19.68 20.17
CA ALA J 14 70.29 20.04 18.86
C ALA J 14 70.48 21.55 18.76
N SER J 15 71.73 21.98 18.54
CA SER J 15 71.98 23.38 18.19
C SER J 15 71.38 23.66 16.82
N VAL J 16 71.46 24.93 16.40
CA VAL J 16 70.72 25.33 15.21
C VAL J 16 71.16 24.44 14.05
N GLY J 17 70.18 23.77 13.45
CA GLY J 17 70.43 22.84 12.37
C GLY J 17 70.70 21.43 12.84
N ASP J 18 69.82 20.51 12.44
CA ASP J 18 70.00 19.08 12.66
C ASP J 18 68.77 18.43 12.05
N ARG J 19 68.85 17.12 11.81
CA ARG J 19 67.73 16.35 11.27
C ARG J 19 67.37 15.26 12.27
N VAL J 20 66.12 15.26 12.73
CA VAL J 20 65.70 14.43 13.85
C VAL J 20 64.25 14.02 13.62
N THR J 21 63.87 12.88 14.19
CA THR J 21 62.51 12.39 14.17
C THR J 21 62.00 12.16 15.59
N ILE J 22 60.70 12.31 15.76
CA ILE J 22 60.01 11.89 16.97
C ILE J 22 58.94 10.90 16.53
N THR J 23 58.79 9.81 17.29
CA THR J 23 57.84 8.77 16.94
C THR J 23 56.81 8.62 18.05
N CYS J 24 55.58 8.32 17.64
CA CYS J 24 54.46 8.13 18.54
C CYS J 24 53.92 6.73 18.29
N ARG J 25 53.90 5.90 19.35
CA ARG J 25 53.60 4.47 19.23
C ARG J 25 52.28 4.18 19.93
N ALA J 26 51.56 3.17 19.44
CA ALA J 26 50.18 2.94 19.86
C ALA J 26 49.94 1.45 20.09
N SER J 27 48.96 1.18 20.96
CA SER J 27 48.54 -0.20 21.25
C SER J 27 47.69 -0.80 20.13
N GLN J 28 47.03 0.04 19.33
CA GLN J 28 46.21 -0.43 18.23
C GLN J 28 46.57 0.37 16.98
N SER J 29 46.17 -0.15 15.83
CA SER J 29 46.35 0.61 14.60
C SER J 29 45.26 1.67 14.48
N VAL J 30 45.58 2.69 13.69
CA VAL J 30 44.60 3.67 13.24
C VAL J 30 45.03 4.15 11.86
N SER J 31 44.07 4.27 10.95
CA SER J 31 44.43 4.58 9.57
C SER J 31 45.19 5.90 9.48
N SER J 32 44.55 7.02 9.84
CA SER J 32 45.21 8.31 9.74
C SER J 32 44.91 9.24 10.92
N ALA J 33 44.08 8.79 11.87
CA ALA J 33 43.47 9.71 12.82
C ALA J 33 44.47 10.19 13.87
N VAL J 34 45.51 10.90 13.45
CA VAL J 34 46.59 11.31 14.34
C VAL J 34 47.08 12.70 13.94
N ALA J 35 47.48 13.48 14.94
CA ALA J 35 48.00 14.82 14.71
C ALA J 35 48.91 15.20 15.86
N TRP J 36 49.68 16.27 15.66
CA TRP J 36 50.68 16.68 16.64
C TRP J 36 50.80 18.20 16.64
N TYR J 37 51.33 18.74 17.74
CA TYR J 37 51.26 20.17 18.01
C TYR J 37 52.56 20.69 18.62
N GLN J 38 52.88 21.94 18.31
CA GLN J 38 53.91 22.71 19.00
C GLN J 38 53.30 23.51 20.14
N GLN J 39 54.11 23.81 21.15
CA GLN J 39 53.63 24.61 22.26
C GLN J 39 54.81 25.00 23.16
N LYS J 40 55.15 26.29 23.18
CA LYS J 40 56.05 26.79 24.20
C LYS J 40 55.36 26.74 25.57
N PRO J 41 56.10 26.52 26.64
CA PRO J 41 55.46 26.25 27.93
C PRO J 41 54.55 27.39 28.38
N GLY J 42 53.36 27.01 28.85
CA GLY J 42 52.41 27.95 29.40
C GLY J 42 51.49 28.62 28.39
N LYS J 43 51.74 28.46 27.09
CA LYS J 43 50.92 29.07 26.06
C LYS J 43 50.12 28.04 25.29
N ALA J 44 49.30 28.53 24.37
CA ALA J 44 48.33 27.69 23.68
C ALA J 44 49.04 26.71 22.76
N PRO J 45 48.58 25.46 22.67
CA PRO J 45 49.10 24.55 21.65
C PRO J 45 48.75 25.02 20.24
N LYS J 46 49.62 24.67 19.29
CA LYS J 46 49.36 24.92 17.88
C LYS J 46 49.76 23.67 17.09
N LEU J 47 48.92 23.29 16.13
CA LEU J 47 49.18 22.09 15.35
C LEU J 47 50.23 22.34 14.28
N LEU J 48 51.00 21.30 13.99
CA LEU J 48 51.88 21.26 12.83
C LEU J 48 51.38 20.28 11.78
N ILE J 49 51.00 19.08 12.19
CA ILE J 49 50.76 17.96 11.29
C ILE J 49 49.48 17.25 11.72
N TYR J 50 48.66 16.88 10.75
CA TYR J 50 47.43 16.14 11.02
C TYR J 50 47.21 15.14 9.90
N SER J 51 46.30 14.19 10.16
CA SER J 51 46.08 13.06 9.27
C SER J 51 47.38 12.28 9.03
N ALA J 52 48.31 12.41 9.98
CA ALA J 52 49.59 11.72 9.97
C ALA J 52 50.54 12.18 8.88
N SER J 53 50.07 12.98 7.93
CA SER J 53 50.99 13.62 7.00
C SER J 53 50.52 14.96 6.46
N SER J 54 49.36 15.48 6.87
CA SER J 54 48.85 16.72 6.31
C SER J 54 49.46 17.89 7.06
N LEU J 55 50.41 18.58 6.42
CA LEU J 55 51.01 19.75 7.03
C LEU J 55 50.00 20.89 7.06
N TYR J 56 49.81 21.47 8.24
CA TYR J 56 48.89 22.60 8.37
C TYR J 56 49.46 23.80 7.62
N SER J 57 48.54 24.62 7.10
CA SER J 57 48.94 25.78 6.32
C SER J 57 49.65 26.80 7.20
N GLY J 58 50.44 27.65 6.57
CA GLY J 58 51.23 28.61 7.30
C GLY J 58 52.30 27.95 8.14
N VAL J 59 53.02 27.00 7.55
CA VAL J 59 54.05 26.25 8.26
C VAL J 59 55.26 26.12 7.34
N PRO J 60 56.48 26.35 7.83
CA PRO J 60 57.65 26.15 6.98
C PRO J 60 57.85 24.66 6.66
N SER J 61 58.29 24.40 5.43
CA SER J 61 58.40 23.03 4.93
C SER J 61 59.36 22.18 5.73
N ARG J 62 60.10 22.76 6.67
CA ARG J 62 61.05 21.98 7.47
C ARG J 62 60.36 20.83 8.21
N PHE J 63 59.07 20.93 8.47
CA PHE J 63 58.31 19.92 9.18
C PHE J 63 57.74 18.87 8.23
N SER J 64 57.66 17.63 8.70
CA SER J 64 57.10 16.54 7.91
C SER J 64 56.97 15.30 8.80
N GLY J 65 56.36 14.26 8.26
CA GLY J 65 56.18 13.01 8.98
C GLY J 65 55.41 12.02 8.14
N SER J 66 55.34 10.78 8.63
CA SER J 66 54.70 9.69 7.89
C SER J 66 54.24 8.60 8.84
N ARG J 67 53.29 7.80 8.36
CA ARG J 67 52.76 6.63 9.07
C ARG J 67 53.33 5.34 8.51
N SER J 68 53.41 4.33 9.38
CA SER J 68 53.57 2.93 8.96
C SER J 68 52.78 2.06 9.93
N GLY J 69 51.56 1.71 9.56
CA GLY J 69 50.74 0.85 10.37
C GLY J 69 50.46 1.43 11.75
N THR J 70 51.06 0.83 12.77
CA THR J 70 50.90 1.28 14.14
C THR J 70 51.87 2.38 14.54
N ASP J 71 52.83 2.71 13.68
CA ASP J 71 53.96 3.56 14.03
C ASP J 71 53.86 4.88 13.30
N PHE J 72 53.94 5.98 14.05
CA PHE J 72 53.80 7.32 13.52
C PHE J 72 55.09 8.08 13.74
N THR J 73 55.49 8.87 12.74
CA THR J 73 56.84 9.41 12.65
C THR J 73 56.81 10.92 12.37
N LEU J 74 56.84 11.72 13.42
CA LEU J 74 57.11 13.14 13.27
C LEU J 74 58.57 13.35 12.88
N THR J 75 58.82 14.33 12.03
CA THR J 75 60.18 14.57 11.54
C THR J 75 60.45 16.05 11.41
N ILE J 76 61.70 16.41 11.68
CA ILE J 76 62.26 17.73 11.38
C ILE J 76 63.56 17.55 10.62
N SER J 77 63.68 18.27 9.50
CA SER J 77 64.88 18.18 8.67
C SER J 77 65.96 19.15 9.13
N SER J 78 65.56 20.31 9.66
CA SER J 78 66.52 21.32 10.09
C SER J 78 65.97 21.98 11.34
N LEU J 79 66.56 21.67 12.49
CA LEU J 79 66.12 22.26 13.74
C LEU J 79 66.35 23.77 13.73
N GLN J 80 65.24 24.56 13.97
CA GLN J 80 65.22 26.01 13.89
C GLN J 80 65.66 26.63 15.22
N PRO J 81 66.22 27.84 15.18
CA PRO J 81 66.72 28.44 16.42
C PRO J 81 65.63 28.90 17.37
N GLU J 82 64.46 29.28 16.86
CA GLU J 82 63.37 29.75 17.71
C GLU J 82 62.37 28.66 18.05
N ASP J 83 62.48 27.47 17.45
CA ASP J 83 61.43 26.47 17.55
C ASP J 83 61.47 25.73 18.88
N PHE J 84 62.67 25.37 19.35
CA PHE J 84 62.85 24.39 20.40
C PHE J 84 61.79 24.48 21.49
N ALA J 85 61.16 23.36 21.80
CA ALA J 85 60.21 23.28 22.91
C ALA J 85 59.81 21.83 23.09
N THR J 86 58.86 21.59 23.99
CA THR J 86 58.13 20.34 24.00
C THR J 86 57.26 20.22 22.76
N TYR J 87 56.79 19.00 22.50
CA TYR J 87 55.84 18.76 21.42
C TYR J 87 54.95 17.60 21.86
N TYR J 88 53.78 17.48 21.22
CA TYR J 88 52.78 16.51 21.67
C TYR J 88 52.08 15.83 20.51
N CYS J 89 51.98 14.50 20.60
CA CYS J 89 51.22 13.66 19.69
C CYS J 89 49.80 13.46 20.24
N GLN J 90 48.84 13.31 19.32
CA GLN J 90 47.45 13.08 19.72
C GLN J 90 46.80 12.13 18.74
N GLN J 91 45.97 11.23 19.26
CA GLN J 91 45.35 10.18 18.45
C GLN J 91 43.89 10.03 18.84
N TYR J 92 43.03 9.93 17.81
CA TYR J 92 41.61 10.22 18.03
C TYR J 92 40.62 9.39 17.21
N LYS J 93 40.95 8.23 16.63
CA LYS J 93 39.93 7.55 15.86
C LYS J 93 38.77 7.08 16.73
N TYR J 94 39.04 6.76 17.99
CA TYR J 94 38.00 6.45 18.96
C TYR J 94 37.97 7.51 20.04
N VAL J 95 36.78 7.76 20.58
CA VAL J 95 36.67 8.47 21.84
C VAL J 95 36.79 7.42 22.94
N PRO J 96 37.43 7.71 24.08
CA PRO J 96 38.09 8.97 24.44
C PRO J 96 39.38 9.20 23.66
N VAL J 97 39.70 10.46 23.36
CA VAL J 97 40.96 10.76 22.70
C VAL J 97 42.12 10.51 23.65
N THR J 98 43.32 10.45 23.06
CA THR J 98 44.53 10.08 23.80
C THR J 98 45.71 10.92 23.32
N PHE J 99 46.68 11.10 24.20
CA PHE J 99 47.75 12.07 23.98
C PHE J 99 49.03 11.60 24.67
N GLY J 100 50.15 12.21 24.28
CA GLY J 100 51.47 11.83 24.76
C GLY J 100 51.87 12.51 26.06
N GLN J 101 53.19 12.60 26.28
CA GLN J 101 53.71 13.06 27.57
C GLN J 101 54.72 14.22 27.49
N GLY J 102 55.17 14.62 26.31
CA GLY J 102 56.03 15.79 26.18
C GLY J 102 57.49 15.51 25.93
N THR J 103 58.14 16.36 25.11
CA THR J 103 59.49 16.12 24.58
C THR J 103 60.37 17.36 24.76
N LYS J 104 61.05 17.45 25.91
CA LYS J 104 61.75 18.66 26.34
C LYS J 104 63.05 18.85 25.57
N VAL J 105 62.93 19.39 24.35
CA VAL J 105 64.11 19.70 23.55
C VAL J 105 64.81 20.93 24.12
N GLU J 106 66.13 20.86 24.19
CA GLU J 106 66.92 21.86 24.90
C GLU J 106 68.24 22.09 24.17
N ILE J 107 68.59 23.35 23.95
CA ILE J 107 69.79 23.71 23.21
C ILE J 107 70.97 23.18 24.00
N LYS J 108 72.16 23.22 23.42
CA LYS J 108 73.34 22.94 24.19
C LYS J 108 74.48 23.85 23.80
N PHE K 5 -22.95 -27.61 -8.00
CA PHE K 5 -21.46 -27.62 -8.04
C PHE K 5 -20.99 -28.64 -9.07
N ARG K 7 -20.39 -32.64 -10.38
CA ARG K 7 -21.05 -33.93 -10.22
C ARG K 7 -20.34 -34.96 -11.11
N VAL K 10 -20.42 -42.15 -14.96
CA VAL K 10 -19.70 -43.39 -15.25
C VAL K 10 -19.22 -43.45 -16.70
N ASP K 11 -18.56 -44.56 -17.04
CA ASP K 11 -17.86 -44.70 -18.31
C ASP K 11 -18.65 -45.35 -19.44
N MET K 13 -20.11 -48.83 -21.45
CA MET K 13 -19.32 -49.80 -22.21
C MET K 13 -18.24 -50.41 -21.35
N PHE L 5 35.39 -7.54 8.83
CA PHE L 5 34.91 -6.20 8.41
C PHE L 5 35.84 -5.62 7.36
N ARG L 7 39.31 -3.71 5.88
CA ARG L 7 40.74 -3.70 6.17
C ARG L 7 41.56 -3.06 5.05
N VAL L 10 49.22 -1.49 2.36
CA VAL L 10 50.15 -0.48 1.86
C VAL L 10 50.38 -0.60 0.35
N ASP L 11 51.07 0.39 -0.21
CA ASP L 11 51.32 0.46 -1.64
C ASP L 11 52.63 -0.21 -2.06
#